data_4ZXB
#
_entry.id   4ZXB
#
_cell.length_a   121.870
_cell.length_b   321.250
_cell.length_c   199.400
_cell.angle_alpha   90.00
_cell.angle_beta   90.00
_cell.angle_gamma   90.00
#
_symmetry.space_group_name_H-M   'C 2 2 21'
#
loop_
_entity.id
_entity.type
_entity.pdbx_description
1 polymer 'Fab 83-7 heavy chain'
2 polymer 'Fab 83-7 light chain'
3 polymer 'Fab 83-14 heavy chain'
4 polymer 'Fab 83-14 light chain'
5 polymer 'Insulin receptor'
6 branched 2-acetamido-2-deoxy-beta-D-glucopyranose-(1-4)-[alpha-L-fucopyranose-(1-6)]2-acetamido-2-deoxy-beta-D-glucopyranose
7 branched beta-D-mannopyranose-(1-4)-2-acetamido-2-deoxy-beta-D-glucopyranose-(1-4)-2-acetamido-2-deoxy-beta-D-glucopyranose
8 branched 2-acetamido-2-deoxy-beta-D-glucopyranose-(1-2)-alpha-D-mannopyranose-(1-6)-beta-D-mannopyranose-(1-4)-2-acetamido-2-deoxy-beta-D-glucopyranose-(1-4)-[alpha-L-fucopyranose-(1-6)]2-acetamido-2-deoxy-beta-D-glucopyranose
9 branched alpha-L-fucopyranose-(1-6)-2-acetamido-2-deoxy-beta-D-glucopyranose
10 non-polymer 2-acetamido-2-deoxy-beta-D-glucopyranose
#
loop_
_entity_poly.entity_id
_entity_poly.type
_entity_poly.pdbx_seq_one_letter_code
_entity_poly.pdbx_strand_id
1 'polypeptide(L)'
;QVQLKESGPGLVAPSQSLSITCTVSGFPLTAYGVNWVRQPPGKGLEWLGMIWGDGNTDYNSALKSRLSISKDNSKSQVFL
KMNSLQTDDTARYYCARDPYGSKPMDYWGQGTSVTVSSAKTTPPSVYPLAPGSAAQTNSMVTLGCLVKGYFPEPVTVTWN
SGSLSSGVHTFPAVLQSDLYTLSSSVTVPSSTWPSETVTCNVAHPASSTKVDKKIVPRD
;
A
2 'polypeptide(L)'
;DIVMSQSPSSLVVSVGEKVTMSCKSSQSLLYSSNQKNFLAWYQQKPGQSPKLLIYWASTRESGVPDRFTGSGSGTDFTLT
ISSVKAEDLAVYYCQQYFRYRTFGGGTKLEIKRADAAPTVSIFPPSSEQLTSGGASVVCFLNNFYPKDINVKWKIDGSER
QNGVLNSWTDQDSKDSTYSMSSTLTLTKDEYERHNSYTCEATHKTSTSPIVKSFNRNEC
;
B
3 'polypeptide(L)'
;QVQLQQSGPELVKPGALVKISCKASGYTFTNYDIHWVKQRPGQGLEWIGWIYPGDGSTKYNEKFKGKATLTADKSSSTAY
MHLSSLTSEKSAVYFCAREWAYWGQGTLVTVSAAKTTAPSVYPLAPVCGDTTGSSVTLGCLVKGYFPEPVTLTWNSGSLS
SGVHTFPAVLQSDLYTLSSSVTVTSSTWPSQSITCNVAHPASSTKVDKKIEPRGPTIKPC
;
C
4 'polypeptide(L)'
;DIQMTQSPSSLSASLGERVSLTCRASQDIGGNLYWLQQGPDGTIKRLIYATSSLDSGVPKRFSGSRSGSDYSLTISSLES
EDFVDYYCLQYSSSPWTFGGGTKLEIKRADAAPTVSIFPPSSEQLTSGGASVVCFLNNFYPKDINVKWKIDGSERQNGVL
NSWTDQDSKDSTYSMSSTLTLTKDEYERHNSYTCEATHKTSTSPIVKSFNRGEC
;
D
5 'polypeptide(L)'
;HLYPGEVCPGMDIRNNLTRLHELENCSVIEGHLQILLMFKTRPEDFRDLSFPKLIMITDYLLLFRVYGLESLKDLFPNLT
VIRGSRLFFNYALVIFEMVHLKELGLYNLMNITRGSVRIEKNNELCYLATIDWSRILDSVEDNHIVLNKDDNEECGDICP
GTAKGKTNCPATVINGQFVERCWTHSHCQKVCPTICKSHGCTAEGLCCHSECLGNCSQPDDPTKCVACRNFYLDGRCVET
CPPPYYHFQDWRCVNFSFCQDLHHKCKNSRRQGCHQYVIHNNKCIPECPSGYTMNSSNLLCTPCLGPCPKVCHLLEGEKT
IDSVTSAQELRGCTVINGSLIINIRGGNNLAAELEANLGLIEEISGYLKIRRSYALVSLSFFRKLRLIRGETLEIGNYSF
YALDNQNLRQLWDWSKHNLTITQGKLFFHYNPKLCLSEIHKMEEVSGTKGRQERNDIALKTNGDQASCENELLKFSYIRT
SFDKILLRWEPYWPPDFRDLLGFMLFYKEAPYQNVTEFDGQDACGSNSWTVVDIDPPLRSNDPKSQNHPGWLMRGLKPWT
QYAIFVKTLVTFSDERRTYGAKSDIIYVQTDATNPSVPLDPISVSNSSSQIILKWKPPSDPNGNITHYLVFWERQAEDSE
LFELDYCLKGLKLPSRTWSPPFESEDSQKHNQSEYEDSAGECCSCPKTDSQILKELEESSFRKTFEDYLHNVVFVPRPSS
LGDVGNAGNNEEHRPFEKVVNKESLVISGLRHFTGYRIELQACNQDTPEERCSVAAYVSARTMPEAKADDIVGPVTHEIF
ENNVVHLMWQEPKEPNGLIVLYEVSYRRYGDEELHLCVSRKHFALERGCRLRGLSPGNYSVRIRATSLAGNGSWTEPTYF
YVTDYLDVPSNIAK
;
E
#
# COMPACT_ATOMS: atom_id res chain seq x y z
N GLN A 1 23.78 23.99 -50.24
CA GLN A 1 24.28 22.96 -49.34
C GLN A 1 23.40 21.68 -49.38
N VAL A 2 22.50 21.33 -48.36
CA VAL A 2 21.77 20.02 -48.37
C VAL A 2 20.89 19.85 -49.57
N GLN A 3 21.13 18.78 -50.37
CA GLN A 3 20.38 18.50 -51.59
C GLN A 3 20.25 17.04 -51.88
N LEU A 4 19.13 16.68 -52.54
CA LEU A 4 18.82 15.33 -52.99
C LEU A 4 18.11 15.44 -54.35
N LYS A 5 18.51 14.60 -55.30
CA LYS A 5 17.87 14.62 -56.61
C LYS A 5 17.76 13.23 -57.17
N GLU A 6 16.54 12.89 -57.55
CA GLU A 6 16.17 11.59 -58.08
C GLU A 6 16.33 11.59 -59.60
N SER A 7 16.87 10.47 -60.13
CA SER A 7 17.16 10.23 -61.54
C SER A 7 16.41 8.95 -61.87
N GLY A 8 15.25 9.10 -62.49
CA GLY A 8 14.40 7.97 -62.85
C GLY A 8 14.24 7.82 -64.34
N PRO A 9 13.56 6.77 -64.82
CA PRO A 9 13.40 6.58 -66.26
C PRO A 9 12.16 7.28 -66.82
N GLY A 10 11.26 7.67 -65.91
CA GLY A 10 10.02 8.37 -66.27
C GLY A 10 8.89 7.55 -66.87
N LEU A 11 9.23 6.46 -67.56
CA LEU A 11 8.24 5.58 -68.15
C LEU A 11 8.75 4.18 -68.00
N VAL A 12 7.89 3.31 -67.48
CA VAL A 12 8.22 1.90 -67.26
C VAL A 12 7.14 1.08 -67.92
N ALA A 13 7.58 0.03 -68.63
CA ALA A 13 6.68 -0.89 -69.26
C ALA A 13 6.01 -1.78 -68.19
N PRO A 14 4.70 -2.03 -68.28
CA PRO A 14 4.06 -2.90 -67.29
C PRO A 14 4.78 -4.24 -67.24
N SER A 15 4.97 -4.76 -66.02
CA SER A 15 5.63 -6.01 -65.60
C SER A 15 7.18 -5.89 -65.65
N GLN A 16 7.70 -4.70 -66.03
CA GLN A 16 9.14 -4.44 -65.99
C GLN A 16 9.54 -3.81 -64.66
N SER A 17 10.85 -3.69 -64.45
CA SER A 17 11.39 -3.11 -63.24
C SER A 17 11.70 -1.61 -63.36
N LEU A 18 11.64 -0.92 -62.22
CA LEU A 18 11.94 0.49 -62.08
C LEU A 18 13.25 0.62 -61.32
N SER A 19 14.17 1.42 -61.86
CA SER A 19 15.38 1.72 -61.10
C SER A 19 15.53 3.23 -60.96
N ILE A 20 15.82 3.70 -59.76
CA ILE A 20 16.03 5.14 -59.53
C ILE A 20 17.32 5.33 -58.76
N THR A 21 17.97 6.47 -58.97
CA THR A 21 19.15 6.87 -58.25
C THR A 21 18.87 8.20 -57.61
N CYS A 22 19.12 8.31 -56.32
CA CYS A 22 19.01 9.56 -55.59
C CYS A 22 20.42 10.03 -55.33
N THR A 23 20.87 11.14 -55.93
CA THR A 23 22.23 11.62 -55.68
C THR A 23 22.13 12.76 -54.68
N VAL A 24 22.91 12.67 -53.59
CA VAL A 24 22.81 13.66 -52.52
C VAL A 24 24.09 14.45 -52.36
N SER A 25 23.99 15.62 -51.69
CA SER A 25 25.13 16.47 -51.37
C SER A 25 24.86 17.26 -50.10
N GLY A 26 25.92 17.67 -49.43
CA GLY A 26 25.82 18.53 -48.26
C GLY A 26 25.74 17.83 -46.94
N PHE A 27 25.79 16.51 -46.96
CA PHE A 27 25.76 15.69 -45.75
C PHE A 27 26.28 14.31 -46.12
N PRO A 28 26.78 13.52 -45.14
CA PRO A 28 27.27 12.17 -45.45
C PRO A 28 26.25 11.08 -45.29
N LEU A 29 26.10 10.20 -46.28
CA LEU A 29 25.13 9.09 -46.19
C LEU A 29 25.45 8.13 -45.06
N THR A 30 26.68 8.21 -44.51
CA THR A 30 27.07 7.35 -43.40
C THR A 30 26.36 7.76 -42.11
N ALA A 31 25.99 9.06 -41.98
CA ALA A 31 25.33 9.61 -40.78
C ALA A 31 23.85 9.83 -40.88
N TYR A 32 23.28 9.77 -42.09
CA TYR A 32 21.87 10.04 -42.31
C TYR A 32 21.18 8.93 -43.02
N GLY A 33 19.87 8.89 -42.88
CA GLY A 33 19.08 7.90 -43.57
C GLY A 33 18.49 8.54 -44.81
N VAL A 34 18.05 7.73 -45.75
CA VAL A 34 17.37 8.22 -46.91
C VAL A 34 16.15 7.36 -47.06
N ASN A 35 15.00 8.01 -47.17
CA ASN A 35 13.74 7.34 -47.33
C ASN A 35 13.25 7.49 -48.74
N TRP A 36 12.36 6.61 -49.18
CA TRP A 36 11.67 6.69 -50.45
C TRP A 36 10.21 6.74 -50.17
N VAL A 37 9.56 7.72 -50.75
CA VAL A 37 8.16 8.00 -50.58
C VAL A 37 7.58 8.19 -51.98
N ARG A 38 6.41 7.60 -52.25
CA ARG A 38 5.76 7.87 -53.52
C ARG A 38 4.40 8.55 -53.36
N GLN A 39 3.97 9.25 -54.41
CA GLN A 39 2.69 9.93 -54.44
C GLN A 39 1.96 9.68 -55.76
N PRO A 40 0.98 8.75 -55.80
CA PRO A 40 0.24 8.53 -57.01
C PRO A 40 -0.48 9.83 -57.38
N PRO A 41 -0.79 10.02 -58.67
CA PRO A 41 -1.49 11.22 -59.11
C PRO A 41 -2.74 11.46 -58.29
N GLY A 42 -2.78 12.65 -57.69
CA GLY A 42 -3.88 13.10 -56.85
C GLY A 42 -4.16 12.25 -55.63
N LYS A 43 -3.13 11.62 -55.10
CA LYS A 43 -3.24 10.78 -53.93
C LYS A 43 -2.22 11.22 -52.90
N GLY A 44 -2.19 10.53 -51.78
CA GLY A 44 -1.33 10.90 -50.66
C GLY A 44 0.10 10.43 -50.75
N LEU A 45 0.81 10.48 -49.59
CA LEU A 45 2.21 10.05 -49.54
C LEU A 45 2.26 8.66 -48.98
N GLU A 46 3.03 7.78 -49.62
CA GLU A 46 3.15 6.39 -49.20
C GLU A 46 4.59 6.13 -48.93
N TRP A 47 4.92 5.67 -47.74
CA TRP A 47 6.31 5.42 -47.43
C TRP A 47 6.69 4.05 -47.98
N LEU A 48 7.80 3.99 -48.73
CA LEU A 48 8.24 2.75 -49.37
C LEU A 48 9.29 2.02 -48.59
N GLY A 49 10.28 2.75 -48.12
CA GLY A 49 11.38 2.18 -47.39
C GLY A 49 12.39 3.21 -46.98
N MET A 50 13.41 2.79 -46.26
CA MET A 50 14.45 3.68 -45.76
C MET A 50 15.77 2.90 -45.67
N ILE A 51 16.88 3.62 -45.79
CA ILE A 51 18.19 3.04 -45.65
C ILE A 51 18.94 3.84 -44.61
N TRP A 52 19.29 3.16 -43.54
CA TRP A 52 19.99 3.80 -42.43
C TRP A 52 21.45 4.08 -42.76
N GLY A 53 22.11 4.85 -41.88
CA GLY A 53 23.52 5.17 -42.06
C GLY A 53 24.36 3.92 -42.22
N ASP A 54 24.04 2.90 -41.39
CA ASP A 54 24.77 1.63 -41.39
C ASP A 54 24.31 0.66 -42.45
N GLY A 55 23.65 1.17 -43.48
CA GLY A 55 23.20 0.42 -44.66
C GLY A 55 22.04 -0.52 -44.48
N ASN A 56 21.63 -0.77 -43.22
CA ASN A 56 20.53 -1.69 -43.07
C ASN A 56 19.25 -0.97 -43.48
N THR A 57 18.28 -1.75 -44.00
CA THR A 57 17.04 -1.20 -44.55
C THR A 57 15.79 -1.66 -43.88
N ASP A 58 14.73 -0.84 -44.07
CA ASP A 58 13.36 -1.05 -43.64
C ASP A 58 12.49 -0.84 -44.84
N TYR A 59 11.51 -1.72 -45.05
CA TYR A 59 10.60 -1.57 -46.20
C TYR A 59 9.15 -1.60 -45.72
N ASN A 60 8.28 -1.04 -46.58
CA ASN A 60 6.84 -1.04 -46.37
C ASN A 60 6.42 -2.46 -46.55
N SER A 61 5.77 -3.07 -45.55
CA SER A 61 5.36 -4.48 -45.61
C SER A 61 4.62 -4.88 -46.88
N ALA A 62 3.91 -3.93 -47.53
CA ALA A 62 3.23 -4.18 -48.80
C ALA A 62 4.28 -4.43 -49.88
N LEU A 63 5.02 -3.37 -50.23
CA LEU A 63 6.03 -3.35 -51.26
C LEU A 63 7.32 -4.11 -50.98
N LYS A 64 7.50 -4.65 -49.77
CA LYS A 64 8.70 -5.40 -49.34
C LYS A 64 9.07 -6.52 -50.29
N SER A 65 8.06 -7.30 -50.74
CA SER A 65 8.18 -8.41 -51.67
C SER A 65 8.86 -8.03 -53.02
N ARG A 66 8.79 -6.76 -53.45
CA ARG A 66 9.39 -6.34 -54.73
C ARG A 66 10.17 -5.01 -54.66
N LEU A 67 10.83 -4.76 -53.55
CA LEU A 67 11.54 -3.53 -53.40
C LEU A 67 12.89 -3.69 -52.74
N SER A 68 13.89 -3.06 -53.33
CA SER A 68 15.27 -3.03 -52.86
C SER A 68 15.78 -1.59 -52.72
N ILE A 69 16.47 -1.34 -51.63
CA ILE A 69 17.10 -0.06 -51.40
C ILE A 69 18.53 -0.32 -51.00
N SER A 70 19.47 0.21 -51.76
CA SER A 70 20.90 0.10 -51.50
C SER A 70 21.55 1.47 -51.71
N LYS A 71 22.82 1.60 -51.40
CA LYS A 71 23.48 2.88 -51.59
C LYS A 71 24.96 2.71 -51.84
N ASP A 72 25.59 3.78 -52.28
CA ASP A 72 27.01 3.81 -52.43
C ASP A 72 27.44 5.02 -51.66
N ASN A 73 27.95 4.79 -50.43
CA ASN A 73 28.36 5.87 -49.57
C ASN A 73 29.34 6.80 -50.24
N SER A 74 30.38 6.25 -50.92
CA SER A 74 31.42 7.06 -51.57
C SER A 74 30.91 7.97 -52.69
N LYS A 75 29.86 7.55 -53.42
CA LYS A 75 29.28 8.31 -54.51
C LYS A 75 28.11 9.18 -54.06
N SER A 76 27.79 9.14 -52.76
CA SER A 76 26.65 9.86 -52.22
C SER A 76 25.40 9.60 -53.03
N GLN A 77 25.10 8.32 -53.29
CA GLN A 77 23.91 8.00 -54.02
C GLN A 77 23.22 6.77 -53.45
N VAL A 78 21.89 6.79 -53.51
CA VAL A 78 21.01 5.80 -52.93
C VAL A 78 20.19 5.22 -54.06
N PHE A 79 20.00 3.91 -54.08
CA PHE A 79 19.28 3.26 -55.18
C PHE A 79 18.01 2.59 -54.79
N LEU A 80 16.98 2.78 -55.60
CA LEU A 80 15.69 2.13 -55.43
C LEU A 80 15.50 1.20 -56.62
N LYS A 81 15.15 -0.06 -56.38
CA LYS A 81 14.79 -0.95 -57.49
C LYS A 81 13.47 -1.60 -57.15
N MET A 82 12.49 -1.52 -58.08
CA MET A 82 11.19 -2.10 -57.85
C MET A 82 10.84 -3.07 -58.98
N ASN A 83 10.55 -4.35 -58.64
CA ASN A 83 10.22 -5.41 -59.59
C ASN A 83 8.78 -5.29 -60.05
N SER A 84 8.52 -5.79 -61.27
CA SER A 84 7.23 -5.92 -61.94
C SER A 84 6.18 -4.86 -61.61
N LEU A 85 6.41 -3.67 -62.14
CA LEU A 85 5.49 -2.58 -61.97
C LEU A 85 4.18 -2.81 -62.68
N GLN A 86 3.12 -2.26 -62.08
CA GLN A 86 1.80 -2.26 -62.66
C GLN A 86 1.26 -0.84 -62.66
N THR A 87 0.10 -0.63 -63.31
CA THR A 87 -0.56 0.68 -63.44
C THR A 87 -0.52 1.46 -62.12
N ASP A 88 -0.96 0.83 -61.05
CA ASP A 88 -1.04 1.37 -59.71
C ASP A 88 0.32 1.84 -59.10
N ASP A 89 1.46 1.57 -59.77
CA ASP A 89 2.77 2.01 -59.29
C ASP A 89 3.13 3.34 -59.89
N THR A 90 2.29 3.83 -60.83
CA THR A 90 2.45 5.13 -61.46
C THR A 90 2.35 6.18 -60.38
N ALA A 91 3.42 6.97 -60.19
CA ALA A 91 3.48 7.95 -59.11
C ALA A 91 4.69 8.77 -59.24
N ARG A 92 4.80 9.75 -58.37
CA ARG A 92 6.00 10.58 -58.27
C ARG A 92 6.76 9.93 -57.13
N TYR A 93 8.03 9.66 -57.34
CA TYR A 93 8.93 9.04 -56.38
C TYR A 93 9.91 10.05 -55.81
N TYR A 94 9.94 10.19 -54.47
CA TYR A 94 10.83 11.13 -53.77
C TYR A 94 11.82 10.40 -52.91
N CYS A 95 13.03 10.93 -52.80
CA CYS A 95 13.98 10.45 -51.81
C CYS A 95 14.06 11.61 -50.78
N ALA A 96 14.10 11.29 -49.47
CA ALA A 96 14.15 12.30 -48.41
C ALA A 96 15.16 11.94 -47.27
N ARG A 97 15.96 12.96 -46.83
CA ARG A 97 16.96 12.80 -45.79
C ARG A 97 16.28 12.54 -44.47
N ASP A 98 16.77 11.55 -43.74
CA ASP A 98 16.20 11.21 -42.46
C ASP A 98 17.23 11.35 -41.35
N PRO A 99 17.31 12.58 -40.75
CA PRO A 99 18.22 12.79 -39.63
C PRO A 99 17.72 12.11 -38.36
N TYR A 100 17.56 10.76 -38.40
CA TYR A 100 17.07 9.87 -37.33
C TYR A 100 17.66 10.13 -35.97
N GLY A 101 16.81 10.04 -34.94
CA GLY A 101 17.21 10.28 -33.56
C GLY A 101 17.09 11.72 -33.14
N SER A 102 17.16 12.63 -34.14
CA SER A 102 17.00 14.04 -33.95
C SER A 102 15.74 14.55 -34.78
N LYS A 103 15.78 14.75 -36.13
CA LYS A 103 14.52 15.13 -36.82
C LYS A 103 13.89 13.99 -37.67
N PRO A 104 12.58 14.11 -38.05
CA PRO A 104 12.01 13.18 -39.03
C PRO A 104 12.50 13.62 -40.43
N MET A 105 12.00 13.00 -41.53
CA MET A 105 12.42 13.42 -42.89
C MET A 105 12.35 14.93 -43.00
N ASP A 106 13.50 15.55 -43.22
CA ASP A 106 13.51 16.99 -43.31
C ASP A 106 13.74 17.46 -44.73
N TYR A 107 14.77 16.97 -45.43
CA TYR A 107 15.06 17.41 -46.80
C TYR A 107 14.55 16.50 -47.85
N TRP A 108 13.67 17.01 -48.71
CA TRP A 108 13.08 16.19 -49.78
C TRP A 108 13.57 16.55 -51.12
N GLY A 109 13.72 15.52 -51.96
CA GLY A 109 14.05 15.67 -53.37
C GLY A 109 12.87 16.32 -54.07
N GLN A 110 13.08 16.87 -55.26
CA GLN A 110 12.00 17.50 -56.03
C GLN A 110 10.97 16.44 -56.51
N GLY A 111 11.39 15.18 -56.51
CA GLY A 111 10.59 14.05 -56.96
C GLY A 111 10.87 13.67 -58.41
N THR A 112 10.47 12.44 -58.79
CA THR A 112 10.60 11.90 -60.14
C THR A 112 9.30 11.19 -60.54
N SER A 113 8.70 11.66 -61.65
CA SER A 113 7.48 11.11 -62.17
C SER A 113 7.77 9.82 -62.91
N VAL A 114 7.06 8.76 -62.54
CA VAL A 114 7.12 7.42 -63.11
C VAL A 114 5.74 7.06 -63.61
N THR A 115 5.65 6.72 -64.89
CA THR A 115 4.40 6.33 -65.52
C THR A 115 4.57 4.91 -65.94
N VAL A 116 3.64 4.03 -65.54
CA VAL A 116 3.69 2.61 -65.92
C VAL A 116 2.73 2.41 -67.07
N SER A 117 3.27 2.18 -68.28
CA SER A 117 2.47 2.11 -69.48
C SER A 117 3.19 1.46 -70.61
N SER A 118 2.40 0.92 -71.55
CA SER A 118 2.88 0.30 -72.77
C SER A 118 3.14 1.36 -73.82
N ALA A 119 2.41 2.52 -73.74
CA ALA A 119 2.48 3.67 -74.67
C ALA A 119 3.90 4.21 -74.93
N LYS A 120 4.15 4.71 -76.15
CA LYS A 120 5.45 5.25 -76.56
C LYS A 120 5.67 6.72 -76.14
N THR A 121 6.91 7.01 -75.70
CA THR A 121 7.37 8.34 -75.33
C THR A 121 7.23 9.21 -76.58
N THR A 122 6.52 10.34 -76.46
CA THR A 122 6.26 11.22 -77.58
C THR A 122 6.49 12.66 -77.17
N PRO A 123 7.34 13.40 -77.89
CA PRO A 123 7.60 14.79 -77.50
C PRO A 123 6.46 15.72 -77.87
N PRO A 124 6.30 16.85 -77.17
CA PRO A 124 5.20 17.75 -77.49
C PRO A 124 5.48 18.67 -78.65
N SER A 125 4.40 19.09 -79.32
CA SER A 125 4.43 20.12 -80.36
C SER A 125 4.10 21.37 -79.55
N VAL A 126 4.93 22.42 -79.61
CA VAL A 126 4.66 23.63 -78.81
C VAL A 126 4.15 24.76 -79.68
N TYR A 127 2.95 25.28 -79.37
CA TYR A 127 2.37 26.33 -80.17
C TYR A 127 2.14 27.63 -79.40
N PRO A 128 2.49 28.76 -80.04
CA PRO A 128 2.30 30.04 -79.37
C PRO A 128 0.86 30.49 -79.51
N LEU A 129 0.28 31.07 -78.43
CA LEU A 129 -1.08 31.60 -78.46
C LEU A 129 -1.07 33.12 -78.35
N ALA A 130 -1.15 33.80 -79.50
CA ALA A 130 -1.18 35.25 -79.48
C ALA A 130 -2.62 35.66 -79.68
N PRO A 131 -3.05 36.76 -79.07
CA PRO A 131 -4.48 37.11 -79.17
C PRO A 131 -4.79 37.72 -80.50
N GLY A 132 -6.02 37.46 -80.98
CA GLY A 132 -6.53 38.05 -82.21
C GLY A 132 -6.68 39.57 -82.14
N SER A 133 -7.40 40.15 -83.11
CA SER A 133 -7.60 41.61 -83.11
C SER A 133 -8.55 42.10 -81.98
N SER A 139 -5.15 47.59 -70.88
CA SER A 139 -4.46 47.56 -69.58
C SER A 139 -3.43 46.40 -69.53
N MET A 140 -3.95 45.17 -69.46
CA MET A 140 -3.19 43.94 -69.46
C MET A 140 -3.54 43.14 -70.72
N VAL A 141 -2.65 42.21 -71.09
CA VAL A 141 -2.84 41.30 -72.21
C VAL A 141 -2.52 39.90 -71.71
N THR A 142 -3.34 38.94 -72.08
CA THR A 142 -3.10 37.56 -71.74
C THR A 142 -2.57 36.88 -73.01
N LEU A 143 -1.49 36.11 -72.86
CA LEU A 143 -0.85 35.33 -73.92
C LEU A 143 -0.85 33.90 -73.45
N GLY A 144 -0.59 32.97 -74.34
CA GLY A 144 -0.57 31.57 -73.94
C GLY A 144 0.36 30.69 -74.74
N CYS A 145 0.38 29.44 -74.36
CA CYS A 145 1.26 28.48 -74.99
C CYS A 145 0.56 27.15 -74.93
N LEU A 146 0.30 26.52 -76.09
CA LEU A 146 -0.35 25.21 -76.15
C LEU A 146 0.73 24.16 -76.35
N VAL A 147 0.79 23.18 -75.45
CA VAL A 147 1.76 22.10 -75.45
C VAL A 147 0.96 20.84 -75.73
N LYS A 148 1.04 20.35 -76.95
CA LYS A 148 0.15 19.31 -77.37
C LYS A 148 0.82 18.04 -77.86
N GLY A 149 0.13 16.92 -77.59
CA GLY A 149 0.48 15.59 -78.07
C GLY A 149 1.71 14.96 -77.49
N TYR A 150 1.94 15.09 -76.17
CA TYR A 150 3.09 14.43 -75.57
C TYR A 150 2.76 13.23 -74.67
N PHE A 151 3.77 12.45 -74.30
CA PHE A 151 3.64 11.33 -73.41
C PHE A 151 5.02 10.89 -72.98
N PRO A 152 5.23 10.61 -71.68
CA PRO A 152 4.26 10.72 -70.58
C PRO A 152 4.38 12.07 -69.88
N GLU A 153 3.62 12.25 -68.79
CA GLU A 153 3.77 13.43 -67.96
C GLU A 153 5.12 13.27 -67.24
N PRO A 154 5.81 14.35 -66.89
CA PRO A 154 5.38 15.73 -66.95
C PRO A 154 6.14 16.58 -67.94
N VAL A 155 5.63 17.79 -68.10
CA VAL A 155 6.25 18.84 -68.88
C VAL A 155 6.47 19.97 -67.89
N THR A 156 7.50 20.78 -68.14
CA THR A 156 7.83 21.94 -67.36
C THR A 156 7.63 23.15 -68.24
N VAL A 157 6.82 24.10 -67.80
CA VAL A 157 6.60 25.31 -68.58
C VAL A 157 7.09 26.51 -67.80
N THR A 158 7.94 27.34 -68.41
CA THR A 158 8.38 28.61 -67.79
C THR A 158 8.15 29.72 -68.79
N TRP A 159 8.12 30.96 -68.30
CA TRP A 159 7.96 32.13 -69.17
C TRP A 159 9.20 33.00 -69.03
N ASN A 160 9.86 33.35 -70.16
CA ASN A 160 11.12 34.09 -70.20
C ASN A 160 12.14 33.47 -69.25
N SER A 161 12.30 32.14 -69.33
CA SER A 161 13.20 31.32 -68.50
C SER A 161 12.97 31.55 -67.00
N GLY A 162 11.75 31.87 -66.63
CA GLY A 162 11.43 32.13 -65.24
C GLY A 162 11.41 33.60 -64.81
N SER A 163 11.77 34.54 -65.71
CA SER A 163 11.71 35.99 -65.40
C SER A 163 10.26 36.38 -65.07
N LEU A 164 9.29 35.77 -65.80
CA LEU A 164 7.86 35.97 -65.64
C LEU A 164 7.27 34.88 -64.79
N SER A 165 6.60 35.27 -63.71
CA SER A 165 6.07 34.26 -62.82
C SER A 165 4.74 34.59 -62.19
N SER A 166 4.55 35.85 -61.74
CA SER A 166 3.31 36.18 -61.02
C SER A 166 2.04 36.03 -61.86
N GLY A 167 2.09 36.43 -63.13
CA GLY A 167 0.94 36.38 -64.00
C GLY A 167 0.71 35.06 -64.71
N VAL A 168 1.45 34.03 -64.30
CA VAL A 168 1.41 32.72 -64.96
C VAL A 168 0.37 31.74 -64.36
N HIS A 169 -0.28 30.94 -65.23
CA HIS A 169 -1.19 29.86 -64.85
C HIS A 169 -0.87 28.72 -65.79
N THR A 170 -0.39 27.57 -65.27
CA THR A 170 -0.13 26.40 -66.12
C THR A 170 -1.15 25.33 -65.77
N PHE A 171 -2.03 25.03 -66.71
CA PHE A 171 -3.15 24.12 -66.50
C PHE A 171 -2.80 22.66 -66.50
N PRO A 172 -3.45 21.90 -65.60
CA PRO A 172 -3.28 20.45 -65.62
C PRO A 172 -3.46 19.91 -67.01
N ALA A 173 -2.66 18.91 -67.34
CA ALA A 173 -2.77 18.29 -68.66
C ALA A 173 -4.00 17.41 -68.73
N VAL A 174 -4.47 17.16 -69.95
CA VAL A 174 -5.60 16.29 -70.22
C VAL A 174 -5.12 15.18 -71.12
N LEU A 175 -5.53 13.97 -70.85
CA LEU A 175 -5.05 12.84 -71.61
C LEU A 175 -6.08 12.45 -72.61
N GLN A 176 -5.73 12.50 -73.88
CA GLN A 176 -6.68 12.03 -74.86
C GLN A 176 -5.95 11.20 -75.88
N SER A 177 -6.26 9.88 -75.87
CA SER A 177 -5.77 8.86 -76.78
C SER A 177 -4.28 8.62 -76.56
N ASP A 178 -3.89 8.34 -75.30
CA ASP A 178 -2.51 8.07 -74.87
C ASP A 178 -1.54 9.21 -75.15
N LEU A 179 -2.07 10.44 -75.30
CA LEU A 179 -1.28 11.65 -75.45
C LEU A 179 -1.86 12.77 -74.65
N TYR A 180 -0.99 13.46 -73.93
CA TYR A 180 -1.35 14.60 -73.09
C TYR A 180 -1.24 15.93 -73.83
N THR A 181 -2.05 16.90 -73.38
CA THR A 181 -2.09 18.28 -73.85
C THR A 181 -2.35 19.21 -72.70
N LEU A 182 -1.60 20.30 -72.65
CA LEU A 182 -1.84 21.34 -71.66
C LEU A 182 -1.62 22.69 -72.29
N SER A 183 -2.05 23.71 -71.57
CA SER A 183 -1.93 25.10 -71.96
C SER A 183 -1.45 25.89 -70.77
N SER A 184 -0.75 26.99 -71.01
CA SER A 184 -0.25 27.88 -69.99
C SER A 184 -0.56 29.29 -70.44
N SER A 185 -0.95 30.14 -69.51
CA SER A 185 -1.23 31.52 -69.84
C SER A 185 -0.34 32.41 -69.01
N VAL A 186 -0.10 33.61 -69.51
CA VAL A 186 0.65 34.63 -68.81
C VAL A 186 -0.06 35.96 -69.07
N THR A 187 -0.30 36.72 -68.02
CA THR A 187 -0.93 38.02 -68.16
C THR A 187 0.15 39.06 -67.87
N VAL A 188 0.38 39.96 -68.83
CA VAL A 188 1.44 40.98 -68.71
C VAL A 188 0.88 42.36 -69.05
N PRO A 189 1.53 43.44 -68.60
CA PRO A 189 1.02 44.78 -68.99
C PRO A 189 1.16 45.01 -70.50
N SER A 190 0.16 45.69 -71.09
CA SER A 190 0.14 46.00 -72.52
C SER A 190 1.42 46.71 -72.99
N SER A 191 2.00 47.52 -72.10
CA SER A 191 3.23 48.28 -72.34
C SER A 191 4.45 47.37 -72.54
N THR A 192 4.37 46.11 -72.07
CA THR A 192 5.51 45.19 -72.14
C THR A 192 5.43 44.20 -73.32
N TRP A 193 4.25 44.05 -73.96
CA TRP A 193 4.12 43.14 -75.09
C TRP A 193 3.21 43.75 -76.20
N PRO A 194 3.59 43.63 -77.49
CA PRO A 194 4.75 42.94 -78.06
C PRO A 194 6.08 43.70 -78.09
N SER A 195 6.17 44.89 -77.45
CA SER A 195 7.39 45.72 -77.41
C SER A 195 8.58 44.95 -76.83
N GLU A 196 8.32 44.15 -75.79
CA GLU A 196 9.36 43.30 -75.22
C GLU A 196 8.96 41.87 -75.39
N THR A 197 9.96 41.01 -75.62
CA THR A 197 9.77 39.60 -75.93
C THR A 197 9.17 38.84 -74.78
N VAL A 198 8.28 37.91 -75.10
CA VAL A 198 7.67 37.00 -74.15
C VAL A 198 7.82 35.64 -74.79
N THR A 199 8.54 34.76 -74.11
CA THR A 199 8.81 33.43 -74.61
C THR A 199 8.37 32.39 -73.63
N CYS A 200 7.78 31.37 -74.15
CA CYS A 200 7.32 30.23 -73.43
C CYS A 200 8.42 29.19 -73.55
N ASN A 201 8.87 28.61 -72.43
CA ASN A 201 9.95 27.60 -72.50
C ASN A 201 9.38 26.28 -72.02
N VAL A 202 9.34 25.30 -72.90
CA VAL A 202 8.76 24.01 -72.58
C VAL A 202 9.78 22.88 -72.60
N ALA A 203 9.87 22.11 -71.52
CA ALA A 203 10.77 20.98 -71.46
C ALA A 203 9.98 19.74 -71.22
N HIS A 204 10.37 18.66 -71.89
CA HIS A 204 9.76 17.34 -71.72
C HIS A 204 10.92 16.39 -71.52
N PRO A 205 11.28 16.26 -70.23
CA PRO A 205 12.45 15.46 -69.86
C PRO A 205 12.46 14.09 -70.46
N ALA A 206 11.31 13.36 -70.38
CA ALA A 206 11.18 12.02 -70.93
C ALA A 206 11.63 11.94 -72.42
N SER A 207 11.45 13.01 -73.20
CA SER A 207 11.90 12.94 -74.56
C SER A 207 13.16 13.73 -74.79
N SER A 208 13.72 14.27 -73.70
CA SER A 208 14.96 15.06 -73.69
C SER A 208 14.84 16.24 -74.68
N THR A 209 13.65 16.87 -74.69
CA THR A 209 13.40 18.02 -75.56
C THR A 209 13.16 19.26 -74.73
N LYS A 210 13.68 20.40 -75.21
CA LYS A 210 13.45 21.69 -74.59
C LYS A 210 13.32 22.67 -75.70
N VAL A 211 12.15 23.28 -75.80
CA VAL A 211 11.86 24.22 -76.89
C VAL A 211 11.42 25.58 -76.37
N ASP A 212 11.65 26.59 -77.19
CA ASP A 212 11.27 27.94 -76.84
C ASP A 212 10.39 28.41 -77.95
N LYS A 213 9.27 29.04 -77.60
CA LYS A 213 8.32 29.64 -78.53
C LYS A 213 8.10 31.06 -78.18
N LYS A 214 8.58 31.97 -79.03
CA LYS A 214 8.37 33.40 -78.81
C LYS A 214 6.92 33.66 -79.17
N ILE A 215 6.21 34.42 -78.33
CA ILE A 215 4.84 34.79 -78.62
C ILE A 215 4.89 36.01 -79.47
N VAL A 216 4.45 35.86 -80.75
CA VAL A 216 4.54 36.88 -81.78
C VAL A 216 3.19 37.49 -82.02
N PRO A 217 3.05 38.82 -82.09
CA PRO A 217 1.73 39.39 -82.36
C PRO A 217 1.22 39.00 -83.75
N ARG A 218 -0.11 38.99 -83.87
CA ARG A 218 -0.80 38.70 -85.13
C ARG A 218 -0.71 40.01 -85.97
N ASP A 219 -1.21 40.03 -87.22
CA ASP A 219 -1.11 41.18 -88.13
C ASP A 219 -1.90 42.43 -87.65
N ASP B 1 1.75 -2.79 -36.99
CA ASP B 1 1.46 -1.97 -38.19
C ASP B 1 0.81 -0.68 -37.67
N ILE B 2 1.44 0.54 -37.86
CA ILE B 2 0.84 1.78 -37.33
C ILE B 2 0.02 2.46 -38.37
N VAL B 3 -1.27 2.65 -38.09
CA VAL B 3 -2.22 3.29 -38.97
C VAL B 3 -2.47 4.71 -38.52
N MET B 4 -2.37 5.67 -39.45
CA MET B 4 -2.57 7.09 -39.15
C MET B 4 -3.83 7.54 -39.80
N SER B 5 -4.74 8.14 -39.03
CA SER B 5 -6.05 8.56 -39.53
C SER B 5 -6.21 10.06 -39.32
N GLN B 6 -6.44 10.82 -40.42
CA GLN B 6 -6.63 12.27 -40.31
C GLN B 6 -8.05 12.69 -40.52
N SER B 7 -8.49 13.75 -39.81
CA SER B 7 -9.82 14.31 -39.95
C SER B 7 -9.76 15.80 -39.75
N PRO B 8 -10.56 16.58 -40.47
CA PRO B 8 -11.46 16.21 -41.54
C PRO B 8 -10.65 15.95 -42.79
N SER B 9 -11.30 15.40 -43.82
CA SER B 9 -10.67 15.14 -45.10
C SER B 9 -10.29 16.47 -45.77
N SER B 10 -11.05 17.51 -45.45
CA SER B 10 -10.87 18.84 -45.99
C SER B 10 -11.67 19.82 -45.17
N LEU B 11 -11.29 21.07 -45.28
CA LEU B 11 -11.92 22.21 -44.62
C LEU B 11 -11.67 23.48 -45.41
N VAL B 12 -12.62 24.40 -45.33
CA VAL B 12 -12.55 25.68 -46.05
C VAL B 12 -12.64 26.77 -45.02
N VAL B 13 -11.82 27.77 -45.18
CA VAL B 13 -11.75 28.82 -44.17
C VAL B 13 -11.32 30.11 -44.85
N SER B 14 -11.76 31.27 -44.36
CA SER B 14 -11.30 32.52 -44.97
C SER B 14 -10.00 32.96 -44.31
N VAL B 15 -9.23 33.83 -44.98
CA VAL B 15 -7.97 34.34 -44.45
C VAL B 15 -8.23 34.96 -43.08
N GLY B 16 -7.38 34.61 -42.13
CA GLY B 16 -7.45 35.13 -40.77
C GLY B 16 -8.09 34.20 -39.77
N GLU B 17 -8.91 33.25 -40.23
CA GLU B 17 -9.56 32.36 -39.29
C GLU B 17 -8.61 31.32 -38.73
N LYS B 18 -8.99 30.76 -37.57
CA LYS B 18 -8.25 29.68 -36.91
C LYS B 18 -8.69 28.37 -37.53
N VAL B 19 -7.77 27.44 -37.66
CA VAL B 19 -8.06 26.11 -38.19
C VAL B 19 -7.43 25.05 -37.33
N THR B 20 -8.17 23.95 -37.14
CA THR B 20 -7.68 22.83 -36.37
C THR B 20 -7.93 21.55 -37.14
N MET B 21 -6.96 20.66 -37.10
CA MET B 21 -7.09 19.37 -37.73
C MET B 21 -6.48 18.33 -36.84
N SER B 22 -7.02 17.13 -36.91
CA SER B 22 -6.69 15.96 -36.12
C SER B 22 -5.90 14.88 -36.84
N CYS B 23 -5.11 14.12 -36.08
CA CYS B 23 -4.34 12.97 -36.53
C CYS B 23 -4.38 11.95 -35.44
N LYS B 24 -4.84 10.74 -35.73
CA LYS B 24 -4.96 9.67 -34.73
C LYS B 24 -4.23 8.41 -35.13
N SER B 25 -3.31 7.94 -34.28
CA SER B 25 -2.53 6.74 -34.55
C SER B 25 -3.07 5.51 -33.82
N SER B 26 -3.02 4.35 -34.45
CA SER B 26 -3.48 3.09 -33.87
C SER B 26 -2.64 2.62 -32.66
N GLN B 27 -1.41 3.15 -32.55
CA GLN B 27 -0.48 2.83 -31.48
C GLN B 27 0.05 4.13 -30.91
N SER B 28 0.41 4.13 -29.61
CA SER B 28 1.01 5.28 -28.96
C SER B 28 2.37 5.56 -29.57
N LEU B 29 2.61 6.84 -29.83
CA LEU B 29 3.87 7.25 -30.44
C LEU B 29 4.77 7.87 -29.40
N LEU B 30 4.44 7.69 -28.13
CA LEU B 30 5.20 8.27 -27.04
C LEU B 30 6.32 7.36 -26.61
N TYR B 31 7.54 7.87 -26.75
CA TYR B 31 8.76 7.13 -26.43
C TYR B 31 9.05 7.30 -24.98
N SER B 32 9.10 6.18 -24.26
CA SER B 32 9.38 6.19 -22.83
C SER B 32 10.67 6.97 -22.50
N SER B 33 11.78 6.66 -23.19
CA SER B 33 13.10 7.22 -22.94
C SER B 33 13.18 8.73 -22.93
N ASN B 34 12.39 9.43 -23.75
CA ASN B 34 12.48 10.88 -23.73
C ASN B 34 11.15 11.61 -23.49
N GLN B 35 10.04 10.87 -23.36
CA GLN B 35 8.70 11.42 -23.15
C GLN B 35 8.29 12.40 -24.24
N LYS B 36 8.74 12.10 -25.46
CA LYS B 36 8.40 12.81 -26.67
C LYS B 36 7.61 11.88 -27.59
N ASN B 37 6.81 12.49 -28.42
CA ASN B 37 5.98 11.78 -29.35
C ASN B 37 6.66 11.72 -30.70
N PHE B 38 6.85 10.54 -31.28
CA PHE B 38 7.48 10.45 -32.61
C PHE B 38 6.51 10.77 -33.73
N LEU B 39 6.01 12.02 -33.75
CA LEU B 39 5.04 12.45 -34.72
C LEU B 39 5.44 13.75 -35.36
N ALA B 40 5.19 13.85 -36.67
CA ALA B 40 5.51 15.03 -37.44
C ALA B 40 4.36 15.47 -38.29
N TRP B 41 4.34 16.75 -38.61
CA TRP B 41 3.37 17.34 -39.52
C TRP B 41 4.09 17.94 -40.70
N TYR B 42 3.58 17.66 -41.89
CA TYR B 42 4.13 18.15 -43.15
C TYR B 42 3.10 18.96 -43.89
N GLN B 43 3.56 19.92 -44.65
CA GLN B 43 2.70 20.74 -45.47
C GLN B 43 3.11 20.47 -46.91
N GLN B 44 2.13 20.18 -47.78
CA GLN B 44 2.46 19.99 -49.17
C GLN B 44 1.65 20.91 -50.05
N LYS B 45 2.30 21.99 -50.49
CA LYS B 45 1.61 22.93 -51.35
C LYS B 45 1.48 22.32 -52.74
N PRO B 46 0.44 22.71 -53.52
CA PRO B 46 0.29 22.17 -54.88
C PRO B 46 1.54 22.29 -55.73
N GLY B 47 1.94 21.17 -56.29
CA GLY B 47 3.07 21.09 -57.21
C GLY B 47 4.43 21.20 -56.57
N GLN B 48 4.47 21.24 -55.24
CA GLN B 48 5.73 21.31 -54.52
C GLN B 48 5.99 20.04 -53.76
N SER B 49 7.20 19.89 -53.22
CA SER B 49 7.46 18.73 -52.38
C SER B 49 7.00 19.05 -50.96
N PRO B 50 6.81 18.02 -50.11
CA PRO B 50 6.39 18.28 -48.73
C PRO B 50 7.48 18.99 -47.95
N LYS B 51 7.05 19.81 -46.97
CA LYS B 51 7.87 20.63 -46.09
C LYS B 51 7.55 20.21 -44.65
N LEU B 52 8.58 19.97 -43.85
CA LEU B 52 8.38 19.63 -42.46
C LEU B 52 7.97 20.87 -41.70
N LEU B 53 6.89 20.76 -40.94
CA LEU B 53 6.44 21.88 -40.11
C LEU B 53 6.75 21.62 -38.65
N ILE B 54 6.35 20.43 -38.15
CA ILE B 54 6.48 20.08 -36.74
C ILE B 54 7.00 18.70 -36.56
N TYR B 55 7.83 18.51 -35.52
CA TYR B 55 8.32 17.20 -35.13
C TYR B 55 8.25 17.07 -33.63
N TRP B 56 8.41 15.86 -33.10
CA TRP B 56 8.22 15.63 -31.67
C TRP B 56 6.85 16.11 -31.25
N ALA B 57 5.88 16.10 -32.19
CA ALA B 57 4.50 16.53 -32.00
C ALA B 57 4.32 18.01 -31.74
N SER B 58 5.29 18.70 -31.09
CA SER B 58 5.12 20.10 -30.73
C SER B 58 6.26 20.98 -31.13
N THR B 59 7.44 20.42 -31.46
CA THR B 59 8.60 21.22 -31.86
C THR B 59 8.47 21.75 -33.28
N ARG B 60 8.49 23.07 -33.40
CA ARG B 60 8.34 23.72 -34.67
C ARG B 60 9.68 23.71 -35.38
N GLU B 61 9.67 23.32 -36.66
CA GLU B 61 10.87 23.26 -37.49
C GLU B 61 11.37 24.65 -37.79
N SER B 62 12.70 24.79 -37.88
CA SER B 62 13.35 26.05 -38.18
C SER B 62 12.70 26.69 -39.40
N GLY B 63 12.39 27.99 -39.25
CA GLY B 63 11.78 28.79 -40.30
C GLY B 63 10.29 28.57 -40.49
N VAL B 64 9.64 27.96 -39.50
CA VAL B 64 8.21 27.73 -39.57
C VAL B 64 7.50 28.82 -38.76
N PRO B 65 6.55 29.53 -39.39
CA PRO B 65 5.82 30.59 -38.69
C PRO B 65 5.17 30.11 -37.40
N ASP B 66 5.11 31.02 -36.43
CA ASP B 66 4.53 30.80 -35.11
C ASP B 66 3.02 30.49 -35.18
N ARG B 67 2.40 30.73 -36.36
CA ARG B 67 0.98 30.49 -36.60
C ARG B 67 0.66 29.01 -36.38
N PHE B 68 1.65 28.13 -36.69
CA PHE B 68 1.48 26.69 -36.62
C PHE B 68 1.84 26.17 -35.28
N THR B 69 0.91 25.44 -34.66
CA THR B 69 1.13 24.82 -33.36
C THR B 69 0.69 23.36 -33.38
N GLY B 70 1.58 22.49 -32.93
CA GLY B 70 1.27 21.08 -32.82
C GLY B 70 1.08 20.77 -31.36
N SER B 71 0.08 19.93 -31.08
CA SER B 71 -0.24 19.50 -29.72
C SER B 71 -0.69 18.03 -29.75
N GLY B 72 -0.88 17.48 -28.58
CA GLY B 72 -1.30 16.09 -28.46
C GLY B 72 -0.19 15.19 -27.99
N SER B 73 -0.58 13.99 -27.57
CA SER B 73 0.37 13.01 -27.05
C SER B 73 -0.26 11.65 -27.15
N GLY B 74 0.60 10.64 -27.28
CA GLY B 74 0.19 9.26 -27.36
C GLY B 74 -0.39 8.91 -28.72
N THR B 75 -1.74 8.93 -28.82
CA THR B 75 -2.42 8.56 -30.04
C THR B 75 -3.21 9.70 -30.68
N ASP B 76 -3.52 10.77 -29.95
CA ASP B 76 -4.34 11.84 -30.49
C ASP B 76 -3.58 13.15 -30.62
N PHE B 77 -3.48 13.64 -31.87
CA PHE B 77 -2.70 14.83 -32.19
C PHE B 77 -3.49 15.84 -32.95
N THR B 78 -3.08 17.10 -32.85
CA THR B 78 -3.74 18.24 -33.49
C THR B 78 -2.74 19.22 -34.05
N LEU B 79 -3.07 19.76 -35.22
CA LEU B 79 -2.32 20.82 -35.83
C LEU B 79 -3.23 22.01 -35.86
N THR B 80 -2.78 23.13 -35.32
CA THR B 80 -3.57 24.35 -35.33
C THR B 80 -2.86 25.48 -36.06
N ILE B 81 -3.60 26.21 -36.91
CA ILE B 81 -3.10 27.41 -37.57
C ILE B 81 -3.92 28.55 -37.00
N SER B 82 -3.29 29.40 -36.17
CA SER B 82 -3.97 30.49 -35.48
C SER B 82 -4.72 31.45 -36.42
N SER B 83 -4.03 31.94 -37.43
CA SER B 83 -4.62 32.87 -38.36
C SER B 83 -4.11 32.46 -39.72
N VAL B 84 -4.98 31.83 -40.50
CA VAL B 84 -4.62 31.31 -41.82
C VAL B 84 -4.25 32.44 -42.79
N LYS B 85 -3.17 32.24 -43.55
CA LYS B 85 -2.74 33.13 -44.60
C LYS B 85 -3.12 32.49 -45.94
N ALA B 86 -3.29 33.33 -46.99
CA ALA B 86 -3.64 32.84 -48.32
C ALA B 86 -2.66 31.79 -48.82
N GLU B 87 -1.41 31.94 -48.41
CA GLU B 87 -0.29 31.09 -48.78
C GLU B 87 -0.35 29.72 -48.11
N ASP B 88 -1.19 29.55 -47.09
CA ASP B 88 -1.28 28.29 -46.34
C ASP B 88 -2.06 27.19 -47.03
N LEU B 89 -2.63 27.50 -48.19
CA LEU B 89 -3.37 26.58 -49.01
C LEU B 89 -2.44 25.41 -49.35
N ALA B 90 -2.83 24.18 -48.96
CA ALA B 90 -2.00 22.97 -49.06
C ALA B 90 -2.72 21.77 -48.49
N VAL B 91 -2.06 20.60 -48.57
CA VAL B 91 -2.52 19.38 -47.93
C VAL B 91 -1.57 19.13 -46.79
N TYR B 92 -2.12 18.92 -45.59
CA TYR B 92 -1.35 18.68 -44.39
C TYR B 92 -1.39 17.24 -44.00
N TYR B 93 -0.18 16.63 -43.84
CA TYR B 93 -0.04 15.22 -43.51
C TYR B 93 0.63 15.03 -42.19
N CYS B 94 0.23 14.02 -41.46
CA CYS B 94 0.97 13.70 -40.25
C CYS B 94 1.71 12.41 -40.58
N GLN B 95 2.87 12.22 -39.95
CA GLN B 95 3.67 11.04 -40.15
C GLN B 95 4.15 10.55 -38.80
N GLN B 96 4.12 9.21 -38.58
CA GLN B 96 4.72 8.62 -37.39
C GLN B 96 6.10 8.11 -37.81
N TYR B 97 7.11 8.34 -36.99
CA TYR B 97 8.43 7.89 -37.35
C TYR B 97 9.00 7.14 -36.18
N PHE B 98 8.08 6.46 -35.45
CA PHE B 98 8.41 5.71 -34.25
C PHE B 98 9.28 4.48 -34.61
N ARG B 99 8.71 3.62 -35.45
CA ARG B 99 9.40 2.45 -35.99
C ARG B 99 8.75 2.34 -37.33
N TYR B 100 9.61 2.51 -38.37
CA TYR B 100 9.33 2.62 -39.80
C TYR B 100 8.60 3.94 -39.89
N ARG B 101 7.97 4.22 -41.04
CA ARG B 101 7.29 5.50 -41.18
C ARG B 101 5.98 5.36 -41.87
N THR B 102 4.97 6.07 -41.37
CA THR B 102 3.64 5.99 -41.97
C THR B 102 3.06 7.36 -42.06
N PHE B 103 2.47 7.70 -43.24
CA PHE B 103 1.77 8.96 -43.43
C PHE B 103 0.26 8.82 -43.29
N GLY B 104 -0.39 9.86 -42.79
CA GLY B 104 -1.84 9.90 -42.71
C GLY B 104 -2.40 10.21 -44.10
N GLY B 105 -3.72 10.20 -44.21
CA GLY B 105 -4.38 10.45 -45.48
C GLY B 105 -4.35 11.89 -45.94
N GLY B 106 -4.01 12.79 -45.03
CA GLY B 106 -3.94 14.22 -45.34
C GLY B 106 -5.24 14.96 -45.17
N THR B 107 -5.13 16.24 -44.80
CA THR B 107 -6.24 17.18 -44.66
C THR B 107 -6.03 18.31 -45.66
N LYS B 108 -6.98 18.49 -46.56
CA LYS B 108 -6.86 19.53 -47.58
C LYS B 108 -7.42 20.79 -47.05
N LEU B 109 -6.63 21.87 -47.06
CA LEU B 109 -7.07 23.18 -46.60
C LEU B 109 -7.37 24.07 -47.75
N GLU B 110 -8.63 24.50 -47.88
CA GLU B 110 -9.05 25.38 -48.95
C GLU B 110 -9.39 26.74 -48.40
N ILE B 111 -9.39 27.76 -49.25
CA ILE B 111 -9.66 29.11 -48.80
C ILE B 111 -11.01 29.63 -49.35
N LYS B 112 -11.79 30.28 -48.48
CA LYS B 112 -13.03 30.98 -48.81
C LYS B 112 -12.62 32.44 -49.09
N ARG B 113 -13.23 33.04 -50.11
CA ARG B 113 -12.84 34.37 -50.56
C ARG B 113 -14.11 35.09 -51.06
N ALA B 114 -14.01 36.39 -51.37
CA ALA B 114 -15.13 37.11 -51.97
C ALA B 114 -15.33 36.63 -53.40
N ASP B 115 -16.56 36.63 -53.90
CA ASP B 115 -16.82 36.21 -55.29
C ASP B 115 -16.05 37.07 -56.30
N ALA B 116 -15.60 36.45 -57.40
CA ALA B 116 -14.82 37.12 -58.43
C ALA B 116 -15.15 36.62 -59.82
N ALA B 117 -15.45 37.55 -60.74
CA ALA B 117 -15.78 37.23 -62.12
C ALA B 117 -14.53 36.85 -62.89
N PRO B 118 -14.64 35.90 -63.84
CA PRO B 118 -13.45 35.49 -64.60
C PRO B 118 -13.07 36.50 -65.68
N THR B 119 -11.78 36.52 -66.01
CA THR B 119 -11.18 37.29 -67.07
C THR B 119 -11.16 36.27 -68.23
N VAL B 120 -11.85 36.57 -69.32
CA VAL B 120 -11.93 35.62 -70.43
C VAL B 120 -11.07 36.06 -71.60
N SER B 121 -10.31 35.11 -72.15
CA SER B 121 -9.42 35.33 -73.29
C SER B 121 -9.64 34.21 -74.31
N ILE B 122 -9.74 34.57 -75.60
CA ILE B 122 -9.90 33.55 -76.65
C ILE B 122 -8.73 33.63 -77.62
N PHE B 123 -8.24 32.47 -78.06
CA PHE B 123 -7.11 32.37 -78.96
C PHE B 123 -7.36 31.50 -80.18
N PRO B 124 -7.23 32.09 -81.37
CA PRO B 124 -7.35 31.26 -82.58
C PRO B 124 -6.17 30.31 -82.67
N PRO B 125 -6.29 29.23 -83.46
CA PRO B 125 -5.15 28.34 -83.68
C PRO B 125 -3.91 29.09 -84.18
N SER B 126 -2.74 28.56 -83.83
CA SER B 126 -1.46 29.10 -84.26
C SER B 126 -1.28 28.80 -85.77
N SER B 127 -0.64 29.68 -86.51
CA SER B 127 -0.35 29.40 -87.92
C SER B 127 0.55 28.18 -88.03
N GLU B 128 1.41 27.96 -87.03
CA GLU B 128 2.31 26.80 -86.97
C GLU B 128 1.51 25.50 -86.81
N GLN B 129 0.46 25.50 -85.97
CA GLN B 129 -0.39 24.33 -85.78
C GLN B 129 -1.17 24.05 -87.04
N LEU B 130 -1.67 25.11 -87.68
CA LEU B 130 -2.42 24.99 -88.93
C LEU B 130 -1.56 24.39 -90.02
N THR B 131 -0.27 24.76 -90.07
CA THR B 131 0.68 24.23 -91.04
C THR B 131 0.84 22.72 -90.83
N SER B 132 0.79 22.28 -89.57
CA SER B 132 0.91 20.87 -89.23
C SER B 132 -0.40 20.08 -89.43
N GLY B 133 -1.49 20.77 -89.81
CA GLY B 133 -2.80 20.16 -90.07
C GLY B 133 -3.79 20.09 -88.91
N GLY B 134 -3.41 20.66 -87.78
CA GLY B 134 -4.27 20.69 -86.61
C GLY B 134 -4.84 22.08 -86.35
N ALA B 135 -5.88 22.16 -85.51
CA ALA B 135 -6.50 23.43 -85.14
C ALA B 135 -7.14 23.39 -83.77
N SER B 136 -6.46 23.97 -82.78
CA SER B 136 -6.97 24.06 -81.42
C SER B 136 -7.31 25.51 -81.08
N VAL B 137 -8.59 25.72 -80.69
CA VAL B 137 -9.08 27.03 -80.27
C VAL B 137 -9.06 27.00 -78.75
N VAL B 138 -8.34 27.94 -78.13
CA VAL B 138 -8.19 27.96 -76.69
C VAL B 138 -8.91 29.11 -76.06
N CYS B 139 -9.57 28.82 -74.96
CA CYS B 139 -10.21 29.87 -74.21
C CYS B 139 -9.75 29.79 -72.77
N PHE B 140 -9.25 30.91 -72.23
CA PHE B 140 -8.83 30.96 -70.84
C PHE B 140 -9.85 31.72 -70.03
N LEU B 141 -10.17 31.21 -68.84
CA LEU B 141 -11.11 31.84 -67.92
C LEU B 141 -10.33 31.92 -66.62
N ASN B 142 -9.73 33.08 -66.38
CA ASN B 142 -8.82 33.24 -65.26
C ASN B 142 -9.33 34.03 -64.06
N ASN B 143 -8.74 33.73 -62.92
CA ASN B 143 -8.94 34.44 -61.66
C ASN B 143 -10.42 34.63 -61.25
N PHE B 144 -11.15 33.52 -61.06
CA PHE B 144 -12.55 33.59 -60.66
C PHE B 144 -12.80 32.83 -59.36
N TYR B 145 -13.91 33.16 -58.68
CA TYR B 145 -14.30 32.51 -57.44
C TYR B 145 -15.81 32.63 -57.29
N PRO B 146 -16.55 31.56 -56.92
CA PRO B 146 -16.13 30.20 -56.58
C PRO B 146 -15.70 29.36 -57.77
N LYS B 147 -15.28 28.12 -57.50
CA LYS B 147 -14.79 27.24 -58.55
C LYS B 147 -15.82 26.91 -59.62
N ASP B 148 -17.08 26.73 -59.23
CA ASP B 148 -18.08 26.37 -60.23
C ASP B 148 -18.30 27.43 -61.29
N ILE B 149 -18.02 27.05 -62.55
CA ILE B 149 -18.19 27.91 -63.71
C ILE B 149 -18.71 27.07 -64.89
N ASN B 150 -19.39 27.70 -65.84
CA ASN B 150 -19.81 26.95 -66.99
C ASN B 150 -19.36 27.64 -68.26
N VAL B 151 -18.66 26.90 -69.13
CA VAL B 151 -18.17 27.39 -70.42
C VAL B 151 -18.94 26.70 -71.56
N LYS B 152 -19.43 27.51 -72.50
CA LYS B 152 -20.19 27.07 -73.67
C LYS B 152 -19.46 27.54 -74.92
N TRP B 153 -19.30 26.65 -75.90
CA TRP B 153 -18.68 27.00 -77.17
C TRP B 153 -19.73 27.15 -78.23
N LYS B 154 -19.55 28.15 -79.10
CA LYS B 154 -20.42 28.36 -80.23
C LYS B 154 -19.62 28.51 -81.50
N ILE B 155 -20.05 27.83 -82.53
CA ILE B 155 -19.41 27.93 -83.82
C ILE B 155 -20.51 28.37 -84.79
N ASP B 156 -20.29 29.53 -85.43
CA ASP B 156 -21.26 30.10 -86.35
C ASP B 156 -22.61 30.29 -85.68
N GLY B 157 -22.55 30.65 -84.39
CA GLY B 157 -23.71 30.95 -83.55
C GLY B 157 -24.34 29.77 -82.85
N SER B 158 -24.05 28.55 -83.30
CA SER B 158 -24.62 27.35 -82.71
C SER B 158 -23.70 26.67 -81.72
N GLU B 159 -24.27 26.13 -80.65
CA GLU B 159 -23.53 25.47 -79.59
C GLU B 159 -22.87 24.17 -80.06
N ARG B 160 -21.63 24.00 -79.62
CA ARG B 160 -20.75 22.87 -79.92
C ARG B 160 -20.37 22.21 -78.61
N GLN B 161 -20.64 20.91 -78.49
CA GLN B 161 -20.34 20.14 -77.27
C GLN B 161 -19.14 19.19 -77.49
N ASN B 162 -19.16 18.54 -78.65
CA ASN B 162 -18.19 17.56 -79.13
C ASN B 162 -16.78 18.18 -79.28
N GLY B 163 -15.78 17.51 -78.72
CA GLY B 163 -14.39 17.90 -78.90
C GLY B 163 -13.85 18.99 -78.01
N VAL B 164 -14.51 19.23 -76.86
CA VAL B 164 -14.07 20.25 -75.91
C VAL B 164 -13.40 19.63 -74.71
N LEU B 165 -12.19 20.11 -74.36
CA LEU B 165 -11.45 19.65 -73.19
C LEU B 165 -11.22 20.77 -72.20
N ASN B 166 -11.61 20.56 -70.95
CA ASN B 166 -11.49 21.56 -69.90
C ASN B 166 -10.51 21.17 -68.82
N SER B 167 -9.84 22.14 -68.22
CA SER B 167 -8.89 21.85 -67.15
C SER B 167 -8.90 23.00 -66.14
N TRP B 168 -9.00 22.66 -64.84
CA TRP B 168 -8.98 23.64 -63.75
C TRP B 168 -7.69 23.63 -63.02
N THR B 169 -7.16 24.80 -62.68
CA THR B 169 -5.94 24.86 -61.88
C THR B 169 -6.31 24.67 -60.44
N ASP B 170 -5.29 24.46 -59.59
CA ASP B 170 -5.47 24.36 -58.14
C ASP B 170 -5.75 25.82 -57.69
N GLN B 171 -6.33 25.98 -56.51
CA GLN B 171 -6.61 27.32 -56.01
C GLN B 171 -5.29 28.13 -55.89
N ASP B 172 -5.33 29.42 -56.30
CA ASP B 172 -4.15 30.26 -56.30
C ASP B 172 -3.67 30.60 -54.89
N SER B 173 -2.36 30.45 -54.70
CA SER B 173 -1.66 30.67 -53.44
C SER B 173 -1.72 32.10 -52.96
N LYS B 174 -1.91 33.07 -53.88
CA LYS B 174 -1.95 34.47 -53.50
C LYS B 174 -3.32 35.10 -53.48
N ASP B 175 -4.13 34.94 -54.53
CA ASP B 175 -5.44 35.57 -54.53
C ASP B 175 -6.59 34.61 -54.23
N SER B 176 -6.31 33.32 -54.03
CA SER B 176 -7.31 32.31 -53.68
C SER B 176 -8.40 32.07 -54.74
N THR B 177 -8.10 32.44 -55.99
CA THR B 177 -9.03 32.25 -57.10
C THR B 177 -8.70 30.97 -57.87
N TYR B 178 -9.57 30.64 -58.81
CA TYR B 178 -9.38 29.50 -59.68
C TYR B 178 -9.25 30.00 -61.10
N SER B 179 -8.68 29.18 -61.96
CA SER B 179 -8.60 29.48 -63.38
C SER B 179 -8.92 28.20 -64.11
N MET B 180 -9.27 28.32 -65.38
CA MET B 180 -9.59 27.18 -66.20
C MET B 180 -9.29 27.40 -67.69
N SER B 181 -8.87 26.33 -68.41
CA SER B 181 -8.68 26.44 -69.85
C SER B 181 -9.74 25.56 -70.48
N SER B 182 -10.22 25.97 -71.65
CA SER B 182 -11.19 25.20 -72.41
C SER B 182 -10.68 25.15 -73.82
N THR B 183 -10.35 23.95 -74.29
CA THR B 183 -9.77 23.80 -75.61
C THR B 183 -10.70 23.02 -76.52
N LEU B 184 -11.01 23.64 -77.65
CA LEU B 184 -11.81 23.04 -78.71
C LEU B 184 -10.86 22.63 -79.83
N THR B 185 -10.71 21.31 -80.05
CA THR B 185 -9.82 20.82 -81.09
C THR B 185 -10.60 20.31 -82.28
N LEU B 186 -10.19 20.77 -83.44
CA LEU B 186 -10.79 20.42 -84.72
C LEU B 186 -9.66 20.08 -85.71
N THR B 187 -10.00 19.56 -86.88
CA THR B 187 -9.02 19.36 -87.93
C THR B 187 -8.87 20.75 -88.58
N LYS B 188 -7.76 21.00 -89.28
CA LYS B 188 -7.55 22.28 -89.98
C LYS B 188 -8.70 22.48 -90.95
N ASP B 189 -9.04 21.44 -91.72
CA ASP B 189 -10.12 21.47 -92.69
C ASP B 189 -11.43 21.86 -92.03
N GLU B 190 -11.76 21.18 -90.92
CA GLU B 190 -12.99 21.48 -90.19
C GLU B 190 -12.96 22.93 -89.67
N TYR B 191 -11.79 23.38 -89.21
CA TYR B 191 -11.64 24.76 -88.73
C TYR B 191 -11.86 25.78 -89.84
N GLU B 192 -11.31 25.52 -91.01
CA GLU B 192 -11.43 26.44 -92.13
C GLU B 192 -12.85 26.42 -92.71
N ARG B 193 -13.68 25.48 -92.24
CA ARG B 193 -15.07 25.33 -92.68
C ARG B 193 -16.05 26.23 -91.91
N HIS B 194 -15.54 27.05 -91.00
CA HIS B 194 -16.43 27.94 -90.24
C HIS B 194 -15.81 29.30 -90.08
N ASN B 195 -16.62 30.31 -89.71
CA ASN B 195 -16.12 31.69 -89.58
C ASN B 195 -16.06 32.23 -88.15
N SER B 196 -17.18 32.15 -87.44
CA SER B 196 -17.28 32.66 -86.08
C SER B 196 -17.03 31.61 -85.02
N TYR B 197 -16.18 31.95 -84.04
CA TYR B 197 -15.87 31.09 -82.91
C TYR B 197 -16.10 31.82 -81.62
N THR B 198 -16.94 31.29 -80.74
CA THR B 198 -17.28 31.94 -79.48
C THR B 198 -17.09 31.05 -78.25
N CYS B 199 -16.60 31.68 -77.19
CA CYS B 199 -16.41 31.09 -75.89
C CYS B 199 -17.28 31.93 -74.91
N GLU B 200 -18.32 31.31 -74.32
CA GLU B 200 -19.22 32.00 -73.36
C GLU B 200 -19.09 31.40 -71.97
N ALA B 201 -18.82 32.25 -70.98
CA ALA B 201 -18.69 31.80 -69.60
C ALA B 201 -19.79 32.31 -68.70
N THR B 202 -20.46 31.39 -67.97
CA THR B 202 -21.50 31.76 -67.01
C THR B 202 -21.00 31.43 -65.59
N HIS B 203 -21.08 32.43 -64.69
CA HIS B 203 -20.61 32.31 -63.32
C HIS B 203 -21.64 32.94 -62.40
N LYS B 204 -21.62 32.61 -61.09
CA LYS B 204 -22.55 33.17 -60.10
C LYS B 204 -22.54 34.70 -60.10
N THR B 205 -21.39 35.27 -60.48
CA THR B 205 -21.10 36.71 -60.54
C THR B 205 -22.02 37.48 -61.46
N SER B 206 -22.49 36.86 -62.55
CA SER B 206 -23.40 37.53 -63.46
C SER B 206 -24.43 36.56 -64.03
N THR B 207 -25.61 37.10 -64.40
CA THR B 207 -26.67 36.32 -65.07
C THR B 207 -26.38 36.29 -66.57
N SER B 208 -25.74 37.37 -67.06
CA SER B 208 -25.33 37.53 -68.46
C SER B 208 -23.92 37.01 -68.64
N PRO B 209 -23.71 36.09 -69.60
CA PRO B 209 -22.38 35.50 -69.78
C PRO B 209 -21.29 36.47 -70.25
N ILE B 210 -20.04 36.16 -69.87
CA ILE B 210 -18.86 36.89 -70.36
C ILE B 210 -18.55 36.22 -71.68
N VAL B 211 -18.65 37.00 -72.76
CA VAL B 211 -18.45 36.46 -74.10
C VAL B 211 -17.21 36.99 -74.80
N LYS B 212 -16.45 36.09 -75.40
CA LYS B 212 -15.30 36.40 -76.23
C LYS B 212 -15.46 35.59 -77.50
N SER B 213 -15.13 36.20 -78.63
CA SER B 213 -15.23 35.51 -79.89
C SER B 213 -14.25 36.11 -80.89
N PHE B 214 -14.17 35.51 -82.08
CA PHE B 214 -13.37 36.02 -83.19
C PHE B 214 -13.89 35.42 -84.48
N ASN B 215 -13.57 36.08 -85.60
CA ASN B 215 -13.91 35.60 -86.93
C ASN B 215 -12.63 35.19 -87.62
N ARG B 216 -12.56 33.95 -88.12
CA ARG B 216 -11.38 33.38 -88.75
C ARG B 216 -10.82 34.29 -89.84
N ASN B 217 -11.71 34.75 -90.73
CA ASN B 217 -11.44 35.65 -91.85
C ASN B 217 -10.55 36.87 -91.50
N GLU B 218 -10.86 37.54 -90.37
CA GLU B 218 -10.16 38.70 -89.80
C GLU B 218 -8.79 38.33 -89.26
N GLN C 1 -2.83 -38.23 54.75
CA GLN C 1 -4.22 -38.31 54.29
C GLN C 1 -4.81 -36.89 54.15
N VAL C 2 -5.12 -36.42 52.91
CA VAL C 2 -5.70 -35.08 52.80
C VAL C 2 -7.17 -35.16 53.15
N GLN C 3 -7.60 -34.46 54.20
CA GLN C 3 -9.01 -34.49 54.63
C GLN C 3 -9.65 -33.11 54.83
N LEU C 4 -10.92 -32.98 54.45
CA LEU C 4 -11.70 -31.77 54.68
C LEU C 4 -12.93 -32.17 55.48
N GLN C 5 -12.98 -31.74 56.76
CA GLN C 5 -14.06 -32.07 57.71
C GLN C 5 -15.06 -30.92 57.80
N GLN C 6 -16.33 -31.16 57.51
CA GLN C 6 -17.28 -30.06 57.55
C GLN C 6 -18.15 -30.02 58.81
N SER C 7 -18.90 -28.94 58.93
CA SER C 7 -19.74 -28.60 60.04
C SER C 7 -21.09 -29.26 59.92
N GLY C 8 -22.10 -28.51 60.35
CA GLY C 8 -23.52 -28.83 60.34
C GLY C 8 -23.97 -30.19 60.82
N PRO C 9 -25.21 -30.59 60.47
CA PRO C 9 -26.19 -29.82 59.70
C PRO C 9 -26.65 -28.61 60.51
N GLU C 10 -26.86 -27.50 59.83
CA GLU C 10 -27.25 -26.28 60.49
C GLU C 10 -28.75 -25.98 60.32
N LEU C 11 -29.50 -26.03 61.42
CA LEU C 11 -30.91 -25.69 61.37
C LEU C 11 -31.00 -24.24 61.86
N VAL C 12 -31.45 -23.34 60.97
CA VAL C 12 -31.46 -21.91 61.25
C VAL C 12 -32.82 -21.29 61.07
N LYS C 13 -33.09 -20.24 61.85
CA LYS C 13 -34.33 -19.49 61.70
C LYS C 13 -34.26 -18.59 60.45
N PRO C 14 -35.40 -18.38 59.73
CA PRO C 14 -35.37 -17.54 58.52
C PRO C 14 -34.91 -16.13 58.83
N GLY C 15 -33.96 -15.65 58.04
CA GLY C 15 -33.40 -14.33 58.21
C GLY C 15 -32.14 -14.29 59.06
N ALA C 16 -31.84 -15.39 59.78
CA ALA C 16 -30.61 -15.45 60.59
C ALA C 16 -29.49 -15.76 59.63
N LEU C 17 -28.26 -15.36 60.00
CA LEU C 17 -27.06 -15.64 59.20
C LEU C 17 -26.34 -16.84 59.80
N VAL C 18 -25.69 -17.64 58.96
CA VAL C 18 -25.04 -18.86 59.43
C VAL C 18 -23.58 -18.94 58.93
N LYS C 19 -22.68 -19.48 59.77
CA LYS C 19 -21.25 -19.66 59.45
C LYS C 19 -20.87 -21.12 59.46
N ILE C 20 -20.39 -21.63 58.31
CA ILE C 20 -19.99 -23.03 58.22
C ILE C 20 -18.49 -23.16 58.05
N SER C 21 -17.97 -24.23 58.66
CA SER C 21 -16.55 -24.52 58.77
C SER C 21 -16.14 -25.69 57.94
N CYS C 22 -14.86 -25.68 57.54
CA CYS C 22 -14.22 -26.70 56.78
C CYS C 22 -12.83 -26.86 57.32
N LYS C 23 -12.63 -27.86 58.17
CA LYS C 23 -11.35 -28.11 58.83
C LYS C 23 -10.48 -29.03 58.01
N ALA C 24 -9.34 -28.48 57.57
CA ALA C 24 -8.34 -29.16 56.76
C ALA C 24 -7.33 -29.91 57.64
N SER C 25 -6.84 -31.03 57.07
CA SER C 25 -5.91 -31.99 57.68
C SER C 25 -5.01 -32.49 56.54
N GLY C 26 -3.85 -33.03 56.91
CA GLY C 26 -2.94 -33.69 55.99
C GLY C 26 -2.22 -32.89 54.94
N TYR C 27 -2.22 -31.55 55.05
CA TYR C 27 -1.47 -30.73 54.12
C TYR C 27 -1.31 -29.33 54.71
N THR C 28 -0.42 -28.51 54.09
CA THR C 28 -0.15 -27.13 54.47
C THR C 28 -1.26 -26.20 53.97
N PHE C 29 -2.21 -25.95 54.87
CA PHE C 29 -3.43 -25.19 54.65
C PHE C 29 -3.24 -23.93 53.81
N THR C 30 -2.14 -23.24 54.08
CA THR C 30 -1.68 -22.00 53.48
C THR C 30 -1.54 -22.06 51.98
N ASN C 31 -1.01 -23.18 51.43
CA ASN C 31 -0.56 -23.27 50.04
C ASN C 31 -1.55 -23.74 48.97
N TYR C 32 -2.81 -24.00 49.33
CA TYR C 32 -3.82 -24.49 48.41
C TYR C 32 -5.18 -23.79 48.53
N ASP C 33 -5.82 -23.51 47.38
CA ASP C 33 -7.13 -22.84 47.29
C ASP C 33 -8.24 -23.69 47.78
N ILE C 34 -9.12 -23.07 48.56
CA ILE C 34 -10.33 -23.70 49.03
C ILE C 34 -11.50 -23.14 48.26
N HIS C 35 -12.22 -24.02 47.52
CA HIS C 35 -13.40 -23.65 46.77
C HIS C 35 -14.67 -24.12 47.52
N TRP C 36 -15.78 -23.42 47.30
CA TRP C 36 -17.09 -23.74 47.90
C TRP C 36 -18.17 -23.89 46.81
N VAL C 37 -19.02 -24.91 46.98
CA VAL C 37 -20.11 -25.16 46.03
C VAL C 37 -21.47 -25.30 46.74
N LYS C 38 -22.53 -24.84 46.05
CA LYS C 38 -23.89 -24.93 46.55
C LYS C 38 -24.68 -25.98 45.78
N GLN C 39 -25.47 -26.76 46.51
CA GLN C 39 -26.31 -27.76 45.87
C GLN C 39 -27.67 -27.84 46.54
N ARG C 40 -28.69 -27.46 45.78
CA ARG C 40 -30.06 -27.47 46.24
C ARG C 40 -30.52 -28.93 46.14
N PRO C 41 -31.37 -29.41 47.07
CA PRO C 41 -31.80 -30.82 47.03
C PRO C 41 -32.31 -31.20 45.65
N GLY C 42 -31.76 -32.30 45.14
CA GLY C 42 -32.11 -32.81 43.83
C GLY C 42 -31.60 -32.04 42.62
N GLN C 43 -30.90 -30.93 42.87
CA GLN C 43 -30.37 -30.14 41.76
C GLN C 43 -28.89 -30.42 41.55
N GLY C 44 -28.28 -29.58 40.71
CA GLY C 44 -26.88 -29.65 40.36
C GLY C 44 -26.01 -28.80 41.24
N LEU C 45 -24.71 -28.82 40.94
CA LEU C 45 -23.71 -28.08 41.69
C LEU C 45 -23.53 -26.69 41.05
N GLU C 46 -23.14 -25.73 41.88
CA GLU C 46 -22.94 -24.33 41.52
C GLU C 46 -21.68 -23.82 42.21
N TRP C 47 -20.81 -23.08 41.47
CA TRP C 47 -19.60 -22.54 42.13
C TRP C 47 -19.85 -21.24 42.92
N ILE C 48 -19.42 -21.18 44.19
CA ILE C 48 -19.61 -19.97 45.02
C ILE C 48 -18.41 -19.01 44.98
N GLY C 49 -17.26 -19.60 45.18
CA GLY C 49 -16.03 -18.83 45.23
C GLY C 49 -14.87 -19.62 45.78
N TRP C 50 -13.73 -18.95 45.90
CA TRP C 50 -12.58 -19.58 46.48
C TRP C 50 -11.82 -18.62 47.38
N ILE C 51 -10.91 -19.21 48.16
CA ILE C 51 -10.03 -18.45 49.04
C ILE C 51 -8.65 -19.09 49.11
N TYR C 52 -7.62 -18.26 49.08
CA TYR C 52 -6.29 -18.76 49.21
C TYR C 52 -5.91 -18.47 50.68
N PRO C 53 -5.94 -19.49 51.57
CA PRO C 53 -5.63 -19.26 52.98
C PRO C 53 -4.35 -18.51 53.32
N GLY C 54 -3.27 -18.74 52.59
CA GLY C 54 -2.01 -18.08 52.91
C GLY C 54 -2.00 -16.57 52.84
N ASP C 55 -2.75 -16.07 51.85
CA ASP C 55 -2.88 -14.69 51.36
C ASP C 55 -4.14 -14.03 51.87
N GLY C 56 -5.14 -14.82 52.25
CA GLY C 56 -6.46 -14.35 52.66
C GLY C 56 -7.26 -13.91 51.44
N SER C 57 -6.61 -14.02 50.25
CA SER C 57 -7.10 -13.61 48.95
C SER C 57 -8.38 -14.37 48.65
N THR C 58 -9.37 -13.69 48.08
CA THR C 58 -10.66 -14.30 47.77
C THR C 58 -11.21 -13.96 46.37
N LYS C 59 -12.13 -14.78 45.84
CA LYS C 59 -12.78 -14.52 44.55
C LYS C 59 -14.13 -15.16 44.54
N TYR C 60 -15.16 -14.40 44.13
CA TYR C 60 -16.53 -14.87 44.14
C TYR C 60 -17.18 -14.93 42.77
N ASN C 61 -18.20 -15.77 42.70
CA ASN C 61 -19.05 -15.88 41.55
C ASN C 61 -20.00 -14.70 41.72
N GLU C 62 -20.22 -13.92 40.64
CA GLU C 62 -21.15 -12.78 40.67
C GLU C 62 -22.45 -13.10 41.35
N LYS C 63 -23.03 -14.28 41.09
CA LYS C 63 -24.31 -14.57 41.69
C LYS C 63 -24.26 -14.86 43.19
N PHE C 64 -23.09 -14.82 43.83
CA PHE C 64 -23.04 -15.00 45.27
C PHE C 64 -22.42 -13.82 45.98
N LYS C 65 -22.00 -12.78 45.24
CA LYS C 65 -21.34 -11.56 45.71
C LYS C 65 -21.65 -11.10 47.15
N GLY C 66 -22.94 -10.94 47.46
CA GLY C 66 -23.32 -10.47 48.78
C GLY C 66 -23.84 -11.55 49.70
N LYS C 67 -24.25 -12.67 49.10
CA LYS C 67 -24.87 -13.80 49.78
C LYS C 67 -23.88 -14.63 50.63
N ALA C 68 -22.60 -14.65 50.20
CA ALA C 68 -21.51 -15.37 50.87
C ALA C 68 -20.22 -14.56 51.09
N THR C 69 -19.55 -14.89 52.19
CA THR C 69 -18.28 -14.33 52.62
C THR C 69 -17.38 -15.44 53.09
N LEU C 70 -16.26 -15.59 52.40
CA LEU C 70 -15.24 -16.59 52.66
C LEU C 70 -14.09 -16.02 53.48
N THR C 71 -13.74 -16.73 54.56
CA THR C 71 -12.66 -16.38 55.46
C THR C 71 -11.89 -17.65 55.78
N ALA C 72 -10.66 -17.49 56.25
CA ALA C 72 -9.84 -18.62 56.69
C ALA C 72 -9.09 -18.23 57.93
N ASP C 73 -8.84 -19.24 58.78
CA ASP C 73 -8.11 -19.09 60.02
C ASP C 73 -6.92 -19.99 59.89
N LYS C 74 -5.78 -19.41 59.52
CA LYS C 74 -4.51 -20.09 59.31
C LYS C 74 -4.09 -20.82 60.59
N SER C 75 -4.34 -20.23 61.77
CA SER C 75 -3.92 -20.83 63.03
C SER C 75 -4.66 -22.12 63.39
N SER C 76 -5.86 -22.31 62.83
CA SER C 76 -6.75 -23.45 63.07
C SER C 76 -6.85 -24.36 61.86
N SER C 77 -6.23 -23.94 60.73
CA SER C 77 -6.34 -24.62 59.43
C SER C 77 -7.79 -24.85 59.03
N THR C 78 -8.66 -23.87 59.28
CA THR C 78 -10.08 -23.97 58.97
C THR C 78 -10.52 -22.88 58.02
N ALA C 79 -11.37 -23.25 57.08
CA ALA C 79 -11.96 -22.32 56.14
C ALA C 79 -13.38 -22.13 56.58
N TYR C 80 -13.91 -20.92 56.42
CA TYR C 80 -15.28 -20.61 56.84
C TYR C 80 -16.07 -19.92 55.75
N MET C 81 -17.38 -20.10 55.81
CA MET C 81 -18.26 -19.44 54.88
C MET C 81 -19.46 -18.92 55.66
N HIS C 82 -19.65 -17.61 55.61
CA HIS C 82 -20.78 -16.97 56.28
C HIS C 82 -21.83 -16.62 55.22
N LEU C 83 -23.07 -17.09 55.43
CA LEU C 83 -24.20 -16.93 54.51
C LEU C 83 -25.32 -16.05 55.03
N SER C 84 -26.14 -15.57 54.06
CA SER C 84 -27.29 -14.68 54.24
C SER C 84 -28.58 -15.39 53.78
N GLU C 89 -35.70 -18.72 51.60
CA GLU C 89 -34.60 -19.41 50.91
C GLU C 89 -34.81 -20.98 50.77
N LYS C 90 -35.08 -21.72 51.89
CA LYS C 90 -35.27 -23.19 51.94
C LYS C 90 -33.92 -23.97 51.95
N SER C 91 -33.94 -25.31 52.18
CA SER C 91 -32.78 -26.23 52.23
C SER C 91 -31.78 -26.10 51.07
N ALA C 92 -30.45 -26.26 51.40
CA ALA C 92 -29.31 -26.28 50.46
C ALA C 92 -28.12 -26.91 51.15
N VAL C 93 -27.38 -27.74 50.42
CA VAL C 93 -26.16 -28.36 50.91
C VAL C 93 -24.99 -27.55 50.39
N TYR C 94 -24.00 -27.34 51.26
CA TYR C 94 -22.82 -26.56 50.90
C TYR C 94 -21.56 -27.42 51.01
N PHE C 95 -20.79 -27.52 49.90
CA PHE C 95 -19.53 -28.27 49.84
C PHE C 95 -18.28 -27.41 49.85
N CYS C 96 -17.21 -27.97 50.36
CA CYS C 96 -15.91 -27.37 50.49
C CYS C 96 -14.96 -28.27 49.73
N ALA C 97 -14.04 -27.72 48.92
CA ALA C 97 -13.08 -28.54 48.17
C ALA C 97 -11.70 -27.87 48.00
N ARG C 98 -10.61 -28.68 48.23
CA ARG C 98 -9.22 -28.23 48.03
C ARG C 98 -8.85 -28.42 46.56
N GLU C 99 -8.94 -27.31 45.81
CA GLU C 99 -8.66 -27.25 44.38
C GLU C 99 -9.36 -28.42 43.66
N TRP C 100 -10.64 -28.68 44.01
CA TRP C 100 -11.52 -29.70 43.42
C TRP C 100 -11.04 -31.17 43.53
N ALA C 101 -9.90 -31.44 44.16
CA ALA C 101 -9.42 -32.81 44.21
C ALA C 101 -9.94 -33.54 45.41
N TYR C 102 -10.05 -32.84 46.54
CA TYR C 102 -10.53 -33.35 47.82
C TYR C 102 -11.71 -32.60 48.27
N TRP C 103 -12.79 -33.30 48.50
CA TRP C 103 -14.05 -32.67 48.89
C TRP C 103 -14.44 -32.93 50.32
N GLY C 104 -15.09 -31.95 50.91
CA GLY C 104 -15.66 -32.07 52.23
C GLY C 104 -16.91 -32.92 52.10
N GLN C 105 -17.47 -33.26 53.25
CA GLN C 105 -18.64 -34.10 53.43
C GLN C 105 -19.96 -33.41 53.02
N GLY C 106 -19.94 -32.08 52.97
CA GLY C 106 -21.11 -31.24 52.71
C GLY C 106 -21.89 -30.92 53.99
N THR C 107 -22.33 -29.66 54.14
CA THR C 107 -23.10 -29.24 55.31
C THR C 107 -24.54 -28.96 54.90
N LEU C 108 -25.50 -29.59 55.58
CA LEU C 108 -26.89 -29.31 55.25
C LEU C 108 -27.45 -28.10 56.03
N VAL C 109 -27.80 -27.03 55.30
CA VAL C 109 -28.39 -25.81 55.84
C VAL C 109 -29.88 -25.78 55.52
N THR C 110 -30.74 -25.87 56.55
CA THR C 110 -32.21 -25.84 56.40
C THR C 110 -32.75 -24.54 56.99
N VAL C 111 -33.54 -23.80 56.19
CA VAL C 111 -34.15 -22.56 56.66
C VAL C 111 -35.63 -22.83 57.07
N SER C 112 -35.94 -22.73 58.37
CA SER C 112 -37.30 -22.95 58.87
C SER C 112 -37.64 -22.17 60.13
N ALA C 113 -38.87 -21.66 60.21
CA ALA C 113 -39.32 -20.91 61.35
C ALA C 113 -39.94 -21.83 62.38
N ALA C 114 -40.06 -23.12 62.06
CA ALA C 114 -40.73 -24.11 62.90
C ALA C 114 -40.02 -24.48 64.21
N LYS C 115 -40.84 -24.85 65.24
CA LYS C 115 -40.48 -25.33 66.58
C LYS C 115 -40.55 -26.88 66.58
N THR C 116 -39.91 -27.57 67.57
CA THR C 116 -40.00 -29.04 67.65
C THR C 116 -41.46 -29.47 67.82
N THR C 117 -41.89 -30.45 67.03
CA THR C 117 -43.24 -31.01 67.05
C THR C 117 -43.18 -32.53 66.89
N ALA C 118 -43.79 -33.27 67.82
CA ALA C 118 -43.83 -34.74 67.79
C ALA C 118 -44.81 -35.24 66.74
N PRO C 119 -44.56 -36.42 66.13
CA PRO C 119 -45.45 -36.92 65.07
C PRO C 119 -46.69 -37.60 65.61
N SER C 120 -47.74 -37.67 64.76
CA SER C 120 -49.00 -38.36 65.01
C SER C 120 -48.81 -39.64 64.20
N VAL C 121 -48.79 -40.82 64.86
CA VAL C 121 -48.57 -42.09 64.16
C VAL C 121 -49.89 -42.86 63.96
N TYR C 122 -50.24 -43.15 62.70
CA TYR C 122 -51.48 -43.86 62.38
C TYR C 122 -51.26 -45.22 61.71
N PRO C 123 -51.91 -46.28 62.24
CA PRO C 123 -51.79 -47.60 61.59
C PRO C 123 -52.71 -47.65 60.36
N LEU C 124 -52.29 -48.31 59.28
CA LEU C 124 -53.11 -48.35 58.06
C LEU C 124 -53.31 -49.80 57.55
N ALA C 125 -54.56 -50.24 57.32
CA ALA C 125 -54.83 -51.60 56.78
C ALA C 125 -56.13 -51.77 55.94
N PRO C 126 -57.11 -50.82 55.94
CA PRO C 126 -58.34 -51.08 55.18
C PRO C 126 -58.21 -50.83 53.68
N SER C 135 -50.92 -61.84 48.56
CA SER C 135 -50.28 -61.10 49.65
C SER C 135 -51.12 -59.91 50.12
N VAL C 136 -50.70 -59.29 51.23
CA VAL C 136 -51.39 -58.13 51.81
C VAL C 136 -50.43 -57.00 52.08
N THR C 137 -50.85 -55.76 51.79
CA THR C 137 -50.03 -54.58 52.05
C THR C 137 -50.63 -53.77 53.20
N LEU C 138 -49.81 -53.47 54.21
CA LEU C 138 -50.19 -52.70 55.39
C LEU C 138 -49.39 -51.40 55.33
N GLY C 139 -49.81 -50.39 56.06
CA GLY C 139 -49.10 -49.12 56.07
C GLY C 139 -49.01 -48.45 57.42
N CYS C 140 -48.20 -47.40 57.50
CA CYS C 140 -48.04 -46.64 58.73
C CYS C 140 -47.82 -45.20 58.35
N LEU C 141 -48.67 -44.30 58.84
CA LEU C 141 -48.58 -42.88 58.53
C LEU C 141 -48.03 -42.10 59.71
N VAL C 142 -46.98 -41.33 59.48
CA VAL C 142 -46.32 -40.52 60.49
C VAL C 142 -46.46 -39.07 60.00
N LYS C 143 -47.43 -38.35 60.57
CA LYS C 143 -47.77 -37.01 60.10
C LYS C 143 -47.47 -35.87 61.08
N GLY C 144 -47.20 -34.69 60.50
CA GLY C 144 -46.97 -33.42 61.20
C GLY C 144 -45.91 -33.31 62.28
N TYR C 145 -44.66 -33.70 61.97
CA TYR C 145 -43.55 -33.55 62.93
C TYR C 145 -42.48 -32.58 62.43
N PHE C 146 -41.51 -32.25 63.29
CA PHE C 146 -40.41 -31.34 62.99
C PHE C 146 -39.50 -31.34 64.22
N PRO C 147 -38.18 -31.35 64.02
CA PRO C 147 -37.48 -31.43 62.73
C PRO C 147 -37.30 -32.87 62.29
N GLU C 148 -36.58 -33.05 61.20
CA GLU C 148 -36.24 -34.35 60.71
C GLU C 148 -35.09 -34.78 61.68
N PRO C 149 -34.85 -36.10 61.97
CA PRO C 149 -35.47 -37.29 61.38
C PRO C 149 -36.41 -38.08 62.31
N VAL C 150 -36.95 -39.17 61.78
CA VAL C 150 -37.76 -40.19 62.44
C VAL C 150 -37.04 -41.50 62.13
N THR C 151 -37.17 -42.50 63.03
CA THR C 151 -36.63 -43.83 62.81
C THR C 151 -37.85 -44.76 62.85
N LEU C 152 -38.17 -45.40 61.73
CA LEU C 152 -39.33 -46.29 61.66
C LEU C 152 -38.87 -47.68 61.30
N THR C 153 -39.39 -48.67 62.04
CA THR C 153 -39.12 -50.09 61.84
C THR C 153 -40.44 -50.85 61.94
N TRP C 154 -40.40 -52.15 61.63
CA TRP C 154 -41.55 -53.01 61.73
C TRP C 154 -41.19 -54.20 62.60
N ASN C 155 -42.07 -54.53 63.56
CA ASN C 155 -41.87 -55.62 64.52
C ASN C 155 -40.47 -55.52 65.13
N SER C 156 -40.09 -54.30 65.51
CA SER C 156 -38.81 -53.92 66.13
C SER C 156 -37.59 -54.22 65.27
N GLY C 157 -37.77 -54.22 63.95
CA GLY C 157 -36.69 -54.50 63.02
C GLY C 157 -36.65 -55.94 62.55
N SER C 158 -37.48 -56.82 63.16
CA SER C 158 -37.58 -58.26 62.82
C SER C 158 -38.08 -58.44 61.39
N LEU C 159 -39.05 -57.59 60.98
CA LEU C 159 -39.66 -57.61 59.66
C LEU C 159 -38.99 -56.48 58.85
N SER C 160 -38.10 -56.87 57.93
CA SER C 160 -37.32 -55.94 57.09
C SER C 160 -37.60 -56.13 55.61
N SER C 161 -38.01 -57.36 55.24
CA SER C 161 -38.35 -57.76 53.87
C SER C 161 -39.70 -57.17 53.47
N GLY C 162 -39.79 -56.73 52.23
CA GLY C 162 -41.02 -56.16 51.67
C GLY C 162 -41.43 -54.84 52.27
N VAL C 163 -40.47 -54.09 52.85
CA VAL C 163 -40.71 -52.78 53.44
C VAL C 163 -40.28 -51.63 52.55
N HIS C 164 -41.17 -50.64 52.40
CA HIS C 164 -40.88 -49.42 51.66
C HIS C 164 -41.12 -48.22 52.55
N THR C 165 -40.05 -47.55 53.00
CA THR C 165 -40.18 -46.35 53.83
C THR C 165 -39.92 -45.15 52.95
N PHE C 166 -40.94 -44.32 52.80
CA PHE C 166 -40.92 -43.17 51.93
C PHE C 166 -40.29 -41.94 52.54
N PRO C 167 -39.49 -41.20 51.74
CA PRO C 167 -38.84 -39.99 52.25
C PRO C 167 -39.83 -38.97 52.79
N ALA C 168 -39.43 -38.32 53.87
CA ALA C 168 -40.27 -37.30 54.48
C ALA C 168 -40.41 -36.12 53.51
N VAL C 169 -41.63 -35.60 53.41
CA VAL C 169 -41.95 -34.45 52.58
C VAL C 169 -42.52 -33.34 53.49
N LEU C 170 -42.01 -32.12 53.33
CA LEU C 170 -42.39 -30.99 54.15
C LEU C 170 -43.72 -30.42 53.63
N GLN C 171 -44.73 -30.37 54.51
CA GLN C 171 -46.12 -29.96 54.27
C GLN C 171 -46.51 -28.89 55.28
N SER C 172 -46.73 -27.63 54.84
CA SER C 172 -47.12 -26.51 55.72
C SER C 172 -46.21 -26.39 56.96
N ASP C 173 -44.88 -26.45 56.71
CA ASP C 173 -43.79 -26.29 57.66
C ASP C 173 -43.59 -27.47 58.66
N LEU C 174 -44.30 -28.59 58.44
CA LEU C 174 -44.18 -29.83 59.24
C LEU C 174 -44.02 -31.04 58.32
N TYR C 175 -43.27 -32.07 58.73
CA TYR C 175 -42.98 -33.26 57.92
C TYR C 175 -44.00 -34.35 57.97
N THR C 176 -44.13 -35.10 56.86
CA THR C 176 -44.99 -36.28 56.76
C THR C 176 -44.19 -37.37 56.10
N LEU C 177 -44.28 -38.56 56.65
CA LEU C 177 -43.59 -39.74 56.18
C LEU C 177 -44.54 -40.92 56.29
N SER C 178 -44.42 -41.86 55.37
CA SER C 178 -45.25 -43.06 55.35
C SER C 178 -44.42 -44.28 55.04
N SER C 179 -44.90 -45.47 55.42
CA SER C 179 -44.19 -46.71 55.14
C SER C 179 -45.16 -47.81 54.86
N SER C 180 -44.80 -48.76 54.01
CA SER C 180 -45.64 -49.91 53.71
C SER C 180 -44.85 -51.18 53.95
N VAL C 181 -45.57 -52.29 54.10
CA VAL C 181 -44.98 -53.61 54.28
C VAL C 181 -45.92 -54.61 53.63
N THR C 182 -45.37 -55.54 52.84
CA THR C 182 -46.15 -56.56 52.15
C THR C 182 -45.75 -57.93 52.67
N VAL C 183 -46.74 -58.73 53.09
CA VAL C 183 -46.53 -60.08 53.63
C VAL C 183 -47.44 -61.15 52.99
N THR C 194 -46.41 -54.74 63.40
CA THR C 194 -46.40 -53.53 64.23
C THR C 194 -45.38 -52.48 63.78
N CYS C 195 -45.83 -51.23 63.69
CA CYS C 195 -45.05 -50.05 63.28
C CYS C 195 -44.37 -49.44 64.52
N ASN C 196 -43.03 -49.28 64.52
CA ASN C 196 -42.32 -48.68 65.66
C ASN C 196 -41.72 -47.35 65.14
N VAL C 197 -42.10 -46.22 65.75
CA VAL C 197 -41.64 -44.91 65.27
C VAL C 197 -40.89 -44.18 66.38
N ALA C 198 -39.71 -43.65 66.11
CA ALA C 198 -38.96 -42.87 67.09
C ALA C 198 -38.54 -41.52 66.50
N HIS C 199 -38.82 -40.41 67.22
CA HIS C 199 -38.51 -39.04 66.82
C HIS C 199 -37.57 -38.44 67.86
N PRO C 200 -36.25 -38.45 67.55
CA PRO C 200 -35.22 -37.98 68.50
C PRO C 200 -35.50 -36.65 69.18
N ALA C 201 -35.71 -35.61 68.35
CA ALA C 201 -35.93 -34.22 68.77
C ALA C 201 -36.97 -34.03 69.84
N SER C 202 -38.01 -34.87 69.85
CA SER C 202 -39.07 -34.77 70.84
C SER C 202 -39.04 -35.91 71.87
N SER C 203 -38.02 -36.81 71.78
CA SER C 203 -37.87 -37.99 72.65
C SER C 203 -39.17 -38.84 72.66
N THR C 204 -39.83 -38.91 71.47
CA THR C 204 -41.06 -39.66 71.16
C THR C 204 -40.66 -41.04 70.66
N LYS C 205 -41.37 -42.09 71.11
CA LYS C 205 -41.23 -43.48 70.68
C LYS C 205 -42.60 -44.10 70.76
N VAL C 206 -43.15 -44.44 69.61
CA VAL C 206 -44.50 -44.93 69.39
C VAL C 206 -44.48 -46.37 68.84
N ASP C 207 -45.50 -47.15 69.16
CA ASP C 207 -45.63 -48.53 68.69
C ASP C 207 -47.12 -48.78 68.40
N LYS C 208 -47.47 -48.95 67.10
CA LYS C 208 -48.85 -49.14 66.63
C LYS C 208 -49.07 -50.46 65.87
N LYS C 209 -49.90 -51.39 66.41
CA LYS C 209 -50.20 -52.65 65.69
C LYS C 209 -51.15 -52.41 64.52
N ASP D 1 -19.97 -16.23 30.62
CA ASP D 1 -19.51 -17.47 31.24
C ASP D 1 -19.59 -18.64 30.29
N ILE D 2 -18.74 -19.65 30.50
CA ILE D 2 -18.71 -20.87 29.69
C ILE D 2 -19.82 -21.78 30.18
N GLN D 3 -20.75 -22.16 29.30
CA GLN D 3 -21.83 -23.06 29.64
C GLN D 3 -21.41 -24.45 29.26
N MET D 4 -21.53 -25.39 30.21
CA MET D 4 -21.22 -26.81 29.97
C MET D 4 -22.54 -27.55 29.80
N THR D 5 -22.81 -28.03 28.59
CA THR D 5 -24.08 -28.72 28.28
C THR D 5 -23.85 -30.20 28.35
N GLN D 6 -24.38 -30.80 29.42
CA GLN D 6 -24.18 -32.20 29.72
C GLN D 6 -25.37 -33.06 29.38
N SER D 7 -25.13 -34.09 28.58
CA SER D 7 -26.13 -35.04 28.13
C SER D 7 -25.63 -36.49 28.22
N PRO D 8 -26.52 -37.47 28.43
CA PRO D 8 -27.95 -37.30 28.69
C PRO D 8 -28.17 -36.93 30.16
N SER D 9 -29.37 -36.40 30.47
CA SER D 9 -29.80 -36.02 31.81
C SER D 9 -29.82 -37.25 32.69
N SER D 10 -30.38 -38.32 32.12
CA SER D 10 -30.47 -39.63 32.72
C SER D 10 -30.07 -40.64 31.68
N LEU D 11 -29.61 -41.80 32.14
CA LEU D 11 -29.19 -42.88 31.30
C LEU D 11 -29.47 -44.18 32.04
N SER D 12 -30.27 -45.06 31.45
CA SER D 12 -30.58 -46.36 32.03
C SER D 12 -29.67 -47.33 31.33
N ALA D 13 -28.98 -48.13 32.13
CA ALA D 13 -28.06 -49.09 31.58
C ALA D 13 -28.06 -50.34 32.41
N SER D 14 -27.37 -51.40 31.95
CA SER D 14 -27.24 -52.60 32.75
C SER D 14 -25.82 -52.89 33.16
N LEU D 15 -25.67 -53.74 34.19
CA LEU D 15 -24.33 -54.12 34.63
C LEU D 15 -23.58 -54.65 33.43
N GLY D 16 -22.35 -54.19 33.27
CA GLY D 16 -21.49 -54.61 32.16
C GLY D 16 -21.57 -53.78 30.89
N GLU D 17 -22.47 -52.78 30.86
CA GLU D 17 -22.66 -51.94 29.68
C GLU D 17 -21.63 -50.86 29.58
N ARG D 18 -21.14 -50.61 28.37
CA ARG D 18 -20.24 -49.48 28.16
C ARG D 18 -21.17 -48.31 27.94
N VAL D 19 -20.92 -47.18 28.61
CA VAL D 19 -21.76 -45.99 28.44
C VAL D 19 -20.90 -44.78 28.44
N SER D 20 -21.40 -43.69 27.91
CA SER D 20 -20.64 -42.46 27.91
C SER D 20 -21.52 -41.29 28.11
N LEU D 21 -20.97 -40.28 28.67
CA LEU D 21 -21.68 -39.06 28.95
C LEU D 21 -20.94 -38.03 28.14
N THR D 22 -21.61 -36.93 27.80
CA THR D 22 -20.95 -35.89 27.04
C THR D 22 -21.17 -34.51 27.62
N CYS D 23 -20.12 -33.69 27.57
CA CYS D 23 -20.14 -32.28 27.93
C CYS D 23 -19.67 -31.47 26.78
N ARG D 24 -20.54 -30.56 26.34
CA ARG D 24 -20.22 -29.65 25.25
C ARG D 24 -19.97 -28.26 25.83
N ALA D 25 -18.80 -27.69 25.56
CA ALA D 25 -18.49 -26.38 26.09
C ALA D 25 -18.87 -25.25 25.15
N SER D 26 -19.42 -24.19 25.72
CA SER D 26 -19.80 -22.90 25.12
C SER D 26 -18.69 -22.24 24.32
N GLN D 27 -17.46 -22.38 24.84
CA GLN D 27 -16.24 -21.72 24.42
C GLN D 27 -15.11 -22.76 24.54
N ASP D 28 -13.94 -22.50 23.93
CA ASP D 28 -12.84 -23.47 24.04
C ASP D 28 -12.35 -23.56 25.48
N ILE D 29 -12.33 -24.77 26.02
CA ILE D 29 -11.83 -24.96 27.36
C ILE D 29 -10.45 -25.65 27.37
N GLY D 30 -9.95 -25.88 26.17
CA GLY D 30 -8.64 -26.46 25.92
C GLY D 30 -8.26 -27.67 26.73
N GLY D 31 -9.26 -28.49 27.08
CA GLY D 31 -9.05 -29.71 27.83
C GLY D 31 -8.99 -29.51 29.32
N ASN D 32 -9.26 -28.31 29.77
CA ASN D 32 -9.31 -28.09 31.18
C ASN D 32 -10.71 -28.53 31.67
N LEU D 33 -10.91 -29.86 31.73
CA LEU D 33 -12.18 -30.42 32.17
C LEU D 33 -12.00 -31.49 33.21
N TYR D 34 -12.85 -31.47 34.23
CA TYR D 34 -12.87 -32.48 35.26
C TYR D 34 -14.19 -33.22 35.17
N TRP D 35 -14.21 -34.46 35.67
CA TRP D 35 -15.39 -35.28 35.84
C TRP D 35 -15.44 -35.65 37.30
N LEU D 36 -16.60 -35.39 37.91
CA LEU D 36 -16.94 -35.60 39.33
C LEU D 36 -18.03 -36.64 39.44
N GLN D 37 -17.95 -37.40 40.49
CA GLN D 37 -18.94 -38.43 40.72
C GLN D 37 -19.55 -38.07 42.03
N GLN D 38 -20.87 -38.17 42.14
CA GLN D 38 -21.52 -37.91 43.41
C GLN D 38 -22.37 -39.09 43.77
N GLY D 39 -22.11 -39.65 44.94
CA GLY D 39 -22.84 -40.80 45.37
C GLY D 39 -24.12 -40.47 46.09
N PRO D 40 -24.86 -41.54 46.43
CA PRO D 40 -26.09 -41.40 47.24
C PRO D 40 -25.89 -40.72 48.59
N ASP D 41 -24.66 -40.81 49.12
CA ASP D 41 -24.23 -40.22 50.38
C ASP D 41 -24.14 -38.66 50.24
N GLY D 42 -24.00 -38.19 49.00
CA GLY D 42 -23.83 -36.78 48.63
C GLY D 42 -22.37 -36.47 48.46
N THR D 43 -21.54 -37.47 48.69
CA THR D 43 -20.11 -37.34 48.59
C THR D 43 -19.63 -37.31 47.13
N ILE D 44 -18.90 -36.24 46.86
CA ILE D 44 -18.28 -35.93 45.58
C ILE D 44 -16.81 -36.45 45.56
N LYS D 45 -16.42 -37.10 44.48
CA LYS D 45 -15.08 -37.63 44.23
C LYS D 45 -14.70 -37.13 42.86
N ARG D 46 -13.48 -36.58 42.71
CA ARG D 46 -13.04 -36.23 41.36
C ARG D 46 -12.46 -37.51 40.69
N LEU D 47 -12.92 -37.81 39.45
CA LEU D 47 -12.50 -38.99 38.70
C LEU D 47 -11.43 -38.66 37.72
N ILE D 48 -11.66 -37.60 36.96
CA ILE D 48 -10.80 -37.20 35.86
C ILE D 48 -10.44 -35.75 35.95
N TYR D 49 -9.18 -35.44 35.62
CA TYR D 49 -8.66 -34.08 35.51
C TYR D 49 -8.05 -34.01 34.14
N ALA D 50 -7.91 -32.83 33.61
CA ALA D 50 -7.32 -32.62 32.31
C ALA D 50 -7.91 -33.53 31.23
N THR D 51 -9.24 -33.60 31.13
CA THR D 51 -9.98 -34.32 30.06
C THR D 51 -9.96 -35.86 30.10
N SER D 52 -8.78 -36.45 30.32
CA SER D 52 -8.58 -37.87 30.24
C SER D 52 -7.72 -38.44 31.34
N SER D 53 -7.11 -37.59 32.16
CA SER D 53 -6.26 -38.08 33.24
C SER D 53 -7.07 -38.56 34.41
N LEU D 54 -6.85 -39.81 34.71
CA LEU D 54 -7.55 -40.50 35.74
C LEU D 54 -6.86 -40.25 37.12
N ASP D 55 -7.67 -39.86 38.13
CA ASP D 55 -7.22 -39.65 39.52
C ASP D 55 -6.86 -40.93 40.18
N SER D 56 -6.11 -40.85 41.33
CA SER D 56 -5.62 -42.07 41.95
C SER D 56 -6.70 -42.96 42.50
N GLY D 57 -6.54 -44.25 42.22
CA GLY D 57 -7.48 -45.28 42.65
C GLY D 57 -8.84 -45.20 42.00
N VAL D 58 -8.94 -44.42 40.90
CA VAL D 58 -10.18 -44.37 40.13
C VAL D 58 -10.08 -45.56 39.19
N PRO D 59 -11.04 -46.50 39.32
CA PRO D 59 -10.97 -47.73 38.52
C PRO D 59 -10.67 -47.46 37.07
N LYS D 60 -9.91 -48.37 36.45
CA LYS D 60 -9.50 -48.23 35.06
C LYS D 60 -10.68 -48.29 34.05
N ARG D 61 -11.86 -48.71 34.53
CA ARG D 61 -13.03 -48.69 33.69
C ARG D 61 -13.45 -47.29 33.27
N PHE D 62 -13.12 -46.27 34.11
CA PHE D 62 -13.38 -44.87 33.81
C PHE D 62 -12.31 -44.29 32.94
N SER D 63 -12.74 -43.53 31.95
CA SER D 63 -11.84 -42.93 30.98
C SER D 63 -12.46 -41.70 30.39
N GLY D 64 -11.61 -40.87 29.84
CA GLY D 64 -12.09 -39.63 29.27
C GLY D 64 -11.44 -39.38 27.95
N SER D 65 -12.14 -38.61 27.13
CA SER D 65 -11.68 -38.23 25.80
C SER D 65 -12.34 -36.93 25.37
N ARG D 66 -11.93 -36.46 24.22
CA ARG D 66 -12.45 -35.25 23.61
C ARG D 66 -12.38 -35.44 22.11
N SER D 67 -13.36 -34.87 21.40
CA SER D 67 -13.35 -34.71 19.95
C SER D 67 -14.10 -33.38 19.73
N GLY D 68 -13.32 -32.34 19.43
CA GLY D 68 -13.83 -30.98 19.24
C GLY D 68 -14.25 -30.32 20.54
N SER D 69 -15.49 -29.79 20.56
CA SER D 69 -16.06 -29.13 21.73
C SER D 69 -16.79 -30.14 22.62
N ASP D 70 -16.80 -31.44 22.21
CA ASP D 70 -17.42 -32.54 22.93
C ASP D 70 -16.44 -33.39 23.71
N TYR D 71 -16.65 -33.40 25.02
CA TYR D 71 -15.85 -34.11 26.01
C TYR D 71 -16.66 -35.24 26.59
N SER D 72 -16.07 -36.43 26.70
CA SER D 72 -16.83 -37.58 27.16
C SER D 72 -16.19 -38.33 28.28
N LEU D 73 -17.06 -38.84 29.18
CA LEU D 73 -16.70 -39.76 30.26
C LEU D 73 -17.28 -41.09 29.85
N THR D 74 -16.44 -42.10 29.76
CA THR D 74 -16.84 -43.42 29.35
C THR D 74 -16.55 -44.39 30.46
N ILE D 75 -17.49 -45.25 30.75
CA ILE D 75 -17.33 -46.31 31.75
C ILE D 75 -17.36 -47.56 30.88
N SER D 76 -16.24 -48.27 30.79
CA SER D 76 -16.14 -49.40 29.89
C SER D 76 -17.11 -50.50 30.23
N SER D 77 -17.35 -50.76 31.52
CA SER D 77 -18.22 -51.86 31.92
C SER D 77 -18.74 -51.54 33.29
N LEU D 78 -20.03 -51.23 33.36
CA LEU D 78 -20.68 -50.83 34.59
C LEU D 78 -20.69 -51.86 35.68
N GLU D 79 -20.37 -51.39 36.91
CA GLU D 79 -20.47 -52.16 38.14
C GLU D 79 -21.54 -51.48 38.96
N SER D 80 -22.21 -52.22 39.86
CA SER D 80 -23.35 -51.70 40.62
C SER D 80 -23.11 -50.35 41.26
N GLU D 81 -21.90 -50.18 41.78
CA GLU D 81 -21.47 -48.97 42.46
C GLU D 81 -21.46 -47.72 41.56
N ASP D 82 -21.46 -47.92 40.24
CA ASP D 82 -21.38 -46.84 39.26
C ASP D 82 -22.70 -46.11 38.96
N PHE D 83 -23.82 -46.63 39.46
CA PHE D 83 -25.12 -46.06 39.15
C PHE D 83 -25.47 -44.89 40.04
N VAL D 84 -24.73 -43.83 39.81
CA VAL D 84 -24.80 -42.61 40.58
C VAL D 84 -24.95 -41.39 39.65
N ASP D 85 -24.62 -40.19 40.18
CA ASP D 85 -24.62 -38.92 39.45
C ASP D 85 -23.23 -38.51 39.05
N TYR D 86 -23.14 -37.90 37.86
CA TYR D 86 -21.89 -37.43 37.31
C TYR D 86 -22.02 -36.02 36.78
N TYR D 87 -20.98 -35.21 36.98
CA TYR D 87 -20.95 -33.82 36.56
C TYR D 87 -19.61 -33.50 35.98
N CYS D 88 -19.59 -32.69 34.93
CA CYS D 88 -18.32 -32.22 34.44
C CYS D 88 -18.15 -30.83 35.01
N LEU D 89 -16.90 -30.34 34.98
CA LEU D 89 -16.51 -29.04 35.51
C LEU D 89 -15.34 -28.49 34.70
N GLN D 90 -15.50 -27.29 34.12
CA GLN D 90 -14.43 -26.67 33.35
C GLN D 90 -13.66 -25.75 34.25
N TYR D 91 -12.34 -25.73 34.06
CA TYR D 91 -11.45 -24.87 34.83
C TYR D 91 -10.54 -24.02 33.92
N SER D 92 -11.01 -23.81 32.69
CA SER D 92 -10.32 -22.97 31.73
C SER D 92 -10.38 -21.52 32.21
N SER D 93 -11.57 -21.04 32.59
CA SER D 93 -11.71 -19.64 32.94
C SER D 93 -12.53 -19.33 34.17
N SER D 94 -12.27 -18.07 34.64
CA SER D 94 -12.72 -17.27 35.79
C SER D 94 -13.89 -17.88 36.59
N PRO D 95 -15.20 -17.97 36.13
CA PRO D 95 -16.18 -18.68 36.95
C PRO D 95 -16.18 -20.19 36.57
N TRP D 96 -15.70 -21.05 37.48
CA TRP D 96 -15.71 -22.48 37.25
C TRP D 96 -17.16 -22.83 37.06
N THR D 97 -17.49 -23.58 35.99
CA THR D 97 -18.88 -23.96 35.68
C THR D 97 -19.02 -25.44 35.48
N PHE D 98 -20.18 -25.98 35.88
CA PHE D 98 -20.47 -27.40 35.81
C PHE D 98 -21.48 -27.73 34.76
N GLY D 99 -21.49 -29.00 34.39
CA GLY D 99 -22.52 -29.55 33.52
C GLY D 99 -23.75 -29.78 34.38
N GLY D 100 -24.90 -29.97 33.72
CA GLY D 100 -26.18 -30.19 34.38
C GLY D 100 -26.31 -31.45 35.19
N GLY D 101 -25.42 -32.40 34.93
CA GLY D 101 -25.40 -33.68 35.59
C GLY D 101 -26.06 -34.76 34.77
N THR D 102 -25.67 -36.02 35.09
CA THR D 102 -26.24 -37.23 34.52
C THR D 102 -26.47 -38.24 35.61
N LYS D 103 -27.69 -38.78 35.70
CA LYS D 103 -27.99 -39.83 36.64
C LYS D 103 -28.07 -41.16 35.97
N LEU D 104 -27.20 -42.11 36.39
CA LEU D 104 -27.28 -43.49 35.94
C LEU D 104 -28.30 -44.32 36.72
N GLU D 105 -29.22 -44.93 35.99
CA GLU D 105 -30.30 -45.79 36.49
C GLU D 105 -30.03 -47.22 35.99
N ILE D 106 -30.50 -48.26 36.72
CA ILE D 106 -30.41 -49.64 36.24
C ILE D 106 -31.64 -49.94 35.41
N LYS D 107 -31.41 -50.34 34.14
CA LYS D 107 -32.40 -50.78 33.16
C LYS D 107 -32.89 -52.14 33.65
N ARG D 108 -34.20 -52.32 33.63
CA ARG D 108 -34.84 -53.51 34.18
C ARG D 108 -35.99 -53.87 33.28
N ALA D 109 -36.62 -55.03 33.51
CA ALA D 109 -37.82 -55.42 32.80
C ALA D 109 -38.94 -54.51 33.30
N ASP D 110 -39.87 -54.12 32.43
CA ASP D 110 -40.97 -53.28 32.93
C ASP D 110 -41.79 -54.01 33.99
N ALA D 111 -42.39 -53.26 34.90
CA ALA D 111 -43.20 -53.83 35.95
C ALA D 111 -44.32 -52.89 36.30
N ALA D 112 -45.55 -53.42 36.40
CA ALA D 112 -46.71 -52.65 36.77
C ALA D 112 -46.71 -52.44 38.29
N PRO D 113 -47.18 -51.28 38.79
CA PRO D 113 -47.20 -51.08 40.24
C PRO D 113 -48.26 -51.93 40.95
N THR D 114 -48.00 -52.23 42.23
CA THR D 114 -48.97 -52.86 43.11
C THR D 114 -49.57 -51.66 43.83
N VAL D 115 -50.84 -51.37 43.51
CA VAL D 115 -51.55 -50.20 44.02
C VAL D 115 -52.44 -50.61 45.21
N SER D 116 -52.27 -49.91 46.35
CA SER D 116 -53.02 -50.13 47.59
C SER D 116 -53.55 -48.79 48.09
N ILE D 117 -54.87 -48.73 48.40
CA ILE D 117 -55.46 -47.51 48.96
C ILE D 117 -55.87 -47.75 50.40
N PHE D 118 -55.65 -46.73 51.24
CA PHE D 118 -55.94 -46.82 52.66
C PHE D 118 -56.73 -45.65 53.16
N PRO D 119 -57.91 -45.93 53.75
CA PRO D 119 -58.73 -44.86 54.31
C PRO D 119 -58.09 -44.30 55.57
N PRO D 120 -58.40 -43.03 55.90
CA PRO D 120 -57.86 -42.42 57.13
C PRO D 120 -58.01 -43.31 58.36
N SER D 121 -57.05 -43.23 59.29
CA SER D 121 -57.10 -44.00 60.52
C SER D 121 -58.15 -43.41 61.44
N SER D 122 -58.73 -44.25 62.30
CA SER D 122 -59.71 -43.81 63.28
C SER D 122 -59.10 -42.74 64.18
N GLU D 123 -57.81 -42.90 64.57
CA GLU D 123 -57.10 -41.90 65.38
C GLU D 123 -56.99 -40.53 64.76
N GLN D 124 -56.79 -40.46 63.44
CA GLN D 124 -56.69 -39.17 62.77
C GLN D 124 -58.05 -38.52 62.75
N LEU D 125 -59.08 -39.31 62.45
CA LEU D 125 -60.44 -38.79 62.39
C LEU D 125 -60.89 -38.21 63.72
N THR D 126 -60.48 -38.85 64.85
CA THR D 126 -60.78 -38.36 66.21
C THR D 126 -60.17 -36.96 66.41
N SER D 127 -58.96 -36.76 65.81
CA SER D 127 -58.14 -35.55 65.83
C SER D 127 -58.67 -34.41 64.92
N GLY D 128 -59.59 -34.71 64.00
CA GLY D 128 -60.25 -33.73 63.11
C GLY D 128 -59.85 -33.69 61.66
N GLY D 129 -58.74 -34.33 61.33
CA GLY D 129 -58.20 -34.40 59.98
C GLY D 129 -58.43 -35.73 59.28
N ALA D 130 -58.22 -35.76 57.96
CA ALA D 130 -58.38 -36.98 57.17
C ALA D 130 -57.44 -37.01 56.00
N SER D 131 -56.52 -37.98 56.03
CA SER D 131 -55.54 -38.23 54.99
C SER D 131 -55.71 -39.62 54.42
N VAL D 132 -55.93 -39.66 53.10
CA VAL D 132 -56.08 -40.88 52.33
C VAL D 132 -54.75 -41.16 51.66
N VAL D 133 -54.22 -42.38 51.85
CA VAL D 133 -52.92 -42.73 51.32
C VAL D 133 -53.02 -43.87 50.29
N CYS D 134 -52.34 -43.67 49.17
CA CYS D 134 -52.31 -44.66 48.12
C CYS D 134 -50.83 -44.98 47.79
N PHE D 135 -50.44 -46.26 47.97
CA PHE D 135 -49.11 -46.73 47.66
C PHE D 135 -49.06 -47.37 46.27
N LEU D 136 -48.09 -46.95 45.46
CA LEU D 136 -47.81 -47.45 44.12
C LEU D 136 -46.44 -48.13 44.25
N ASN D 137 -46.45 -49.44 44.52
CA ASN D 137 -45.23 -50.18 44.85
C ASN D 137 -44.65 -51.04 43.76
N ASN D 138 -43.33 -51.07 43.72
CA ASN D 138 -42.50 -51.94 42.89
C ASN D 138 -42.82 -51.91 41.37
N PHE D 139 -42.70 -50.73 40.77
CA PHE D 139 -42.92 -50.55 39.36
C PHE D 139 -41.62 -50.11 38.64
N TYR D 140 -41.61 -50.23 37.29
CA TYR D 140 -40.50 -49.86 36.44
C TYR D 140 -41.03 -49.63 35.00
N PRO D 141 -40.66 -48.52 34.29
CA PRO D 141 -39.77 -47.40 34.67
C PRO D 141 -40.31 -46.49 35.75
N LYS D 142 -39.46 -45.52 36.16
CA LYS D 142 -39.71 -44.57 37.26
C LYS D 142 -40.83 -43.56 37.01
N ASP D 143 -41.07 -43.19 35.72
CA ASP D 143 -42.13 -42.27 35.29
C ASP D 143 -43.52 -42.85 35.55
N ILE D 144 -44.28 -42.19 36.48
CA ILE D 144 -45.65 -42.60 36.84
C ILE D 144 -46.52 -41.39 37.21
N ASN D 145 -47.78 -41.44 36.78
CA ASN D 145 -48.78 -40.44 37.06
C ASN D 145 -49.77 -41.02 38.08
N VAL D 146 -50.18 -40.19 39.03
CA VAL D 146 -51.20 -40.59 39.99
C VAL D 146 -52.30 -39.53 39.95
N LYS D 147 -53.57 -39.98 39.96
CA LYS D 147 -54.73 -39.10 39.90
C LYS D 147 -55.87 -39.76 40.64
N VAL D 159 -52.80 -32.51 48.01
CA VAL D 159 -52.12 -33.75 47.62
C VAL D 159 -50.56 -33.62 47.61
N LEU D 160 -49.89 -34.56 48.29
CA LEU D 160 -48.43 -34.62 48.37
C LEU D 160 -47.89 -35.95 47.92
N ASN D 161 -46.79 -35.89 47.16
CA ASN D 161 -46.14 -37.07 46.62
C ASN D 161 -44.72 -37.23 47.14
N SER D 162 -44.32 -38.49 47.35
CA SER D 162 -42.99 -38.85 47.83
C SER D 162 -42.58 -40.12 47.12
N TRP D 163 -41.45 -40.06 46.41
CA TRP D 163 -40.97 -41.17 45.60
C TRP D 163 -39.71 -41.77 46.19
N THR D 164 -39.60 -43.11 46.14
CA THR D 164 -38.39 -43.78 46.61
C THR D 164 -37.34 -43.72 45.51
N ASP D 165 -36.07 -43.88 45.88
CA ASP D 165 -35.05 -44.04 44.87
C ASP D 165 -35.07 -45.52 44.49
N GLN D 166 -34.36 -45.88 43.45
CA GLN D 166 -34.34 -47.23 42.92
C GLN D 166 -33.92 -48.25 43.97
N ASP D 167 -34.70 -49.34 44.05
CA ASP D 167 -34.51 -50.42 45.02
C ASP D 167 -33.23 -51.13 44.78
N SER D 168 -32.41 -51.28 45.83
CA SER D 168 -31.09 -51.90 45.70
C SER D 168 -31.16 -53.38 45.36
N LYS D 169 -32.28 -54.04 45.69
CA LYS D 169 -32.41 -55.45 45.38
C LYS D 169 -33.13 -55.73 44.06
N ASP D 170 -34.31 -55.13 43.85
CA ASP D 170 -35.04 -55.50 42.64
C ASP D 170 -35.07 -54.43 41.54
N SER D 171 -34.35 -53.29 41.70
CA SER D 171 -34.27 -52.23 40.68
C SER D 171 -35.62 -51.56 40.33
N THR D 172 -36.65 -51.77 41.15
CA THR D 172 -37.94 -51.13 40.91
C THR D 172 -38.00 -49.80 41.65
N TYR D 173 -39.11 -49.09 41.50
CA TYR D 173 -39.38 -47.82 42.15
C TYR D 173 -40.70 -47.95 42.85
N SER D 174 -40.93 -47.08 43.85
CA SER D 174 -42.20 -46.97 44.59
C SER D 174 -42.57 -45.51 44.86
N MET D 175 -43.87 -45.23 45.01
CA MET D 175 -44.43 -43.89 45.25
C MET D 175 -45.56 -43.88 46.30
N SER D 176 -45.68 -42.77 47.06
CA SER D 176 -46.77 -42.54 48.01
C SER D 176 -47.41 -41.19 47.69
N SER D 177 -48.73 -41.18 47.52
CA SER D 177 -49.50 -39.97 47.26
C SER D 177 -50.53 -39.87 48.37
N THR D 178 -50.52 -38.75 49.09
CA THR D 178 -51.38 -38.54 50.25
C THR D 178 -52.21 -37.27 50.08
N LEU D 179 -53.38 -37.22 50.71
CA LEU D 179 -54.28 -36.09 50.57
C LEU D 179 -54.45 -35.30 51.88
N ALA D 196 -53.69 -44.79 39.11
CA ALA D 196 -52.29 -44.78 38.68
C ALA D 196 -52.20 -45.07 37.19
N THR D 197 -51.46 -44.22 36.45
CA THR D 197 -51.25 -44.27 34.98
C THR D 197 -49.75 -44.59 34.73
N HIS D 198 -49.45 -45.82 34.18
CA HIS D 198 -48.09 -46.27 33.91
C HIS D 198 -47.99 -46.89 32.55
N LYS D 199 -46.79 -46.83 31.95
CA LYS D 199 -46.44 -47.38 30.66
C LYS D 199 -47.03 -48.78 30.44
N THR D 200 -47.00 -49.61 31.51
CA THR D 200 -47.39 -51.01 31.47
C THR D 200 -48.88 -51.27 31.24
N SER D 201 -49.75 -50.26 31.46
CA SER D 201 -51.19 -50.42 31.21
C SER D 201 -51.69 -49.53 30.08
N THR D 202 -52.69 -50.03 29.33
CA THR D 202 -53.33 -49.28 28.24
C THR D 202 -54.22 -48.21 28.91
N SER D 203 -54.98 -48.64 29.92
CA SER D 203 -55.88 -47.83 30.75
C SER D 203 -55.36 -47.85 32.22
N PRO D 204 -55.64 -46.81 33.04
CA PRO D 204 -55.09 -46.79 34.41
C PRO D 204 -55.52 -47.89 35.39
N ILE D 205 -54.72 -48.07 36.47
CA ILE D 205 -55.00 -48.98 37.59
C ILE D 205 -55.81 -48.17 38.56
N VAL D 206 -57.06 -48.60 38.80
CA VAL D 206 -57.94 -47.84 39.67
C VAL D 206 -58.14 -48.55 41.01
N LYS D 207 -57.91 -47.79 42.10
CA LYS D 207 -58.10 -48.16 43.50
C LYS D 207 -58.83 -47.04 44.27
N SER D 208 -60.02 -47.37 44.85
CA SER D 208 -60.92 -46.54 45.66
C SER D 208 -61.71 -47.41 46.68
N PHE D 209 -62.35 -46.79 47.70
CA PHE D 209 -63.06 -47.54 48.76
C PHE D 209 -64.49 -47.04 49.06
N HIS E 1 32.36 12.68 -39.00
CA HIS E 1 33.47 12.89 -38.08
C HIS E 1 33.10 12.36 -36.63
N LEU E 2 33.12 13.25 -35.60
CA LEU E 2 32.87 12.99 -34.17
C LEU E 2 34.00 12.18 -33.49
N TYR E 3 33.82 10.83 -33.38
CA TYR E 3 34.79 9.93 -32.74
C TYR E 3 35.48 8.99 -33.77
N PRO E 4 36.69 9.39 -34.26
CA PRO E 4 37.39 8.53 -35.24
C PRO E 4 37.98 7.27 -34.60
N GLY E 5 38.77 7.45 -33.51
CA GLY E 5 39.44 6.39 -32.76
C GLY E 5 38.55 5.44 -31.97
N GLU E 6 39.18 4.58 -31.18
CA GLU E 6 38.53 3.55 -30.39
C GLU E 6 37.81 4.08 -29.15
N VAL E 7 36.92 3.24 -28.65
CA VAL E 7 36.25 3.39 -27.37
C VAL E 7 36.97 2.41 -26.47
N CYS E 8 37.57 2.90 -25.40
CA CYS E 8 38.28 2.01 -24.52
C CYS E 8 37.62 1.91 -23.21
N PRO E 9 37.82 0.80 -22.49
CA PRO E 9 37.25 0.70 -21.13
C PRO E 9 38.09 1.49 -20.11
N GLY E 10 37.53 1.66 -18.92
CA GLY E 10 38.19 2.34 -17.82
C GLY E 10 39.52 1.71 -17.47
N MET E 11 40.41 2.50 -16.87
CA MET E 11 41.72 2.01 -16.44
C MET E 11 42.12 2.60 -15.11
N ASP E 12 42.87 1.80 -14.32
CA ASP E 12 43.56 2.16 -13.08
C ASP E 12 45.06 1.91 -13.30
N ILE E 13 45.78 2.99 -13.59
CA ILE E 13 47.21 2.93 -13.90
C ILE E 13 48.02 3.35 -12.69
N ARG E 14 48.83 2.40 -12.18
CA ARG E 14 49.63 2.54 -10.96
C ARG E 14 51.08 2.16 -11.18
N ASN E 15 51.95 2.59 -10.26
CA ASN E 15 53.37 2.24 -10.13
C ASN E 15 54.26 2.75 -11.27
N ASN E 16 54.10 2.20 -12.49
CA ASN E 16 54.90 2.63 -13.63
C ASN E 16 54.02 3.07 -14.77
N LEU E 17 54.61 3.82 -15.71
CA LEU E 17 53.88 4.30 -16.88
C LEU E 17 53.63 3.28 -18.00
N THR E 18 54.18 2.05 -17.88
CA THR E 18 54.04 1.02 -18.92
C THR E 18 52.63 0.86 -19.48
N ARG E 19 51.65 0.56 -18.61
CA ARG E 19 50.27 0.33 -19.03
C ARG E 19 49.55 1.55 -19.62
N LEU E 20 50.11 2.74 -19.39
CA LEU E 20 49.50 3.97 -19.87
C LEU E 20 49.37 4.04 -21.41
N HIS E 21 50.26 3.35 -22.11
CA HIS E 21 50.27 3.32 -23.57
C HIS E 21 49.12 2.54 -24.12
N GLU E 22 48.36 1.86 -23.25
CA GLU E 22 47.13 1.19 -23.68
C GLU E 22 46.06 2.20 -24.14
N LEU E 23 46.21 3.48 -23.75
CA LEU E 23 45.31 4.58 -24.14
C LEU E 23 45.61 5.18 -25.51
N GLU E 24 46.68 4.70 -26.12
CA GLU E 24 47.25 5.15 -27.40
C GLU E 24 46.20 5.59 -28.43
N ASN E 25 45.19 4.75 -28.68
CA ASN E 25 44.21 5.01 -29.72
C ASN E 25 42.80 5.42 -29.26
N CYS E 26 42.59 5.62 -27.95
CA CYS E 26 41.25 5.95 -27.42
C CYS E 26 40.83 7.35 -27.69
N SER E 27 39.62 7.50 -28.24
CA SER E 27 39.01 8.80 -28.44
C SER E 27 38.04 9.01 -27.25
N VAL E 28 37.50 7.90 -26.71
CA VAL E 28 36.57 7.90 -25.58
C VAL E 28 36.96 6.83 -24.59
N ILE E 29 36.99 7.17 -23.30
CA ILE E 29 37.16 6.18 -22.25
C ILE E 29 35.78 5.94 -21.69
N GLU E 30 35.28 4.73 -21.88
CA GLU E 30 33.97 4.32 -21.43
C GLU E 30 34.25 3.66 -20.08
N GLY E 31 34.30 4.51 -19.06
CA GLY E 31 34.66 4.16 -17.70
C GLY E 31 35.40 5.32 -17.08
N HIS E 32 36.21 5.05 -16.04
CA HIS E 32 37.01 6.11 -15.42
C HIS E 32 38.48 5.99 -15.78
N LEU E 33 39.25 6.99 -15.42
CA LEU E 33 40.68 6.97 -15.60
C LEU E 33 41.31 7.41 -14.31
N GLN E 34 42.03 6.50 -13.67
CA GLN E 34 42.80 6.77 -12.47
C GLN E 34 44.27 6.57 -12.81
N ILE E 35 45.09 7.57 -12.47
CA ILE E 35 46.53 7.49 -12.61
C ILE E 35 47.05 7.82 -11.21
N LEU E 36 47.76 6.86 -10.59
CA LEU E 36 48.18 7.01 -9.21
C LEU E 36 49.41 6.25 -8.79
N LEU E 37 50.01 6.71 -7.69
CA LEU E 37 51.10 6.05 -6.99
C LEU E 37 52.28 5.70 -7.87
N MET E 38 52.83 6.74 -8.50
CA MET E 38 54.04 6.64 -9.32
C MET E 38 55.08 7.45 -8.67
N PHE E 39 55.88 6.78 -7.86
CA PHE E 39 56.87 7.44 -7.06
C PHE E 39 58.21 7.62 -7.71
N LYS E 40 58.52 6.82 -8.75
CA LYS E 40 59.85 6.89 -9.36
C LYS E 40 59.89 7.67 -10.64
N THR E 41 58.72 8.06 -11.18
CA THR E 41 58.61 8.91 -12.38
C THR E 41 59.22 10.30 -12.16
N ARG E 42 59.76 10.85 -13.24
CA ARG E 42 60.41 12.14 -13.29
C ARG E 42 59.92 12.92 -14.52
N PRO E 43 60.12 14.26 -14.60
CA PRO E 43 59.63 15.02 -15.77
C PRO E 43 60.02 14.43 -17.14
N GLU E 44 61.25 13.88 -17.25
CA GLU E 44 61.82 13.22 -18.44
C GLU E 44 60.83 12.19 -18.98
N ASP E 45 60.18 11.43 -18.08
CA ASP E 45 59.22 10.37 -18.43
C ASP E 45 57.96 10.90 -19.12
N PHE E 46 57.63 12.19 -18.90
CA PHE E 46 56.43 12.82 -19.44
C PHE E 46 56.68 13.73 -20.65
N ARG E 47 57.94 14.15 -20.86
CA ARG E 47 58.31 15.05 -21.96
C ARG E 47 57.81 14.61 -23.35
N ASP E 48 57.84 13.31 -23.65
CA ASP E 48 57.37 12.86 -24.96
C ASP E 48 56.12 11.97 -24.78
N LEU E 49 55.21 12.35 -23.87
CA LEU E 49 54.04 11.52 -23.58
C LEU E 49 52.78 12.33 -23.75
N SER E 50 51.95 11.90 -24.71
CA SER E 50 50.75 12.61 -25.12
C SER E 50 49.68 11.70 -25.62
N PHE E 51 48.41 12.01 -25.28
CA PHE E 51 47.22 11.26 -25.76
C PHE E 51 46.25 12.23 -26.42
N PRO E 52 46.63 12.77 -27.60
CA PRO E 52 45.82 13.81 -28.24
C PRO E 52 44.51 13.32 -28.79
N LYS E 53 44.37 11.99 -28.91
CA LYS E 53 43.11 11.43 -29.41
C LYS E 53 41.99 11.46 -28.37
N LEU E 54 42.33 11.47 -27.07
CA LEU E 54 41.33 11.44 -26.01
C LEU E 54 40.53 12.75 -25.92
N ILE E 55 39.22 12.61 -26.21
CA ILE E 55 38.26 13.70 -26.24
C ILE E 55 37.33 13.61 -25.06
N MET E 56 36.97 12.40 -24.64
CA MET E 56 35.97 12.27 -23.60
C MET E 56 36.11 11.07 -22.66
N ILE E 57 35.72 11.26 -21.39
CA ILE E 57 35.69 10.24 -20.33
C ILE E 57 34.26 10.18 -19.82
N THR E 58 33.63 8.99 -19.81
CA THR E 58 32.22 8.90 -19.43
C THR E 58 31.99 9.00 -17.91
N ASP E 59 32.98 8.57 -17.11
CA ASP E 59 32.88 8.59 -15.66
C ASP E 59 33.68 9.73 -15.05
N TYR E 60 34.85 9.44 -14.46
CA TYR E 60 35.66 10.47 -13.82
C TYR E 60 37.14 10.33 -14.12
N LEU E 61 37.90 11.40 -13.87
CA LEU E 61 39.36 11.44 -14.00
C LEU E 61 39.98 11.70 -12.62
N LEU E 62 40.87 10.83 -12.19
CA LEU E 62 41.53 10.95 -10.90
C LEU E 62 43.03 10.83 -11.03
N LEU E 63 43.75 11.75 -10.37
CA LEU E 63 45.21 11.76 -10.37
C LEU E 63 45.65 11.93 -8.93
N PHE E 64 46.44 10.96 -8.43
CA PHE E 64 46.93 10.92 -7.05
C PHE E 64 48.37 10.50 -6.92
N ARG E 65 49.22 11.31 -6.27
CA ARG E 65 50.63 10.95 -6.07
C ARG E 65 51.37 10.45 -7.32
N VAL E 66 51.34 11.26 -8.38
CA VAL E 66 52.08 10.96 -9.60
C VAL E 66 53.27 11.95 -9.63
N TYR E 67 54.45 11.42 -9.36
CA TYR E 67 55.69 12.19 -9.28
C TYR E 67 56.22 12.56 -10.65
N GLY E 68 56.84 13.73 -10.74
CA GLY E 68 57.45 14.24 -11.96
C GLY E 68 56.52 14.92 -12.95
N LEU E 69 55.19 14.77 -12.77
CA LEU E 69 54.20 15.34 -13.68
C LEU E 69 53.89 16.76 -13.24
N GLU E 70 54.19 17.73 -14.13
CA GLU E 70 54.08 19.16 -13.85
C GLU E 70 52.87 19.85 -14.48
N SER E 71 52.27 19.22 -15.47
CA SER E 71 51.10 19.74 -16.18
C SER E 71 50.44 18.61 -16.89
N LEU E 72 49.18 18.78 -17.26
CA LEU E 72 48.44 17.78 -18.02
C LEU E 72 48.25 18.28 -19.46
N LYS E 73 48.83 19.47 -19.81
CA LYS E 73 48.63 20.09 -21.13
C LYS E 73 49.10 19.24 -22.29
N ASP E 74 50.10 18.39 -22.06
CA ASP E 74 50.61 17.52 -23.10
C ASP E 74 50.03 16.13 -23.02
N LEU E 75 49.65 15.68 -21.79
CA LEU E 75 48.97 14.38 -21.65
C LEU E 75 47.60 14.36 -22.29
N PHE E 76 46.72 15.30 -21.89
CA PHE E 76 45.35 15.32 -22.37
C PHE E 76 44.99 16.67 -22.96
N PRO E 77 45.66 17.03 -24.08
CA PRO E 77 45.44 18.37 -24.66
C PRO E 77 44.03 18.61 -25.21
N ASN E 78 43.37 17.52 -25.65
CA ASN E 78 42.07 17.59 -26.30
C ASN E 78 40.89 17.04 -25.49
N LEU E 79 41.12 16.62 -24.24
CA LEU E 79 40.03 16.15 -23.39
C LEU E 79 39.05 17.31 -23.21
N THR E 80 37.82 17.11 -23.70
CA THR E 80 36.78 18.14 -23.81
C THR E 80 35.62 17.95 -22.83
N VAL E 81 35.22 16.69 -22.59
CA VAL E 81 34.09 16.37 -21.73
C VAL E 81 34.42 15.25 -20.77
N ILE E 82 33.98 15.42 -19.51
CA ILE E 82 33.97 14.38 -18.48
C ILE E 82 32.48 14.29 -18.14
N ARG E 83 31.83 13.16 -18.47
CA ARG E 83 30.38 13.04 -18.30
C ARG E 83 29.93 12.81 -16.88
N GLY E 84 30.75 12.15 -16.08
CA GLY E 84 30.42 11.90 -14.68
C GLY E 84 29.26 10.95 -14.48
N SER E 85 29.09 9.94 -15.37
CA SER E 85 28.01 8.96 -15.21
C SER E 85 28.17 8.22 -13.91
N ARG E 86 29.40 7.89 -13.58
CA ARG E 86 29.82 7.34 -12.30
C ARG E 86 30.85 8.32 -11.76
N LEU E 87 30.85 8.50 -10.45
CA LEU E 87 31.71 9.48 -9.81
C LEU E 87 32.57 8.85 -8.75
N PHE E 88 33.56 9.61 -8.29
CA PHE E 88 34.42 9.20 -7.20
C PHE E 88 33.93 10.04 -6.02
N PHE E 89 33.12 9.46 -5.13
CA PHE E 89 32.52 10.19 -4.01
C PHE E 89 31.78 11.51 -4.32
N ASN E 90 31.13 11.63 -5.50
CA ASN E 90 30.45 12.84 -5.97
C ASN E 90 31.37 13.71 -6.88
N TYR E 91 32.62 13.29 -7.10
CA TYR E 91 33.52 14.05 -7.94
C TYR E 91 33.76 13.42 -9.32
N ALA E 92 33.79 14.27 -10.36
CA ALA E 92 34.10 13.88 -11.73
C ALA E 92 35.57 14.14 -12.08
N LEU E 93 36.23 14.98 -11.27
CA LEU E 93 37.63 15.30 -11.43
C LEU E 93 38.27 15.38 -10.03
N VAL E 94 39.33 14.59 -9.84
CA VAL E 94 40.05 14.53 -8.58
C VAL E 94 41.54 14.68 -8.82
N ILE E 95 42.13 15.72 -8.24
CA ILE E 95 43.56 16.03 -8.32
C ILE E 95 44.05 16.15 -6.89
N PHE E 96 44.76 15.10 -6.41
CA PHE E 96 45.08 15.00 -5.01
C PHE E 96 46.50 14.55 -4.73
N GLU E 97 47.21 15.31 -3.89
CA GLU E 97 48.60 15.01 -3.53
C GLU E 97 49.47 14.78 -4.77
N MET E 98 49.31 15.66 -5.77
CA MET E 98 50.10 15.68 -6.99
C MET E 98 51.26 16.63 -6.74
N VAL E 99 52.30 16.06 -6.10
CA VAL E 99 53.56 16.71 -5.72
C VAL E 99 54.29 16.84 -7.05
N HIS E 100 54.59 18.06 -7.44
CA HIS E 100 55.24 18.49 -8.69
C HIS E 100 54.26 19.14 -9.67
N LEU E 101 52.93 18.97 -9.54
CA LEU E 101 52.00 19.56 -10.50
C LEU E 101 51.90 21.08 -10.30
N LYS E 102 52.23 21.83 -11.37
CA LYS E 102 52.28 23.29 -11.35
C LYS E 102 51.02 23.92 -11.93
N GLU E 103 50.32 23.21 -12.82
CA GLU E 103 49.09 23.67 -13.47
C GLU E 103 48.31 22.47 -13.90
N LEU E 104 46.99 22.63 -14.15
CA LEU E 104 46.19 21.55 -14.71
C LEU E 104 46.47 21.49 -16.20
N GLY E 105 46.22 22.59 -16.88
CA GLY E 105 46.46 22.67 -18.31
C GLY E 105 45.53 21.86 -19.19
N LEU E 106 44.30 21.57 -18.72
CA LEU E 106 43.29 20.84 -19.52
C LEU E 106 42.52 21.88 -20.33
N TYR E 107 43.24 22.59 -21.24
CA TYR E 107 42.77 23.77 -21.97
C TYR E 107 41.61 23.54 -22.95
N ASN E 108 41.27 22.25 -23.20
CA ASN E 108 40.11 21.90 -24.01
C ASN E 108 38.94 21.40 -23.19
N LEU E 109 39.06 21.34 -21.85
CA LEU E 109 37.95 20.88 -21.01
C LEU E 109 36.81 21.92 -20.91
N MET E 110 35.69 21.62 -21.56
CA MET E 110 34.58 22.55 -21.69
C MET E 110 33.40 22.25 -20.77
N ASN E 111 33.19 20.97 -20.48
CA ASN E 111 32.04 20.57 -19.71
C ASN E 111 32.27 19.35 -18.87
N ILE E 112 31.78 19.41 -17.64
CA ILE E 112 31.66 18.32 -16.68
C ILE E 112 30.15 18.18 -16.49
N THR E 113 29.60 17.13 -17.08
CA THR E 113 28.16 16.96 -17.22
C THR E 113 27.47 16.64 -15.91
N ARG E 114 28.16 15.93 -15.03
CA ARG E 114 27.63 15.53 -13.73
C ARG E 114 28.78 15.41 -12.78
N GLY E 115 28.56 15.78 -11.53
CA GLY E 115 29.58 15.68 -10.49
C GLY E 115 30.32 16.97 -10.30
N SER E 116 31.22 16.97 -9.31
CA SER E 116 31.99 18.13 -8.93
C SER E 116 33.47 17.93 -9.08
N VAL E 117 34.23 18.94 -8.69
CA VAL E 117 35.69 18.95 -8.78
C VAL E 117 36.31 18.97 -7.38
N ARG E 118 37.27 18.07 -7.14
CA ARG E 118 38.03 18.08 -5.90
C ARG E 118 39.51 18.21 -6.23
N ILE E 119 40.10 19.34 -5.88
CA ILE E 119 41.51 19.61 -6.15
C ILE E 119 42.11 20.00 -4.81
N GLU E 120 42.87 19.10 -4.20
CA GLU E 120 43.33 19.26 -2.85
C GLU E 120 44.75 18.81 -2.58
N LYS E 121 45.50 19.58 -1.78
CA LYS E 121 46.84 19.22 -1.30
C LYS E 121 47.88 19.04 -2.41
N ASN E 122 47.93 20.00 -3.31
CA ASN E 122 48.88 20.01 -4.42
C ASN E 122 49.72 21.26 -4.18
N ASN E 123 50.86 21.09 -3.47
CA ASN E 123 51.66 22.20 -2.96
C ASN E 123 52.37 23.07 -4.00
N GLU E 124 52.44 22.64 -5.27
CA GLU E 124 53.01 23.45 -6.33
C GLU E 124 51.95 23.96 -7.30
N LEU E 125 50.67 23.64 -7.03
CA LEU E 125 49.62 23.86 -8.01
C LEU E 125 49.06 25.28 -8.11
N CYS E 126 49.21 25.85 -9.31
CA CYS E 126 48.72 27.17 -9.66
C CYS E 126 47.76 27.10 -10.84
N TYR E 127 47.35 28.26 -11.35
CA TYR E 127 46.41 28.38 -12.45
C TYR E 127 45.07 27.73 -12.14
N LEU E 128 44.60 27.96 -10.91
CA LEU E 128 43.31 27.49 -10.40
C LEU E 128 42.36 28.66 -10.29
N ALA E 129 42.85 29.78 -9.75
CA ALA E 129 42.09 31.01 -9.60
C ALA E 129 41.70 31.57 -10.96
N THR E 130 42.47 31.20 -12.00
CA THR E 130 42.27 31.64 -13.39
C THR E 130 41.22 30.85 -14.16
N ILE E 131 40.73 29.76 -13.57
CA ILE E 131 39.71 28.94 -14.22
C ILE E 131 38.37 29.38 -13.68
N ASP E 132 37.43 29.65 -14.57
CA ASP E 132 36.07 29.93 -14.18
C ASP E 132 35.32 28.62 -14.34
N TRP E 133 35.16 27.91 -13.23
CA TRP E 133 34.48 26.64 -13.25
C TRP E 133 32.99 26.75 -13.55
N SER E 134 32.36 27.94 -13.36
CA SER E 134 30.92 28.09 -13.68
C SER E 134 30.66 27.90 -15.17
N ARG E 135 31.71 27.98 -16.01
CA ARG E 135 31.57 27.74 -17.45
C ARG E 135 31.64 26.26 -17.79
N ILE E 136 32.10 25.44 -16.83
CA ILE E 136 32.35 24.01 -17.02
C ILE E 136 31.33 23.13 -16.27
N LEU E 137 30.91 23.55 -15.07
CA LEU E 137 29.93 22.82 -14.25
C LEU E 137 28.75 23.70 -13.94
N ASP E 138 27.53 23.11 -13.93
CA ASP E 138 26.33 23.83 -13.51
C ASP E 138 26.38 24.29 -12.08
N SER E 139 26.94 23.47 -11.19
CA SER E 139 27.04 23.84 -9.80
C SER E 139 28.46 23.69 -9.30
N VAL E 140 29.04 24.80 -8.87
CA VAL E 140 30.40 24.87 -8.33
C VAL E 140 30.36 24.88 -6.81
N GLU E 141 29.13 24.88 -6.27
CA GLU E 141 28.80 24.91 -4.85
C GLU E 141 29.43 23.72 -4.13
N ASP E 142 29.53 22.59 -4.82
CA ASP E 142 30.02 21.35 -4.24
C ASP E 142 31.51 21.07 -4.56
N ASN E 143 32.17 22.03 -5.25
CA ASN E 143 33.60 21.91 -5.53
C ASN E 143 34.36 22.01 -4.23
N HIS E 144 35.51 21.34 -4.16
CA HIS E 144 36.35 21.40 -2.98
C HIS E 144 37.77 21.61 -3.46
N ILE E 145 38.16 22.88 -3.53
CA ILE E 145 39.46 23.25 -4.05
C ILE E 145 40.21 24.00 -2.96
N VAL E 146 41.09 23.30 -2.24
CA VAL E 146 41.78 23.83 -1.08
C VAL E 146 43.17 23.19 -0.92
N LEU E 147 43.98 23.83 -0.09
CA LEU E 147 45.33 23.42 0.29
C LEU E 147 46.23 23.22 -0.93
N ASN E 148 46.18 24.16 -1.89
CA ASN E 148 47.05 24.18 -3.07
C ASN E 148 47.95 25.40 -2.98
N LYS E 149 48.98 25.48 -3.82
CA LYS E 149 49.87 26.63 -3.77
C LYS E 149 49.05 27.93 -3.88
N ASP E 150 48.02 27.91 -4.74
CA ASP E 150 47.08 28.99 -5.02
C ASP E 150 46.45 29.65 -3.80
N ASP E 151 46.16 28.86 -2.76
CA ASP E 151 45.53 29.34 -1.53
C ASP E 151 46.43 30.30 -0.75
N ASN E 152 47.73 29.96 -0.63
CA ASN E 152 48.72 30.78 0.05
C ASN E 152 49.48 31.53 -1.03
N GLU E 153 48.76 32.53 -1.60
CA GLU E 153 49.09 33.36 -2.76
C GLU E 153 50.57 33.73 -2.94
N GLU E 154 51.25 32.77 -3.59
CA GLU E 154 52.60 32.73 -4.11
C GLU E 154 52.49 32.50 -5.64
N CYS E 155 51.24 32.40 -6.16
CA CYS E 155 50.95 32.18 -7.59
C CYS E 155 50.90 33.47 -8.33
N GLY E 156 51.79 33.59 -9.29
CA GLY E 156 51.77 34.70 -10.22
C GLY E 156 51.12 34.17 -11.49
N ASP E 157 49.82 33.87 -11.42
CA ASP E 157 49.06 33.29 -12.53
C ASP E 157 48.96 34.25 -13.69
N ILE E 158 49.94 34.25 -14.58
CA ILE E 158 49.91 35.22 -15.66
C ILE E 158 49.44 34.59 -16.96
N CYS E 159 48.35 35.18 -17.47
CA CYS E 159 47.66 34.74 -18.66
C CYS E 159 48.29 35.32 -19.93
N PRO E 160 48.05 34.65 -21.10
CA PRO E 160 48.61 35.12 -22.39
C PRO E 160 48.55 36.62 -22.75
N GLY E 161 47.68 37.43 -22.13
CA GLY E 161 47.57 38.86 -22.42
C GLY E 161 48.21 39.83 -21.44
N THR E 162 49.42 39.49 -20.93
CA THR E 162 50.20 40.34 -20.01
C THR E 162 50.67 41.65 -20.72
N ASN E 168 44.32 39.45 -23.73
CA ASN E 168 43.93 38.52 -24.80
C ASN E 168 42.88 37.50 -24.36
N CYS E 169 42.94 37.05 -23.10
CA CYS E 169 42.00 36.07 -22.58
C CYS E 169 40.66 36.68 -22.21
N PRO E 170 39.57 35.90 -22.29
CA PRO E 170 38.26 36.41 -21.88
C PRO E 170 38.23 36.59 -20.38
N ALA E 171 37.49 37.56 -19.92
CA ALA E 171 37.41 37.82 -18.51
C ALA E 171 35.98 37.69 -18.04
N THR E 172 35.82 37.13 -16.85
CA THR E 172 34.50 36.89 -16.26
C THR E 172 34.53 37.36 -14.81
N GLN E 177 35.23 40.35 -8.29
CA GLN E 177 36.22 40.83 -9.25
C GLN E 177 36.08 40.17 -10.62
N PHE E 178 36.27 40.98 -11.68
CA PHE E 178 36.27 40.54 -13.08
C PHE E 178 37.73 40.22 -13.42
N VAL E 179 38.01 38.95 -13.76
CA VAL E 179 39.37 38.45 -13.96
C VAL E 179 39.51 37.63 -15.25
N GLU E 180 40.72 37.69 -15.86
CA GLU E 180 41.06 36.98 -17.10
C GLU E 180 41.17 35.49 -16.79
N ARG E 181 40.76 34.67 -17.73
CA ARG E 181 40.65 33.24 -17.57
C ARG E 181 41.54 32.45 -18.48
N CYS E 182 42.40 31.65 -17.86
CA CYS E 182 43.32 30.83 -18.59
C CYS E 182 43.68 29.58 -17.80
N TRP E 183 44.25 28.63 -18.52
CA TRP E 183 44.72 27.34 -18.04
C TRP E 183 46.21 27.32 -17.81
N THR E 184 46.98 28.04 -18.66
CA THR E 184 48.43 28.15 -18.59
C THR E 184 48.86 29.54 -19.05
N HIS E 185 50.17 29.81 -19.00
CA HIS E 185 50.75 31.06 -19.50
C HIS E 185 50.50 31.19 -21.02
N SER E 186 50.33 30.06 -21.74
CA SER E 186 50.14 30.04 -23.17
C SER E 186 48.73 29.63 -23.66
N HIS E 187 47.79 29.30 -22.74
CA HIS E 187 46.43 28.89 -23.14
C HIS E 187 45.29 29.55 -22.39
N CYS E 188 44.40 30.23 -23.14
CA CYS E 188 43.19 30.85 -22.59
C CYS E 188 42.13 29.80 -22.31
N GLN E 189 41.13 30.17 -21.50
CA GLN E 189 39.92 29.38 -21.29
C GLN E 189 38.98 29.84 -22.41
N LYS E 190 38.41 28.88 -23.17
CA LYS E 190 37.51 29.25 -24.28
C LYS E 190 36.17 29.67 -23.73
N VAL E 191 35.68 30.83 -24.18
CA VAL E 191 34.38 31.33 -23.76
C VAL E 191 33.60 31.71 -25.01
N CYS E 192 32.42 31.14 -25.13
CA CYS E 192 31.56 31.36 -26.26
C CYS E 192 30.48 32.36 -25.94
N PRO E 193 29.79 32.92 -26.96
CA PRO E 193 28.64 33.78 -26.69
C PRO E 193 27.61 32.98 -25.90
N THR E 194 26.87 33.66 -25.03
CA THR E 194 25.87 33.05 -24.17
C THR E 194 24.78 32.28 -24.97
N ILE E 195 24.45 32.75 -26.21
CA ILE E 195 23.49 32.07 -27.09
C ILE E 195 23.94 30.64 -27.46
N CYS E 196 25.26 30.39 -27.42
CA CYS E 196 25.80 29.08 -27.73
C CYS E 196 25.56 28.09 -26.64
N LYS E 197 25.25 28.56 -25.42
CA LYS E 197 24.97 27.70 -24.28
C LYS E 197 26.16 26.75 -24.07
N SER E 198 25.90 25.46 -23.93
CA SER E 198 26.90 24.44 -23.68
C SER E 198 27.48 23.88 -24.97
N HIS E 199 26.91 24.26 -26.13
CA HIS E 199 27.22 23.64 -27.43
C HIS E 199 28.62 23.90 -28.00
N GLY E 200 29.23 25.00 -27.59
CA GLY E 200 30.54 25.39 -28.11
C GLY E 200 30.40 26.26 -29.33
N CYS E 201 31.54 26.71 -29.85
CA CYS E 201 31.61 27.62 -31.00
C CYS E 201 32.95 27.48 -31.70
N THR E 202 33.01 27.97 -32.93
CA THR E 202 34.24 28.02 -33.70
C THR E 202 35.06 29.22 -33.17
N ALA E 203 36.29 29.37 -33.68
CA ALA E 203 37.20 30.46 -33.35
C ALA E 203 36.57 31.82 -33.62
N GLU E 204 35.73 31.90 -34.68
CA GLU E 204 35.06 33.15 -35.07
C GLU E 204 33.84 33.47 -34.18
N GLY E 205 33.49 32.54 -33.30
CA GLY E 205 32.36 32.72 -32.38
C GLY E 205 31.04 32.19 -32.87
N LEU E 206 31.05 31.42 -33.98
CA LEU E 206 29.83 30.86 -34.55
C LEU E 206 29.46 29.60 -33.80
N CYS E 207 28.19 29.51 -33.40
CA CYS E 207 27.70 28.40 -32.60
C CYS E 207 27.80 27.06 -33.28
N CYS E 208 28.23 26.08 -32.49
CA CYS E 208 28.20 24.68 -32.90
C CYS E 208 26.75 24.31 -32.91
N HIS E 209 26.46 23.19 -33.50
CA HIS E 209 25.11 22.70 -33.51
C HIS E 209 24.58 22.38 -32.08
N SER E 210 23.26 22.48 -31.89
CA SER E 210 22.60 22.25 -30.59
C SER E 210 22.76 20.83 -30.03
N GLU E 211 23.17 19.86 -30.87
CA GLU E 211 23.46 18.49 -30.42
C GLU E 211 24.93 18.30 -30.04
N CYS E 212 25.80 19.33 -30.29
CA CYS E 212 27.21 19.32 -29.88
C CYS E 212 27.32 19.68 -28.42
N LEU E 213 28.46 19.33 -27.83
CA LEU E 213 28.82 19.67 -26.47
C LEU E 213 30.27 20.14 -26.45
N GLY E 214 30.46 21.40 -26.03
CA GLY E 214 31.78 21.99 -25.84
C GLY E 214 32.54 22.57 -27.02
N ASN E 215 32.56 21.85 -28.18
CA ASN E 215 33.34 22.30 -29.34
C ASN E 215 32.94 21.50 -30.60
N CYS E 216 33.29 22.06 -31.78
CA CYS E 216 33.06 21.49 -33.11
C CYS E 216 34.11 21.98 -34.10
N SER E 217 34.24 21.26 -35.22
CA SER E 217 35.18 21.61 -36.28
C SER E 217 34.53 22.50 -37.30
N GLN E 218 33.19 22.44 -37.40
CA GLN E 218 32.39 23.27 -38.29
C GLN E 218 31.08 23.65 -37.61
N PRO E 219 30.63 24.91 -37.81
CA PRO E 219 29.43 25.40 -37.13
C PRO E 219 28.13 24.82 -37.66
N ASP E 220 27.15 24.72 -36.77
CA ASP E 220 25.80 24.22 -37.02
C ASP E 220 25.76 22.89 -37.87
N ASP E 221 26.61 21.92 -37.51
CA ASP E 221 26.66 20.63 -38.18
C ASP E 221 26.86 19.54 -37.13
N PRO E 222 25.85 18.69 -36.95
CA PRO E 222 25.92 17.66 -35.90
C PRO E 222 26.80 16.48 -36.20
N THR E 223 27.50 16.51 -37.34
CA THR E 223 28.44 15.46 -37.70
C THR E 223 29.86 15.98 -37.48
N LYS E 224 30.00 17.24 -37.03
CA LYS E 224 31.29 17.91 -36.85
C LYS E 224 31.58 18.29 -35.41
N CYS E 225 30.85 17.68 -34.48
CA CYS E 225 31.02 17.92 -33.05
C CYS E 225 32.26 17.23 -32.56
N VAL E 226 32.89 17.84 -31.57
CA VAL E 226 33.98 17.16 -30.89
C VAL E 226 33.37 16.12 -29.94
N ALA E 227 32.25 16.50 -29.29
CA ALA E 227 31.50 15.60 -28.44
C ALA E 227 30.01 15.91 -28.53
N CYS E 228 29.17 14.97 -28.11
CA CYS E 228 27.72 15.08 -28.15
C CYS E 228 27.10 15.50 -26.86
N ARG E 229 26.05 16.30 -26.92
CA ARG E 229 25.28 16.72 -25.77
C ARG E 229 24.48 15.52 -25.25
N ASN E 230 23.87 14.76 -26.18
CA ASN E 230 23.03 13.62 -25.81
C ASN E 230 23.67 12.27 -26.15
N PHE E 231 23.39 11.76 -27.35
CA PHE E 231 23.88 10.46 -27.77
C PHE E 231 24.62 10.50 -29.10
N TYR E 232 25.47 9.50 -29.29
CA TYR E 232 26.27 9.34 -30.49
C TYR E 232 25.82 8.14 -31.33
N LEU E 233 25.64 8.35 -32.64
CA LEU E 233 25.29 7.28 -33.55
C LEU E 233 25.77 7.60 -34.94
N ASP E 234 26.42 6.62 -35.57
CA ASP E 234 26.84 6.71 -36.99
C ASP E 234 27.49 8.05 -37.38
N GLY E 235 28.49 8.48 -36.60
CA GLY E 235 29.21 9.73 -36.84
C GLY E 235 28.38 10.98 -36.68
N ARG E 236 27.33 10.91 -35.84
CA ARG E 236 26.42 12.04 -35.65
C ARG E 236 25.92 12.14 -34.23
N CYS E 237 25.69 13.38 -33.74
CA CYS E 237 25.13 13.63 -32.42
C CYS E 237 23.62 13.70 -32.56
N VAL E 238 22.91 12.81 -31.82
CA VAL E 238 21.45 12.68 -31.83
C VAL E 238 20.84 12.90 -30.47
N GLU E 239 19.57 13.38 -30.47
CA GLU E 239 18.82 13.68 -29.26
C GLU E 239 18.48 12.42 -28.47
N THR E 240 17.98 11.39 -29.15
CA THR E 240 17.75 10.13 -28.46
C THR E 240 18.14 9.06 -29.41
N CYS E 241 18.31 7.82 -28.90
CA CYS E 241 18.53 6.69 -29.80
C CYS E 241 17.19 6.28 -30.33
N PRO E 242 16.98 6.36 -31.65
CA PRO E 242 15.69 5.94 -32.17
C PRO E 242 15.60 4.42 -32.25
N PRO E 243 14.37 3.88 -32.17
CA PRO E 243 14.20 2.45 -32.45
C PRO E 243 14.74 2.17 -33.88
N PRO E 244 15.40 1.04 -34.12
CA PRO E 244 15.59 -0.07 -33.21
C PRO E 244 16.89 -0.06 -32.44
N TYR E 245 17.44 1.13 -32.13
CA TYR E 245 18.70 1.20 -31.38
C TYR E 245 18.46 1.36 -29.89
N TYR E 246 19.47 1.07 -29.09
CA TYR E 246 19.35 1.14 -27.64
C TYR E 246 20.38 2.09 -27.08
N HIS E 247 20.02 2.80 -25.99
CA HIS E 247 20.91 3.72 -25.26
C HIS E 247 21.90 2.87 -24.48
N PHE E 248 23.19 3.12 -24.69
CA PHE E 248 24.24 2.38 -24.03
C PHE E 248 25.19 3.30 -23.31
N GLN E 249 25.47 2.98 -22.04
CA GLN E 249 26.39 3.72 -21.17
C GLN E 249 26.09 5.22 -21.13
N ASP E 250 24.80 5.56 -21.34
CA ASP E 250 24.23 6.90 -21.34
C ASP E 250 24.96 7.91 -22.30
N TRP E 251 25.51 7.40 -23.42
CA TRP E 251 26.18 8.29 -24.39
C TRP E 251 26.17 7.76 -25.85
N ARG E 252 26.00 6.46 -26.06
CA ARG E 252 25.98 5.98 -27.44
C ARG E 252 24.82 5.03 -27.76
N CYS E 253 24.52 4.91 -29.06
CA CYS E 253 23.43 4.07 -29.57
C CYS E 253 23.99 2.81 -30.11
N VAL E 254 23.41 1.70 -29.72
CA VAL E 254 23.90 0.41 -30.17
C VAL E 254 22.73 -0.43 -30.66
N ASN E 255 23.03 -1.38 -31.55
CA ASN E 255 22.02 -2.24 -32.13
C ASN E 255 21.88 -3.48 -31.27
N PHE E 256 20.83 -4.25 -31.56
CA PHE E 256 20.54 -5.47 -30.83
C PHE E 256 21.72 -6.44 -30.77
N SER E 257 22.35 -6.62 -31.92
CA SER E 257 23.46 -7.54 -32.13
C SER E 257 24.62 -7.25 -31.19
N PHE E 258 24.94 -5.97 -30.98
CA PHE E 258 25.98 -5.51 -30.09
C PHE E 258 25.65 -5.90 -28.65
N CYS E 259 24.42 -5.63 -28.24
CA CYS E 259 23.97 -5.94 -26.90
C CYS E 259 23.98 -7.46 -26.69
N GLN E 260 23.66 -8.19 -27.76
CA GLN E 260 23.64 -9.64 -27.75
C GLN E 260 25.04 -10.21 -27.61
N ASP E 261 26.02 -9.62 -28.33
CA ASP E 261 27.42 -10.03 -28.25
C ASP E 261 27.96 -9.87 -26.86
N LEU E 262 27.65 -8.75 -26.18
CA LEU E 262 28.07 -8.53 -24.78
C LEU E 262 27.53 -9.60 -23.84
N HIS E 263 26.23 -9.89 -23.99
CA HIS E 263 25.54 -10.91 -23.21
C HIS E 263 26.21 -12.30 -23.33
N HIS E 264 26.54 -12.71 -24.56
CA HIS E 264 27.15 -13.99 -24.85
C HIS E 264 28.63 -14.03 -24.57
N LYS E 265 29.34 -12.90 -24.66
CA LYS E 265 30.74 -12.83 -24.22
C LYS E 265 30.84 -13.19 -22.76
N CYS E 266 29.82 -12.86 -21.90
CA CYS E 266 29.79 -13.32 -20.50
C CYS E 266 29.63 -14.82 -20.40
N LYS E 267 28.58 -15.40 -21.02
CA LYS E 267 28.34 -16.86 -21.08
C LYS E 267 29.59 -17.52 -21.69
N CYS E 274 31.14 -9.47 -14.27
CA CYS E 274 31.09 -9.75 -15.71
C CYS E 274 29.96 -8.93 -16.38
N HIS E 275 28.70 -9.32 -16.10
CA HIS E 275 27.37 -8.88 -16.57
C HIS E 275 26.94 -9.37 -17.96
N GLN E 276 25.85 -10.12 -17.92
CA GLN E 276 25.18 -10.54 -19.12
C GLN E 276 24.09 -9.52 -19.39
N TYR E 277 24.38 -8.65 -20.37
CA TYR E 277 23.58 -7.50 -20.74
C TYR E 277 22.17 -7.83 -21.16
N VAL E 278 21.24 -6.95 -20.79
CA VAL E 278 19.80 -7.08 -21.06
C VAL E 278 19.23 -5.81 -21.66
N ILE E 279 18.01 -5.91 -22.16
CA ILE E 279 17.29 -4.78 -22.72
C ILE E 279 16.11 -4.41 -21.85
N HIS E 280 16.06 -3.13 -21.52
CA HIS E 280 14.98 -2.61 -20.71
C HIS E 280 14.81 -1.11 -20.97
N ASN E 281 13.57 -0.64 -21.16
CA ASN E 281 13.26 0.78 -21.37
C ASN E 281 14.16 1.44 -22.45
N ASN E 282 14.38 0.72 -23.58
CA ASN E 282 15.19 1.15 -24.73
C ASN E 282 16.69 1.37 -24.38
N LYS E 283 17.16 0.68 -23.33
CA LYS E 283 18.54 0.74 -22.87
C LYS E 283 19.14 -0.68 -22.89
N CYS E 284 20.43 -0.76 -23.22
CA CYS E 284 21.17 -2.01 -23.11
C CYS E 284 21.90 -1.86 -21.79
N ILE E 285 21.50 -2.64 -20.78
CA ILE E 285 22.03 -2.50 -19.42
C ILE E 285 22.61 -3.77 -18.82
N PRO E 286 23.48 -3.60 -17.81
CA PRO E 286 24.17 -4.75 -17.21
C PRO E 286 23.25 -5.81 -16.61
N GLU E 287 22.20 -5.40 -15.91
CA GLU E 287 21.29 -6.35 -15.27
C GLU E 287 19.86 -5.83 -15.22
N CYS E 288 18.89 -6.75 -15.10
CA CYS E 288 17.50 -6.37 -14.95
C CYS E 288 17.26 -5.61 -13.70
N PRO E 289 16.39 -4.59 -13.74
CA PRO E 289 16.05 -3.87 -12.50
C PRO E 289 15.27 -4.78 -11.57
N SER E 290 15.09 -4.34 -10.33
CA SER E 290 14.37 -5.09 -9.30
C SER E 290 12.96 -5.40 -9.76
N GLY E 291 12.54 -6.65 -9.58
CA GLY E 291 11.21 -7.12 -9.97
C GLY E 291 11.15 -7.73 -11.35
N TYR E 292 12.28 -7.72 -12.08
CA TYR E 292 12.42 -8.20 -13.45
C TYR E 292 13.44 -9.29 -13.60
N THR E 293 13.26 -10.10 -14.64
CA THR E 293 14.09 -11.25 -14.97
C THR E 293 14.28 -11.25 -16.48
N MET E 294 15.36 -11.85 -16.92
CA MET E 294 15.82 -12.05 -18.28
C MET E 294 14.94 -13.00 -19.08
N ASN E 295 14.17 -12.47 -20.05
CA ASN E 295 13.48 -13.36 -20.98
C ASN E 295 14.68 -13.71 -21.85
N SER E 296 15.12 -14.97 -21.67
CA SER E 296 16.34 -15.54 -22.18
C SER E 296 16.61 -15.19 -23.67
N SER E 297 15.71 -15.62 -24.56
CA SER E 297 15.79 -15.45 -25.99
C SER E 297 16.15 -14.03 -26.48
N ASN E 298 15.21 -13.11 -26.40
CA ASN E 298 15.26 -11.75 -26.91
C ASN E 298 15.94 -10.72 -26.03
N LEU E 299 16.61 -11.16 -24.93
CA LEU E 299 17.34 -10.32 -23.95
C LEU E 299 16.48 -9.30 -23.23
N LEU E 300 15.17 -9.44 -23.30
CA LEU E 300 14.27 -8.45 -22.75
C LEU E 300 13.87 -8.69 -21.31
N CYS E 301 14.00 -7.67 -20.47
CA CYS E 301 13.55 -7.78 -19.09
C CYS E 301 12.03 -7.86 -19.02
N THR E 302 11.50 -8.89 -18.35
CA THR E 302 10.07 -9.14 -18.10
C THR E 302 9.84 -9.28 -16.60
N PRO E 303 8.71 -8.84 -16.07
CA PRO E 303 8.52 -8.89 -14.62
C PRO E 303 8.41 -10.30 -14.07
N CYS E 304 8.89 -10.50 -12.84
CA CYS E 304 8.81 -11.79 -12.22
C CYS E 304 7.53 -11.92 -11.42
N LEU E 305 6.89 -13.07 -11.59
CA LEU E 305 5.66 -13.42 -10.89
C LEU E 305 6.15 -13.97 -9.56
N GLY E 306 6.01 -13.14 -8.54
CA GLY E 306 6.53 -13.44 -7.22
C GLY E 306 8.00 -13.08 -7.18
N PRO E 307 8.83 -13.73 -6.31
CA PRO E 307 10.26 -13.37 -6.26
C PRO E 307 11.05 -13.84 -7.47
N CYS E 308 12.00 -13.00 -7.91
CA CYS E 308 12.84 -13.26 -9.06
C CYS E 308 13.81 -14.38 -8.83
N PRO E 309 13.97 -15.27 -9.83
CA PRO E 309 14.99 -16.32 -9.69
C PRO E 309 16.36 -15.67 -9.80
N LYS E 310 17.33 -16.16 -9.00
CA LYS E 310 18.65 -15.58 -9.00
C LYS E 310 19.65 -16.66 -8.61
N VAL E 311 20.48 -17.07 -9.56
CA VAL E 311 21.54 -18.05 -9.34
C VAL E 311 22.79 -17.27 -8.99
N CYS E 312 23.37 -17.62 -7.83
CA CYS E 312 24.58 -17.00 -7.33
C CYS E 312 25.70 -18.01 -7.39
N HIS E 313 26.68 -17.73 -8.25
CA HIS E 313 27.81 -18.63 -8.45
C HIS E 313 28.90 -18.17 -7.48
N LEU E 314 29.33 -19.04 -6.57
CA LEU E 314 30.29 -18.66 -5.54
C LEU E 314 31.70 -18.75 -6.00
N LEU E 315 32.51 -17.76 -5.60
CA LEU E 315 33.93 -17.69 -5.93
C LEU E 315 34.67 -18.80 -5.23
N GLU E 316 35.42 -19.58 -6.04
CA GLU E 316 36.14 -20.78 -5.62
C GLU E 316 35.20 -21.81 -4.95
N GLY E 317 33.94 -21.81 -5.43
CA GLY E 317 32.85 -22.72 -5.06
C GLY E 317 32.43 -22.76 -3.61
N GLU E 318 32.99 -21.89 -2.76
CA GLU E 318 32.65 -21.86 -1.33
C GLU E 318 32.49 -20.44 -0.87
N LYS E 319 31.58 -20.26 0.10
CA LYS E 319 31.42 -19.01 0.81
C LYS E 319 31.11 -19.29 2.24
N THR E 320 31.85 -18.63 3.12
CA THR E 320 31.67 -18.66 4.55
C THR E 320 30.85 -17.44 4.97
N ILE E 321 29.73 -17.69 5.65
CA ILE E 321 28.86 -16.66 6.20
C ILE E 321 29.12 -16.61 7.68
N ASP E 322 29.72 -15.53 8.12
CA ASP E 322 30.13 -15.35 9.50
C ASP E 322 29.53 -14.13 10.15
N SER E 323 28.61 -13.44 9.44
CA SER E 323 27.97 -12.20 9.91
C SER E 323 26.73 -11.91 9.11
N VAL E 324 25.96 -10.91 9.56
CA VAL E 324 24.80 -10.43 8.83
C VAL E 324 25.29 -9.77 7.55
N THR E 325 26.41 -9.05 7.64
CA THR E 325 27.02 -8.41 6.49
C THR E 325 27.34 -9.41 5.37
N SER E 326 27.98 -10.55 5.70
CA SER E 326 28.31 -11.54 4.66
C SER E 326 27.05 -12.20 4.10
N ALA E 327 26.03 -12.42 4.95
CA ALA E 327 24.76 -13.02 4.53
C ALA E 327 24.06 -12.13 3.52
N GLN E 328 24.12 -10.81 3.73
CA GLN E 328 23.57 -9.80 2.83
C GLN E 328 24.11 -9.95 1.44
N GLU E 329 25.38 -10.38 1.30
CA GLU E 329 25.99 -10.59 -0.02
C GLU E 329 25.22 -11.64 -0.86
N LEU E 330 24.36 -12.45 -0.20
CA LEU E 330 23.54 -13.48 -0.84
C LEU E 330 22.06 -13.13 -0.92
N ARG E 331 21.71 -11.91 -0.54
CA ARG E 331 20.34 -11.44 -0.54
C ARG E 331 19.74 -11.61 -1.93
N GLY E 332 18.55 -12.20 -1.99
CA GLY E 332 17.89 -12.43 -3.26
C GLY E 332 18.23 -13.73 -3.97
N CYS E 333 19.28 -14.45 -3.52
CA CYS E 333 19.66 -15.72 -4.15
C CYS E 333 18.58 -16.76 -3.94
N THR E 334 18.26 -17.51 -5.01
CA THR E 334 17.30 -18.62 -4.97
C THR E 334 18.05 -19.93 -5.22
N VAL E 335 19.20 -19.83 -5.86
CA VAL E 335 20.04 -20.98 -6.14
C VAL E 335 21.48 -20.64 -5.80
N ILE E 336 22.13 -21.50 -5.05
CA ILE E 336 23.53 -21.37 -4.78
C ILE E 336 24.30 -22.38 -5.56
N ASN E 337 25.22 -21.93 -6.41
CA ASN E 337 26.09 -22.82 -7.14
C ASN E 337 27.40 -22.76 -6.40
N GLY E 338 27.57 -23.76 -5.55
CA GLY E 338 28.70 -23.86 -4.63
C GLY E 338 28.24 -24.41 -3.30
N SER E 339 29.06 -24.19 -2.29
CA SER E 339 28.82 -24.71 -0.95
C SER E 339 28.86 -23.58 0.06
N LEU E 340 27.99 -23.68 1.09
CA LEU E 340 27.94 -22.68 2.15
C LEU E 340 28.49 -23.18 3.44
N ILE E 341 29.30 -22.35 4.11
CA ILE E 341 29.82 -22.63 5.43
C ILE E 341 29.24 -21.55 6.35
N ILE E 342 28.46 -21.96 7.34
CA ILE E 342 27.86 -21.01 8.27
C ILE E 342 28.62 -21.04 9.59
N ASN E 343 29.25 -19.89 9.93
CA ASN E 343 30.10 -19.75 11.10
C ASN E 343 29.72 -18.43 11.77
N ILE E 344 28.48 -18.40 12.31
CA ILE E 344 27.90 -17.21 12.91
C ILE E 344 27.92 -17.25 14.40
N ARG E 345 28.79 -16.44 15.00
CA ARG E 345 28.92 -16.45 16.44
C ARG E 345 28.11 -15.39 17.15
N GLY E 346 27.51 -14.48 16.39
CA GLY E 346 26.67 -13.45 16.95
C GLY E 346 26.12 -12.47 15.95
N GLY E 347 25.44 -11.47 16.47
CA GLY E 347 24.84 -10.42 15.66
C GLY E 347 23.48 -10.01 16.14
N ASN E 348 23.19 -8.71 15.98
CA ASN E 348 21.93 -8.08 16.32
C ASN E 348 20.96 -8.42 15.21
N ASN E 349 19.67 -8.42 15.54
CA ASN E 349 18.55 -8.58 14.61
C ASN E 349 18.62 -9.92 13.82
N LEU E 350 19.53 -10.87 14.22
CA LEU E 350 19.69 -12.11 13.45
C LEU E 350 18.43 -12.99 13.58
N ALA E 351 18.38 -14.13 12.86
CA ALA E 351 17.21 -15.00 12.73
C ALA E 351 16.27 -14.28 11.75
N ALA E 352 15.90 -13.01 12.01
CA ALA E 352 15.11 -12.21 11.10
C ALA E 352 16.00 -11.76 9.96
N GLU E 353 17.19 -11.20 10.28
CA GLU E 353 18.16 -10.77 9.27
C GLU E 353 18.63 -11.92 8.41
N LEU E 354 18.93 -13.09 9.01
CA LEU E 354 19.35 -14.25 8.24
C LEU E 354 18.26 -14.75 7.33
N GLU E 355 17.01 -14.69 7.80
CA GLU E 355 15.91 -15.16 6.99
C GLU E 355 15.69 -14.21 5.83
N ALA E 356 15.88 -12.90 6.05
CA ALA E 356 15.74 -11.90 4.99
C ALA E 356 16.71 -12.10 3.83
N ASN E 357 17.96 -12.46 4.17
CA ASN E 357 19.05 -12.63 3.22
C ASN E 357 19.25 -14.02 2.67
N LEU E 358 18.84 -15.04 3.44
CA LEU E 358 19.05 -16.43 3.04
C LEU E 358 17.75 -17.23 2.87
N GLY E 359 16.63 -16.62 3.22
CA GLY E 359 15.32 -17.24 3.17
C GLY E 359 14.78 -17.65 1.81
N LEU E 360 15.34 -17.08 0.74
CA LEU E 360 14.88 -17.44 -0.60
C LEU E 360 15.68 -18.56 -1.26
N ILE E 361 16.78 -19.01 -0.64
CA ILE E 361 17.61 -20.09 -1.21
C ILE E 361 16.81 -21.38 -1.22
N GLU E 362 16.64 -21.94 -2.41
CA GLU E 362 15.89 -23.18 -2.61
C GLU E 362 16.81 -24.36 -2.77
N GLU E 363 17.97 -24.12 -3.37
CA GLU E 363 18.93 -25.15 -3.68
C GLU E 363 20.36 -24.71 -3.39
N ILE E 364 21.21 -25.68 -3.06
CA ILE E 364 22.65 -25.54 -2.87
C ILE E 364 23.24 -26.69 -3.64
N SER E 365 24.09 -26.42 -4.63
CA SER E 365 24.65 -27.51 -5.45
C SER E 365 25.73 -28.36 -4.78
N GLY E 366 26.43 -27.78 -3.81
CA GLY E 366 27.51 -28.48 -3.13
C GLY E 366 27.05 -29.01 -1.79
N TYR E 367 27.73 -28.59 -0.74
CA TYR E 367 27.41 -28.99 0.62
C TYR E 367 27.05 -27.82 1.50
N LEU E 368 26.48 -28.11 2.65
CA LEU E 368 26.10 -27.12 3.65
C LEU E 368 26.74 -27.53 4.93
N LYS E 369 27.56 -26.65 5.47
CA LYS E 369 28.32 -26.90 6.69
C LYS E 369 27.99 -25.85 7.70
N ILE E 370 27.61 -26.27 8.88
CA ILE E 370 27.31 -25.36 9.99
C ILE E 370 28.37 -25.68 11.03
N ARG E 371 29.25 -24.72 11.31
CA ARG E 371 30.38 -24.94 12.18
C ARG E 371 30.63 -23.77 13.11
N ARG E 372 30.69 -24.04 14.42
CA ARG E 372 30.96 -23.04 15.45
C ARG E 372 29.98 -21.86 15.39
N SER E 373 28.78 -22.13 14.87
CA SER E 373 27.72 -21.14 14.81
C SER E 373 27.01 -21.05 16.14
N TYR E 374 27.72 -20.44 17.10
CA TYR E 374 27.29 -20.28 18.48
C TYR E 374 25.96 -19.56 18.61
N ALA E 375 25.72 -18.58 17.75
CA ALA E 375 24.50 -17.78 17.76
C ALA E 375 23.24 -18.47 17.28
N LEU E 376 23.34 -19.61 16.60
CA LEU E 376 22.15 -20.23 16.04
C LEU E 376 21.45 -21.21 16.95
N VAL E 377 20.14 -21.05 17.04
CA VAL E 377 19.30 -21.96 17.79
C VAL E 377 18.51 -22.84 16.78
N SER E 378 18.34 -22.37 15.54
CA SER E 378 17.66 -23.10 14.48
C SER E 378 18.23 -22.78 13.11
N LEU E 379 18.04 -23.67 12.14
CA LEU E 379 18.44 -23.41 10.75
C LEU E 379 17.22 -23.04 9.93
N SER E 380 16.08 -22.73 10.61
CA SER E 380 14.81 -22.45 9.94
C SER E 380 14.84 -21.20 9.12
N PHE E 381 15.81 -20.28 9.39
CA PHE E 381 16.02 -19.07 8.61
C PHE E 381 16.19 -19.44 7.12
N PHE E 382 16.68 -20.65 6.82
CA PHE E 382 16.74 -21.17 5.46
C PHE E 382 15.34 -21.64 5.07
N ARG E 383 14.36 -20.71 5.06
CA ARG E 383 12.93 -20.96 4.88
C ARG E 383 12.57 -21.76 3.63
N LYS E 384 13.25 -21.52 2.51
CA LYS E 384 12.92 -22.19 1.25
C LYS E 384 13.89 -23.25 0.81
N LEU E 385 14.89 -23.58 1.64
CA LEU E 385 15.87 -24.60 1.24
C LEU E 385 15.26 -26.01 1.12
N ARG E 386 15.16 -26.53 -0.11
CA ARG E 386 14.54 -27.84 -0.29
C ARG E 386 15.46 -28.86 -0.93
N LEU E 387 16.61 -28.40 -1.44
CA LEU E 387 17.55 -29.30 -2.07
C LEU E 387 19.01 -28.97 -1.77
N ILE E 388 19.78 -29.99 -1.43
CA ILE E 388 21.24 -29.96 -1.32
C ILE E 388 21.69 -31.08 -2.26
N ARG E 389 22.39 -30.74 -3.36
CA ARG E 389 22.75 -31.72 -4.35
C ARG E 389 23.94 -32.57 -3.98
N GLY E 390 24.89 -32.01 -3.28
CA GLY E 390 26.11 -32.72 -2.94
C GLY E 390 27.00 -33.00 -4.14
N GLU E 391 26.98 -32.10 -5.16
CA GLU E 391 27.85 -32.25 -6.34
C GLU E 391 29.30 -32.08 -5.93
N THR E 392 29.52 -31.33 -4.84
CA THR E 392 30.79 -31.17 -4.14
C THR E 392 30.51 -31.55 -2.70
N LEU E 393 31.47 -32.20 -2.04
CA LEU E 393 31.31 -32.66 -0.66
C LEU E 393 32.50 -32.27 0.20
N GLU E 394 32.26 -32.15 1.52
CA GLU E 394 33.30 -31.90 2.47
C GLU E 394 34.08 -33.21 2.63
N ILE E 395 35.41 -33.12 2.86
CA ILE E 395 36.28 -34.27 3.05
C ILE E 395 35.61 -35.30 4.00
N GLY E 396 35.53 -36.53 3.50
CA GLY E 396 34.83 -37.64 4.11
C GLY E 396 33.47 -37.87 3.46
N ASN E 397 33.21 -37.20 2.30
CA ASN E 397 31.97 -37.32 1.52
C ASN E 397 30.71 -36.88 2.29
N TYR E 398 30.76 -35.69 2.91
CA TYR E 398 29.62 -35.15 3.61
C TYR E 398 29.01 -33.97 2.85
N SER E 399 27.68 -34.02 2.69
CA SER E 399 26.88 -32.98 2.03
C SER E 399 26.21 -32.09 3.05
N PHE E 400 26.07 -32.58 4.29
CA PHE E 400 25.53 -31.76 5.38
C PHE E 400 26.38 -32.06 6.60
N TYR E 401 27.01 -31.04 7.16
CA TYR E 401 27.99 -31.23 8.20
C TYR E 401 27.74 -30.20 9.31
N ALA E 402 27.52 -30.67 10.52
CA ALA E 402 27.27 -29.79 11.64
C ALA E 402 28.22 -30.11 12.78
N LEU E 403 29.09 -29.15 13.09
CA LEU E 403 30.13 -29.33 14.07
C LEU E 403 30.20 -28.19 15.06
N ASP E 404 30.14 -28.51 16.35
CA ASP E 404 30.35 -27.58 17.45
C ASP E 404 29.44 -26.34 17.40
N ASN E 405 28.15 -26.60 17.42
CA ASN E 405 27.13 -25.55 17.46
C ASN E 405 26.47 -25.64 18.85
N GLN E 406 26.95 -24.83 19.75
CA GLN E 406 26.59 -24.95 21.15
C GLN E 406 25.14 -24.72 21.49
N ASN E 407 24.38 -23.96 20.68
CA ASN E 407 22.99 -23.65 21.02
C ASN E 407 21.97 -24.17 20.06
N LEU E 408 22.44 -24.91 19.04
CA LEU E 408 21.54 -25.41 18.01
C LEU E 408 20.56 -26.43 18.58
N ARG E 409 19.26 -26.11 18.52
CA ARG E 409 18.20 -26.97 19.04
C ARG E 409 17.34 -27.51 17.91
N GLN E 410 17.30 -26.81 16.78
CA GLN E 410 16.49 -27.22 15.66
C GLN E 410 17.27 -27.13 14.36
N LEU E 411 17.01 -28.06 13.44
CA LEU E 411 17.54 -28.01 12.09
C LEU E 411 16.40 -27.27 11.38
N TRP E 412 15.42 -27.99 10.85
CA TRP E 412 14.19 -27.42 10.34
C TRP E 412 13.06 -28.08 11.08
N ASP E 413 11.85 -27.48 11.04
CA ASP E 413 10.68 -28.10 11.66
C ASP E 413 10.23 -29.16 10.70
N TRP E 414 10.54 -30.42 11.02
CA TRP E 414 10.28 -31.52 10.10
C TRP E 414 8.79 -31.86 9.94
N SER E 415 7.91 -31.24 10.76
CA SER E 415 6.50 -31.45 10.57
C SER E 415 6.01 -30.64 9.34
N LYS E 416 6.73 -29.54 8.97
CA LYS E 416 6.38 -28.64 7.87
C LYS E 416 7.38 -28.65 6.71
N HIS E 417 8.68 -28.72 7.01
CA HIS E 417 9.71 -28.56 5.98
C HIS E 417 10.16 -29.86 5.30
N ASN E 418 10.28 -29.83 3.97
CA ASN E 418 10.85 -30.96 3.24
C ASN E 418 12.21 -30.53 2.69
N LEU E 419 13.22 -31.38 2.89
CA LEU E 419 14.58 -31.15 2.38
C LEU E 419 15.11 -32.44 1.76
N THR E 420 15.61 -32.36 0.54
CA THR E 420 16.18 -33.51 -0.15
C THR E 420 17.68 -33.34 -0.31
N ILE E 421 18.45 -34.42 -0.08
CA ILE E 421 19.92 -34.44 -0.21
C ILE E 421 20.28 -35.53 -1.20
N THR E 422 20.59 -35.12 -2.42
CA THR E 422 20.85 -36.05 -3.53
C THR E 422 22.00 -37.02 -3.29
N GLN E 423 23.15 -36.50 -2.91
CA GLN E 423 24.34 -37.32 -2.69
C GLN E 423 24.96 -36.91 -1.37
N GLY E 424 25.88 -37.74 -0.89
CA GLY E 424 26.64 -37.46 0.33
C GLY E 424 26.00 -37.85 1.65
N LYS E 425 26.84 -37.82 2.70
CA LYS E 425 26.44 -38.22 4.04
C LYS E 425 26.24 -37.02 4.96
N LEU E 426 25.75 -37.32 6.18
CA LEU E 426 25.56 -36.38 7.27
C LEU E 426 26.69 -36.56 8.30
N PHE E 427 27.11 -35.47 8.90
CA PHE E 427 28.12 -35.44 9.93
C PHE E 427 27.57 -34.57 11.05
N PHE E 428 27.50 -35.08 12.27
CA PHE E 428 27.04 -34.32 13.42
C PHE E 428 27.91 -34.64 14.60
N HIS E 429 28.63 -33.66 15.11
CA HIS E 429 29.47 -33.80 16.30
C HIS E 429 29.46 -32.49 17.04
N TYR E 430 29.39 -32.57 18.36
CA TYR E 430 29.42 -31.43 19.25
C TYR E 430 28.26 -30.45 19.02
N ASN E 431 27.04 -30.98 18.97
CA ASN E 431 25.79 -30.20 18.90
C ASN E 431 25.02 -30.53 20.20
N PRO E 432 25.45 -29.99 21.35
CA PRO E 432 24.89 -30.43 22.63
C PRO E 432 23.40 -30.23 22.85
N LYS E 433 22.79 -29.28 22.13
CA LYS E 433 21.38 -28.99 22.36
C LYS E 433 20.50 -29.56 21.30
N LEU E 434 21.07 -30.39 20.44
CA LEU E 434 20.29 -30.94 19.36
C LEU E 434 19.98 -32.41 19.59
N CYS E 435 18.71 -32.73 19.81
CA CYS E 435 18.28 -34.12 20.05
C CYS E 435 18.63 -35.02 18.89
N LEU E 436 19.07 -36.24 19.19
CA LEU E 436 19.33 -37.23 18.15
C LEU E 436 18.10 -37.52 17.31
N SER E 437 16.91 -37.37 17.89
CA SER E 437 15.64 -37.57 17.19
C SER E 437 15.52 -36.63 16.00
N GLU E 438 15.97 -35.37 16.15
CA GLU E 438 15.96 -34.37 15.09
C GLU E 438 16.88 -34.79 13.94
N ILE E 439 18.06 -35.30 14.31
CA ILE E 439 19.03 -35.80 13.35
C ILE E 439 18.45 -37.00 12.62
N HIS E 440 17.87 -37.93 13.37
CA HIS E 440 17.26 -39.11 12.76
C HIS E 440 16.07 -38.74 11.85
N LYS E 441 15.29 -37.69 12.24
CA LYS E 441 14.20 -37.19 11.40
C LYS E 441 14.78 -36.68 10.12
N MET E 442 15.87 -35.92 10.21
CA MET E 442 16.50 -35.40 8.99
C MET E 442 16.92 -36.51 8.04
N GLU E 443 17.53 -37.60 8.57
CA GLU E 443 17.89 -38.75 7.74
C GLU E 443 16.65 -39.29 6.98
N GLU E 444 15.51 -39.38 7.68
CA GLU E 444 14.26 -39.87 7.13
C GLU E 444 13.74 -38.93 6.04
N VAL E 445 13.59 -37.64 6.39
CA VAL E 445 13.13 -36.63 5.43
C VAL E 445 14.00 -36.51 4.16
N SER E 446 15.31 -36.45 4.34
CA SER E 446 16.24 -36.16 3.25
C SER E 446 16.57 -37.29 2.30
N GLY E 447 16.29 -38.51 2.74
CA GLY E 447 16.60 -39.72 2.00
C GLY E 447 18.06 -40.09 2.15
N THR E 448 18.65 -39.81 3.34
CA THR E 448 20.05 -40.13 3.65
C THR E 448 20.16 -41.31 4.60
N LYS E 449 19.02 -41.85 5.02
CA LYS E 449 18.85 -42.92 6.01
C LYS E 449 19.93 -44.03 6.01
N GLY E 450 20.22 -44.72 4.91
CA GLY E 450 21.24 -45.76 5.00
C GLY E 450 22.66 -45.35 4.64
N ARG E 451 22.94 -44.02 4.59
CA ARG E 451 24.24 -43.54 4.11
C ARG E 451 25.29 -43.42 5.17
N GLN E 452 24.90 -43.12 6.42
CA GLN E 452 25.84 -42.88 7.51
C GLN E 452 26.51 -44.11 8.02
N GLU E 453 27.83 -43.99 8.21
CA GLU E 453 28.72 -45.04 8.66
C GLU E 453 29.03 -44.79 10.14
N ARG E 454 29.94 -45.61 10.71
CA ARG E 454 30.38 -45.56 12.11
C ARG E 454 30.95 -44.17 12.41
N ASN E 455 30.39 -43.54 13.42
CA ASN E 455 30.78 -42.24 13.98
C ASN E 455 30.68 -41.04 13.02
N ASP E 456 29.79 -41.15 12.00
CA ASP E 456 29.39 -40.00 11.18
C ASP E 456 28.48 -39.08 12.03
N ILE E 457 27.54 -39.69 12.79
CA ILE E 457 26.68 -38.99 13.75
C ILE E 457 27.08 -39.49 15.15
N ALA E 458 27.59 -38.60 16.00
CA ALA E 458 28.03 -38.98 17.33
C ALA E 458 26.86 -39.28 18.25
N LEU E 459 26.96 -40.37 18.99
CA LEU E 459 25.90 -40.69 19.92
C LEU E 459 26.14 -39.93 21.19
N LYS E 460 27.42 -39.67 21.55
CA LYS E 460 27.64 -39.02 22.83
C LYS E 460 27.80 -37.51 22.82
N THR E 461 27.93 -36.84 21.66
CA THR E 461 28.10 -35.37 21.63
C THR E 461 26.95 -34.58 20.94
N ASN E 462 25.84 -35.26 20.66
CA ASN E 462 24.63 -34.65 20.10
C ASN E 462 23.46 -34.78 21.07
N GLY E 463 22.96 -33.67 21.57
CA GLY E 463 21.80 -33.70 22.44
C GLY E 463 22.10 -34.00 23.87
N ASP E 464 23.36 -34.35 24.18
CA ASP E 464 23.84 -34.62 25.55
C ASP E 464 23.40 -33.60 26.59
N GLN E 465 23.19 -32.34 26.22
CA GLN E 465 22.78 -31.30 27.14
C GLN E 465 21.38 -30.83 26.84
N ALA E 466 20.49 -31.71 26.30
CA ALA E 466 19.19 -31.19 25.85
C ALA E 466 17.93 -31.70 26.50
N SER E 467 16.83 -30.94 26.25
CA SER E 467 15.45 -31.22 26.64
C SER E 467 14.82 -32.04 25.52
N CYS E 468 14.82 -33.37 25.67
CA CYS E 468 14.26 -34.20 24.62
C CYS E 468 13.07 -34.90 25.17
N GLU E 469 12.31 -34.13 25.99
CA GLU E 469 11.08 -34.59 26.63
C GLU E 469 10.11 -35.11 25.61
N ASN E 470 9.86 -36.38 25.76
CA ASN E 470 9.02 -37.21 24.94
C ASN E 470 7.62 -37.40 25.56
N GLU E 471 7.53 -37.37 26.92
CA GLU E 471 6.28 -37.56 27.66
C GLU E 471 5.52 -36.24 27.84
N LEU E 472 4.22 -36.33 28.12
CA LEU E 472 3.38 -35.16 28.32
C LEU E 472 2.88 -34.94 29.76
N LEU E 473 3.20 -33.76 30.34
CA LEU E 473 2.68 -33.36 31.64
C LEU E 473 1.41 -32.58 31.32
N LYS E 474 0.34 -32.77 32.12
CA LYS E 474 -0.92 -32.04 31.91
C LYS E 474 -1.25 -31.18 33.10
N PHE E 475 -1.85 -30.00 32.90
CA PHE E 475 -2.18 -29.16 34.04
C PHE E 475 -3.46 -29.63 34.72
N SER E 476 -3.36 -29.93 36.02
CA SER E 476 -4.50 -30.42 36.76
C SER E 476 -5.24 -29.26 37.28
N TYR E 477 -4.55 -28.13 37.53
CA TYR E 477 -5.28 -27.01 38.09
C TYR E 477 -4.77 -25.70 37.60
N ILE E 478 -5.68 -24.73 37.33
CA ILE E 478 -5.37 -23.36 36.88
C ILE E 478 -6.26 -22.37 37.63
N ARG E 479 -5.62 -21.34 38.24
CA ARG E 479 -6.31 -20.26 38.96
C ARG E 479 -5.74 -18.87 38.70
N THR E 480 -6.59 -17.97 38.23
CA THR E 480 -6.24 -16.57 38.02
C THR E 480 -6.64 -15.68 39.21
N SER E 481 -5.87 -14.59 39.33
CA SER E 481 -5.98 -13.42 40.20
C SER E 481 -5.58 -12.31 39.27
N PHE E 482 -5.83 -11.02 39.62
CA PHE E 482 -5.39 -10.02 38.64
C PHE E 482 -3.83 -10.06 38.50
N ASP E 483 -3.12 -10.28 39.61
CA ASP E 483 -1.66 -10.26 39.67
C ASP E 483 -0.99 -11.61 39.69
N LYS E 484 -1.76 -12.70 39.92
CA LYS E 484 -1.24 -14.06 40.11
C LYS E 484 -1.88 -15.13 39.20
N ILE E 485 -1.21 -16.30 39.08
CA ILE E 485 -1.66 -17.52 38.37
C ILE E 485 -1.17 -18.68 39.24
N LEU E 486 -2.07 -19.59 39.63
CA LEU E 486 -1.69 -20.73 40.45
C LEU E 486 -1.89 -21.90 39.58
N LEU E 487 -0.90 -22.76 39.47
CA LEU E 487 -1.03 -23.94 38.63
C LEU E 487 -0.64 -25.17 39.36
N ARG E 488 -1.22 -26.30 38.97
CA ARG E 488 -0.82 -27.64 39.40
C ARG E 488 -0.69 -28.46 38.15
N TRP E 489 0.06 -29.52 38.23
CA TRP E 489 0.22 -30.37 37.07
C TRP E 489 0.64 -31.72 37.52
N GLU E 490 0.36 -32.70 36.66
CA GLU E 490 0.71 -34.08 36.88
C GLU E 490 2.08 -34.29 37.50
N PRO E 491 2.20 -35.31 38.36
CA PRO E 491 3.49 -35.58 38.99
C PRO E 491 4.31 -36.43 38.06
N TYR E 492 5.56 -36.11 37.86
CA TYR E 492 6.31 -37.03 37.02
C TYR E 492 7.31 -37.71 37.86
N TRP E 493 7.41 -39.03 37.69
CA TRP E 493 8.41 -39.84 38.38
C TRP E 493 9.10 -40.75 37.40
N PRO E 494 10.41 -40.54 37.20
CA PRO E 494 11.16 -41.39 36.26
C PRO E 494 11.41 -42.77 36.90
N PRO E 495 11.98 -43.77 36.19
CA PRO E 495 12.25 -45.08 36.82
C PRO E 495 12.89 -44.95 38.19
N ASP E 496 14.17 -44.57 38.24
CA ASP E 496 14.89 -44.36 39.50
C ASP E 496 14.43 -42.94 39.83
N PHE E 497 13.40 -42.80 40.70
CA PHE E 497 12.85 -41.48 41.01
C PHE E 497 13.91 -40.48 41.50
N ARG E 498 15.02 -41.02 42.06
CA ARG E 498 16.18 -40.29 42.61
C ARG E 498 16.66 -39.34 41.51
N ASP E 499 16.64 -39.82 40.22
CA ASP E 499 17.03 -39.11 38.97
C ASP E 499 16.20 -37.84 38.66
N LEU E 500 15.05 -37.63 39.34
CA LEU E 500 14.28 -36.40 39.15
C LEU E 500 14.92 -35.29 39.98
N LEU E 501 15.46 -34.26 39.27
CA LEU E 501 16.09 -33.09 39.88
C LEU E 501 15.00 -32.08 40.30
N GLY E 502 13.90 -32.05 39.55
CA GLY E 502 12.75 -31.21 39.82
C GLY E 502 11.92 -30.91 38.59
N PHE E 503 11.25 -29.78 38.65
CA PHE E 503 10.45 -29.27 37.54
C PHE E 503 10.98 -27.88 37.16
N MET E 504 10.55 -27.41 35.99
CA MET E 504 10.93 -26.10 35.50
C MET E 504 9.77 -25.47 34.75
N LEU E 505 9.29 -24.32 35.27
CA LEU E 505 8.16 -23.59 34.73
C LEU E 505 8.57 -22.32 34.00
N PHE E 506 8.10 -22.23 32.77
CA PHE E 506 8.43 -21.13 31.88
C PHE E 506 7.19 -20.38 31.56
N TYR E 507 7.29 -19.05 31.68
CA TYR E 507 6.18 -18.15 31.38
C TYR E 507 6.65 -16.86 30.80
N LYS E 508 6.01 -16.43 29.74
CA LYS E 508 6.29 -15.10 29.18
C LYS E 508 4.95 -14.46 28.87
N GLU E 509 4.96 -13.15 28.82
CA GLU E 509 3.82 -12.39 28.40
C GLU E 509 3.75 -12.69 26.91
N ALA E 510 2.60 -13.21 26.41
CA ALA E 510 2.40 -13.55 25.00
C ALA E 510 1.10 -12.98 24.50
N PRO E 511 1.13 -11.82 23.79
CA PRO E 511 -0.14 -11.23 23.29
C PRO E 511 -0.78 -12.08 22.21
N TYR E 512 0.04 -12.68 21.37
CA TYR E 512 -0.48 -13.52 20.32
C TYR E 512 -0.04 -14.92 20.68
N GLN E 513 -0.88 -15.91 20.37
CA GLN E 513 -0.60 -17.32 20.65
C GLN E 513 0.28 -17.96 19.59
N ASN E 514 1.15 -17.17 18.95
CA ASN E 514 2.08 -17.64 17.95
C ASN E 514 3.46 -17.86 18.62
N VAL E 515 3.50 -18.70 19.68
CA VAL E 515 4.70 -18.91 20.48
C VAL E 515 5.42 -20.25 20.17
N VAL E 531 11.31 -17.84 34.06
CA VAL E 531 11.77 -19.24 34.45
C VAL E 531 11.79 -19.57 35.98
N VAL E 532 11.15 -20.67 36.39
CA VAL E 532 11.15 -21.03 37.80
C VAL E 532 11.62 -22.51 37.99
N ASP E 533 12.52 -22.75 39.00
CA ASP E 533 12.94 -24.10 39.36
C ASP E 533 12.00 -24.53 40.46
N ILE E 534 11.29 -25.61 40.23
CA ILE E 534 10.30 -26.09 41.19
C ILE E 534 10.82 -27.38 41.84
N ASP E 535 10.97 -27.36 43.18
CA ASP E 535 11.44 -28.54 43.92
C ASP E 535 10.54 -29.78 43.67
N PRO E 536 11.12 -30.99 43.50
CA PRO E 536 10.27 -32.19 43.34
C PRO E 536 9.34 -32.43 44.55
N PRO E 537 8.09 -32.89 44.34
CA PRO E 537 7.18 -33.07 45.49
C PRO E 537 7.59 -34.15 46.51
N LEU E 538 6.67 -34.48 47.46
CA LEU E 538 6.96 -35.48 48.50
C LEU E 538 6.62 -36.91 48.04
N ARG E 539 7.67 -37.72 47.84
CA ARG E 539 7.62 -39.07 47.27
C ARG E 539 6.96 -40.09 48.24
N SER E 540 7.77 -41.06 48.82
CA SER E 540 7.56 -42.24 49.71
C SER E 540 6.15 -42.94 49.62
N ASN E 541 5.00 -42.23 49.82
CA ASN E 541 3.65 -42.85 49.72
C ASN E 541 2.86 -42.35 48.50
N ASP E 542 1.87 -43.16 48.04
CA ASP E 542 1.02 -42.83 46.89
C ASP E 542 -0.47 -43.31 47.05
N PRO E 543 -1.11 -43.18 48.26
CA PRO E 543 -2.53 -43.58 48.39
C PRO E 543 -3.52 -42.48 47.94
N LYS E 544 -3.78 -41.46 48.81
CA LYS E 544 -4.69 -40.31 48.58
C LYS E 544 -4.05 -38.97 49.05
N SER E 545 -2.98 -38.58 48.31
CA SER E 545 -2.16 -37.40 48.48
C SER E 545 -1.97 -36.65 47.12
N GLN E 546 -2.49 -35.36 46.98
CA GLN E 546 -2.36 -34.48 45.80
C GLN E 546 -0.90 -33.99 45.82
N ASN E 547 -0.03 -34.93 45.46
CA ASN E 547 1.38 -34.69 45.30
C ASN E 547 1.56 -33.92 43.97
N HIS E 548 0.52 -33.14 43.56
CA HIS E 548 0.64 -32.35 42.37
C HIS E 548 1.54 -31.16 42.55
N PRO E 549 2.71 -31.21 41.88
CA PRO E 549 3.63 -30.07 41.92
C PRO E 549 2.95 -28.86 41.31
N GLY E 550 3.20 -27.72 41.89
CA GLY E 550 2.58 -26.51 41.36
C GLY E 550 3.41 -25.28 41.57
N TRP E 551 2.83 -24.12 41.25
CA TRP E 551 3.55 -22.89 41.45
C TRP E 551 2.62 -21.72 41.47
N LEU E 552 2.94 -20.72 42.28
CA LEU E 552 2.12 -19.53 42.31
C LEU E 552 2.91 -18.46 41.66
N MET E 553 2.43 -18.02 40.52
CA MET E 553 3.05 -16.95 39.76
C MET E 553 2.58 -15.67 40.41
N ARG E 554 3.51 -14.76 40.81
CA ARG E 554 3.02 -13.59 41.55
C ARG E 554 3.27 -12.23 40.87
N GLY E 555 4.29 -12.12 40.02
CA GLY E 555 4.68 -10.85 39.39
C GLY E 555 3.59 -10.09 38.65
N LEU E 556 3.16 -10.73 37.57
CA LEU E 556 2.16 -10.55 36.55
C LEU E 556 1.37 -9.23 36.50
N LYS E 557 1.30 -8.72 35.26
CA LYS E 557 0.53 -7.57 34.82
C LYS E 557 -0.94 -8.06 34.79
N PRO E 558 -1.94 -7.23 35.12
CA PRO E 558 -3.31 -7.71 34.99
C PRO E 558 -3.82 -7.59 33.54
N TRP E 559 -4.81 -8.41 33.19
CA TRP E 559 -5.41 -8.49 31.86
C TRP E 559 -4.32 -8.77 30.82
N THR E 560 -3.45 -9.74 31.13
CA THR E 560 -2.30 -10.11 30.31
C THR E 560 -2.23 -11.62 30.03
N GLN E 561 -2.04 -11.98 28.75
CA GLN E 561 -1.93 -13.38 28.33
C GLN E 561 -0.51 -13.88 28.52
N TYR E 562 -0.42 -15.02 29.19
CA TYR E 562 0.84 -15.64 29.48
C TYR E 562 1.01 -17.00 28.85
N ALA E 563 2.10 -17.12 28.11
CA ALA E 563 2.47 -18.38 27.53
C ALA E 563 3.20 -19.02 28.70
N ILE E 564 2.86 -20.30 28.96
CA ILE E 564 3.32 -21.09 30.10
C ILE E 564 3.48 -22.51 29.63
N PHE E 565 4.50 -23.19 30.19
CA PHE E 565 4.74 -24.61 30.02
C PHE E 565 5.78 -25.04 31.07
N VAL E 566 5.64 -26.32 31.53
CA VAL E 566 6.44 -27.01 32.53
C VAL E 566 7.28 -28.11 31.87
N LYS E 567 8.42 -28.43 32.49
CA LYS E 567 9.38 -29.41 32.01
C LYS E 567 9.94 -30.15 33.23
N THR E 568 10.33 -31.41 33.06
CA THR E 568 10.98 -32.17 34.11
C THR E 568 12.50 -32.10 33.91
N LEU E 569 13.22 -31.69 34.97
CA LEU E 569 14.68 -31.63 34.95
C LEU E 569 15.19 -32.97 35.51
N VAL E 570 15.89 -33.73 34.69
CA VAL E 570 16.32 -35.05 35.11
C VAL E 570 17.79 -35.36 34.86
N THR E 571 18.20 -36.57 35.26
CA THR E 571 19.56 -37.08 35.19
C THR E 571 19.71 -38.10 34.09
N PHE E 572 20.65 -37.80 33.20
CA PHE E 572 21.04 -38.66 32.10
C PHE E 572 21.74 -39.83 32.86
N SER E 573 21.05 -40.98 32.97
CA SER E 573 21.57 -42.13 33.72
C SER E 573 22.52 -43.03 32.88
N ASP E 574 23.35 -43.82 33.60
CA ASP E 574 24.34 -44.79 33.12
C ASP E 574 23.83 -45.82 32.05
N GLU E 575 22.49 -45.93 31.86
CA GLU E 575 21.82 -46.79 30.87
C GLU E 575 21.05 -45.98 29.80
N ARG E 576 20.05 -46.62 29.16
CA ARG E 576 19.16 -46.01 28.17
C ARG E 576 18.42 -44.90 28.92
N ARG E 577 18.95 -43.69 28.77
CA ARG E 577 18.47 -42.45 29.34
C ARG E 577 16.90 -42.33 29.30
N THR E 578 16.32 -41.64 30.31
CA THR E 578 14.91 -41.29 30.43
C THR E 578 14.82 -39.81 30.10
N TYR E 579 14.12 -39.48 29.01
CA TYR E 579 14.04 -38.11 28.49
C TYR E 579 13.05 -37.23 29.29
N GLY E 580 12.04 -37.86 29.88
CA GLY E 580 11.09 -37.14 30.72
C GLY E 580 9.89 -36.51 30.03
N ALA E 581 9.21 -35.60 30.76
CA ALA E 581 8.01 -34.95 30.27
C ALA E 581 7.98 -33.42 30.38
N LYS E 582 7.41 -32.78 29.35
CA LYS E 582 7.15 -31.35 29.28
C LYS E 582 5.66 -31.24 29.03
N SER E 583 5.03 -30.13 29.50
CA SER E 583 3.61 -29.89 29.32
C SER E 583 3.57 -29.17 28.01
N ASP E 584 2.39 -28.96 27.46
CA ASP E 584 2.31 -28.24 26.20
C ASP E 584 2.20 -26.72 26.56
N ILE E 585 2.34 -25.82 25.56
CA ILE E 585 2.20 -24.39 25.85
C ILE E 585 0.74 -24.03 26.00
N ILE E 586 0.40 -23.58 27.20
CA ILE E 586 -0.95 -23.15 27.50
C ILE E 586 -0.87 -21.64 27.62
N TYR E 587 -1.94 -20.94 27.25
CA TYR E 587 -1.95 -19.51 27.43
C TYR E 587 -2.88 -19.27 28.56
N VAL E 588 -2.53 -18.35 29.45
CA VAL E 588 -3.40 -18.04 30.60
C VAL E 588 -3.54 -16.51 30.70
N GLN E 589 -4.77 -15.99 30.73
CA GLN E 589 -4.86 -14.54 30.83
C GLN E 589 -5.23 -14.07 32.25
N THR E 590 -4.35 -13.25 32.87
CA THR E 590 -4.60 -12.70 34.20
C THR E 590 -5.94 -11.98 34.18
N ASP E 591 -6.52 -11.78 35.36
CA ASP E 591 -7.77 -11.06 35.48
C ASP E 591 -7.46 -9.60 35.21
N ALA E 592 -8.47 -8.77 34.90
CA ALA E 592 -8.29 -7.32 34.81
C ALA E 592 -8.44 -6.79 36.24
N THR E 593 -8.53 -5.47 36.38
CA THR E 593 -8.73 -4.84 37.68
C THR E 593 -9.07 -3.33 37.47
N ASN E 594 -8.86 -2.50 38.46
CA ASN E 594 -9.25 -1.15 38.22
C ASN E 594 -8.23 -0.42 37.36
N PRO E 595 -8.66 0.36 36.34
CA PRO E 595 -7.68 1.09 35.52
C PRO E 595 -6.94 2.25 36.24
N SER E 596 -5.74 2.57 35.71
CA SER E 596 -4.91 3.71 36.07
C SER E 596 -5.76 4.99 35.91
N VAL E 597 -5.24 6.13 36.35
CA VAL E 597 -5.96 7.41 36.25
C VAL E 597 -5.88 7.89 34.81
N PRO E 598 -6.95 8.48 34.22
CA PRO E 598 -6.83 9.05 32.86
C PRO E 598 -5.71 10.09 32.89
N LEU E 599 -4.88 10.11 31.84
CA LEU E 599 -3.71 10.98 31.87
C LEU E 599 -3.96 12.31 31.16
N ASP E 600 -3.01 13.26 31.36
CA ASP E 600 -2.97 14.63 30.83
C ASP E 600 -4.39 15.21 30.52
N PRO E 601 -5.24 15.43 31.54
CA PRO E 601 -6.56 16.02 31.27
C PRO E 601 -6.48 17.54 31.12
N ILE E 602 -7.13 18.10 30.08
CA ILE E 602 -7.20 19.55 29.89
C ILE E 602 -8.65 20.01 29.67
N SER E 603 -9.06 21.03 30.45
CA SER E 603 -10.37 21.68 30.48
C SER E 603 -10.25 23.06 29.84
N VAL E 604 -11.06 23.33 28.80
CA VAL E 604 -11.01 24.58 28.01
C VAL E 604 -12.47 25.04 27.76
N SER E 605 -12.69 26.35 27.52
CA SER E 605 -14.03 26.86 27.18
C SER E 605 -13.94 27.80 25.97
N ASN E 606 -14.29 27.28 24.77
CA ASN E 606 -14.27 28.04 23.52
C ASN E 606 -15.50 28.97 23.45
N SER E 607 -16.51 28.68 24.30
CA SER E 607 -17.80 29.34 24.36
C SER E 607 -18.17 29.77 25.78
N SER E 608 -19.27 30.54 25.87
CA SER E 608 -19.86 31.05 27.11
C SER E 608 -20.72 29.99 27.80
N SER E 609 -20.89 28.81 27.14
CA SER E 609 -21.67 27.66 27.62
C SER E 609 -20.93 26.35 27.45
N GLN E 610 -19.98 26.30 26.51
CA GLN E 610 -19.30 25.05 26.21
C GLN E 610 -17.99 24.87 26.99
N ILE E 611 -17.74 23.64 27.48
CA ILE E 611 -16.47 23.18 28.11
C ILE E 611 -15.99 21.96 27.32
N ILE E 612 -14.76 22.05 26.80
CA ILE E 612 -14.10 21.02 26.02
C ILE E 612 -12.98 20.38 26.84
N LEU E 613 -13.33 19.22 27.37
CA LEU E 613 -12.46 18.41 28.19
C LEU E 613 -11.80 17.36 27.31
N LYS E 614 -10.45 17.34 27.26
CA LYS E 614 -9.71 16.32 26.53
C LYS E 614 -8.76 15.60 27.47
N TRP E 615 -8.39 14.34 27.17
CA TRP E 615 -7.48 13.52 27.99
C TRP E 615 -6.84 12.37 27.20
N LYS E 616 -5.69 11.87 27.71
CA LYS E 616 -4.98 10.70 27.17
C LYS E 616 -5.44 9.50 28.03
N PRO E 617 -5.37 8.24 27.54
CA PRO E 617 -5.89 7.10 28.33
C PRO E 617 -5.01 6.63 29.51
N PRO E 618 -5.57 5.87 30.50
CA PRO E 618 -4.74 5.44 31.65
C PRO E 618 -3.47 4.79 31.22
N SER E 619 -2.37 5.12 31.90
CA SER E 619 -1.06 4.53 31.61
C SER E 619 -1.06 3.00 31.75
N ASP E 620 -1.93 2.50 32.64
CA ASP E 620 -2.08 1.09 32.92
C ASP E 620 -3.58 0.78 32.90
N PRO E 621 -4.17 0.55 31.69
CA PRO E 621 -5.63 0.29 31.61
C PRO E 621 -6.13 -0.96 32.33
N ASN E 622 -5.24 -1.95 32.58
CA ASN E 622 -5.55 -3.21 33.29
C ASN E 622 -6.92 -3.79 32.83
N GLY E 623 -7.17 -3.71 31.53
CA GLY E 623 -8.40 -4.18 30.93
C GLY E 623 -8.78 -3.41 29.69
N ASN E 624 -9.77 -3.93 28.95
CA ASN E 624 -10.31 -3.25 27.78
C ASN E 624 -11.19 -2.15 28.39
N ILE E 625 -10.86 -0.87 28.11
CA ILE E 625 -11.62 0.27 28.63
C ILE E 625 -12.96 0.34 27.92
N THR E 626 -14.04 0.37 28.70
CA THR E 626 -15.43 0.44 28.22
C THR E 626 -15.84 1.90 27.98
N HIS E 627 -15.67 2.73 29.02
CA HIS E 627 -16.00 4.14 29.00
C HIS E 627 -15.15 4.96 29.98
N TYR E 628 -15.28 6.29 29.91
CA TYR E 628 -14.73 7.26 30.85
C TYR E 628 -15.93 7.85 31.55
N LEU E 629 -15.77 8.30 32.77
CA LEU E 629 -16.90 8.78 33.54
C LEU E 629 -16.61 10.22 33.96
N VAL E 630 -17.29 11.16 33.33
CA VAL E 630 -17.07 12.58 33.62
C VAL E 630 -18.24 13.13 34.39
N PHE E 631 -17.94 13.83 35.45
CA PHE E 631 -18.92 14.54 36.25
C PHE E 631 -18.53 16.01 36.24
N TRP E 632 -19.52 16.87 36.16
CA TRP E 632 -19.27 18.28 36.33
C TRP E 632 -20.20 18.78 37.41
N GLU E 633 -19.83 19.87 38.06
CA GLU E 633 -20.54 20.47 39.18
C GLU E 633 -20.21 21.94 39.17
N ARG E 634 -21.24 22.80 39.15
CA ARG E 634 -21.07 24.24 39.17
C ARG E 634 -20.61 24.64 40.53
N GLN E 635 -19.56 25.48 40.56
CA GLN E 635 -19.03 26.04 41.80
C GLN E 635 -19.69 27.38 42.11
N ALA E 636 -20.23 27.44 43.33
CA ALA E 636 -20.90 28.61 43.86
C ALA E 636 -19.90 29.77 43.90
N GLU E 637 -20.38 31.02 43.83
CA GLU E 637 -19.46 32.14 43.87
C GLU E 637 -18.94 32.41 45.26
N ASP E 638 -17.66 32.80 45.30
CA ASP E 638 -16.82 33.08 46.47
C ASP E 638 -17.60 33.96 47.45
N SER E 639 -18.15 33.32 48.50
CA SER E 639 -19.00 33.90 49.54
C SER E 639 -18.66 35.38 49.88
N GLU E 640 -17.38 35.62 50.22
CA GLU E 640 -16.72 36.88 50.59
C GLU E 640 -16.85 38.01 49.55
N LEU E 641 -17.00 37.68 48.26
CA LEU E 641 -17.18 38.62 47.14
C LEU E 641 -18.44 39.46 47.22
N PHE E 642 -19.45 38.96 47.93
CA PHE E 642 -20.70 39.68 48.11
C PHE E 642 -20.59 40.65 49.26
N GLU E 643 -19.55 40.48 50.10
CA GLU E 643 -19.34 41.30 51.29
C GLU E 643 -17.99 42.09 51.33
N LEU E 644 -17.52 42.56 50.18
CA LEU E 644 -16.32 43.41 50.09
C LEU E 644 -16.68 44.75 49.49
N ASP E 645 -16.14 45.83 50.04
CA ASP E 645 -16.43 47.11 49.42
C ASP E 645 -15.27 47.35 48.47
N TYR E 646 -15.59 47.29 47.15
CA TYR E 646 -14.63 47.43 46.05
C TYR E 646 -14.40 48.88 45.60
N CYS E 647 -14.99 49.83 46.31
CA CYS E 647 -14.77 51.24 46.06
C CYS E 647 -13.65 51.66 46.98
N LEU E 648 -13.33 50.78 47.94
CA LEU E 648 -12.24 50.92 48.86
C LEU E 648 -11.00 50.51 48.09
N LYS E 649 -10.17 51.53 47.79
CA LYS E 649 -8.93 51.60 47.02
C LYS E 649 -7.97 50.41 47.36
N GLY E 650 -8.30 49.30 46.73
CA GLY E 650 -7.71 47.96 46.83
C GLY E 650 -8.70 47.07 46.11
N LEU E 651 -9.10 47.58 44.92
CA LEU E 651 -10.12 47.11 43.97
C LEU E 651 -9.58 46.08 42.92
N LYS E 652 -8.43 45.45 43.23
CA LYS E 652 -7.83 44.45 42.35
C LYS E 652 -8.60 43.11 42.44
N LEU E 653 -9.71 43.06 41.70
CA LEU E 653 -10.54 41.86 41.62
C LEU E 653 -9.91 40.94 40.55
N PRO E 654 -9.73 39.61 40.82
CA PRO E 654 -9.11 38.74 39.80
C PRO E 654 -9.83 38.75 38.43
N SER E 655 -9.03 38.83 37.33
CA SER E 655 -9.51 38.80 35.93
C SER E 655 -9.72 37.31 35.55
N ARG E 656 -10.80 36.74 36.12
CA ARG E 656 -11.20 35.35 36.10
C ARG E 656 -11.53 34.82 34.69
N LYS E 694 19.10 16.66 36.27
CA LYS E 694 18.02 17.35 36.99
C LYS E 694 16.62 17.00 36.46
N GLU E 695 16.44 16.91 35.12
CA GLU E 695 15.14 16.53 34.52
C GLU E 695 14.78 15.06 34.81
N LEU E 696 15.78 14.19 35.13
CA LEU E 696 15.57 12.78 35.47
C LEU E 696 15.37 12.54 36.97
N GLU E 697 15.46 13.62 37.77
CA GLU E 697 15.16 13.66 39.20
C GLU E 697 13.66 13.96 39.24
N GLU E 698 13.19 14.85 38.32
CA GLU E 698 11.79 15.25 38.16
C GLU E 698 11.02 14.07 37.51
N SER E 699 11.63 13.38 36.52
CA SER E 699 11.03 12.22 35.84
C SER E 699 10.66 11.14 36.85
N SER E 700 11.65 10.71 37.64
CA SER E 700 11.49 9.74 38.71
C SER E 700 10.48 10.19 39.79
N PHE E 701 10.35 11.53 40.05
CA PHE E 701 9.39 12.14 41.00
C PHE E 701 7.94 11.85 40.62
N ARG E 702 7.52 12.25 39.40
CA ARG E 702 6.17 11.98 38.90
C ARG E 702 5.90 10.49 38.98
N LYS E 703 6.93 9.69 38.63
CA LYS E 703 6.90 8.23 38.60
C LYS E 703 6.77 7.66 40.03
N THR E 704 7.25 8.38 41.06
CA THR E 704 7.17 7.91 42.45
C THR E 704 5.72 7.81 42.90
N PHE E 705 4.90 8.84 42.57
CA PHE E 705 3.49 8.87 42.92
C PHE E 705 2.68 7.99 42.01
N GLU E 706 3.11 7.86 40.74
CA GLU E 706 2.48 6.94 39.82
C GLU E 706 2.51 5.58 40.52
N ASP E 707 3.71 5.21 41.03
CA ASP E 707 3.98 3.98 41.75
C ASP E 707 3.34 3.95 43.15
N TYR E 708 3.16 5.13 43.80
CA TYR E 708 2.41 5.21 45.07
C TYR E 708 0.92 4.87 44.84
N LEU E 709 0.38 5.20 43.62
CA LEU E 709 -0.99 4.89 43.19
C LEU E 709 -1.07 3.40 42.71
N HIS E 710 -0.57 2.48 43.61
CA HIS E 710 -0.50 1.00 43.57
C HIS E 710 0.27 0.46 42.38
N GLU E 731 -25.32 8.68 49.31
CA GLU E 731 -24.94 8.92 47.91
C GLU E 731 -25.69 10.14 47.33
N GLU E 732 -25.02 10.91 46.44
CA GLU E 732 -25.63 12.07 45.79
C GLU E 732 -25.36 12.04 44.27
N HIS E 733 -26.04 12.95 43.53
CA HIS E 733 -25.92 13.04 42.09
C HIS E 733 -25.66 14.47 41.57
N ARG E 734 -24.63 14.54 40.70
CA ARG E 734 -24.11 15.63 39.88
C ARG E 734 -24.36 15.26 38.43
N PRO E 735 -24.41 16.24 37.51
CA PRO E 735 -24.55 15.88 36.09
C PRO E 735 -23.32 15.16 35.61
N PHE E 736 -23.51 14.03 34.93
CA PHE E 736 -22.40 13.25 34.45
C PHE E 736 -22.65 12.79 33.01
N GLU E 737 -21.70 12.01 32.46
CA GLU E 737 -21.74 11.44 31.11
C GLU E 737 -20.77 10.27 31.05
N LYS E 738 -21.21 9.12 30.48
CA LYS E 738 -20.35 7.95 30.26
C LYS E 738 -19.87 8.11 28.81
N VAL E 739 -18.57 8.43 28.68
CA VAL E 739 -17.92 8.72 27.40
C VAL E 739 -17.40 7.43 26.76
N VAL E 740 -18.10 6.98 25.69
CA VAL E 740 -17.79 5.75 24.96
C VAL E 740 -16.98 6.03 23.69
N ASN E 741 -15.92 5.20 23.47
CA ASN E 741 -14.99 5.22 22.34
C ASN E 741 -14.51 6.62 21.94
N LYS E 742 -14.23 7.45 22.95
CA LYS E 742 -13.82 8.84 22.72
C LYS E 742 -12.90 9.29 23.89
N GLU E 743 -11.99 10.26 23.62
CA GLU E 743 -11.03 10.78 24.61
C GLU E 743 -11.15 12.31 24.71
N SER E 744 -12.41 12.77 24.64
CA SER E 744 -12.83 14.16 24.73
C SER E 744 -14.32 14.19 25.11
N LEU E 745 -14.79 15.34 25.64
CA LEU E 745 -16.19 15.55 25.97
C LEU E 745 -16.51 17.02 25.82
N VAL E 746 -17.71 17.32 25.29
CA VAL E 746 -18.16 18.70 25.19
C VAL E 746 -19.39 18.86 26.09
N ILE E 747 -19.16 19.56 27.19
CA ILE E 747 -20.18 19.82 28.19
C ILE E 747 -20.92 21.09 27.75
N SER E 748 -22.19 20.90 27.40
CA SER E 748 -23.06 21.95 26.89
C SER E 748 -24.05 22.39 28.00
N GLY E 749 -24.73 23.51 27.75
CA GLY E 749 -25.72 24.07 28.66
C GLY E 749 -25.16 24.49 30.00
N LEU E 750 -24.14 25.34 30.00
CA LEU E 750 -23.53 25.74 31.26
C LEU E 750 -23.61 27.24 31.41
N ARG E 751 -23.79 27.69 32.67
CA ARG E 751 -23.97 29.07 33.10
C ARG E 751 -22.78 29.94 32.66
N HIS E 752 -23.08 31.14 32.11
CA HIS E 752 -22.10 32.09 31.57
C HIS E 752 -21.10 32.60 32.62
N PHE E 753 -19.80 32.51 32.27
CA PHE E 753 -18.65 32.91 33.08
C PHE E 753 -18.84 32.32 34.48
N THR E 754 -18.83 30.98 34.51
CA THR E 754 -19.00 30.21 35.74
C THR E 754 -17.99 29.07 35.77
N GLY E 755 -17.41 28.82 36.94
CA GLY E 755 -16.45 27.75 37.15
C GLY E 755 -17.12 26.43 37.42
N TYR E 756 -16.46 25.33 37.05
CA TYR E 756 -16.96 23.97 37.22
C TYR E 756 -15.91 23.00 37.71
N ARG E 757 -16.32 22.09 38.61
CA ARG E 757 -15.51 21.00 39.16
C ARG E 757 -15.75 19.73 38.28
N ILE E 758 -14.76 19.36 37.46
CA ILE E 758 -14.87 18.20 36.60
C ILE E 758 -14.09 17.02 37.14
N GLU E 759 -14.80 15.95 37.49
CA GLU E 759 -14.20 14.72 37.97
C GLU E 759 -14.25 13.71 36.81
N LEU E 760 -13.08 13.29 36.34
CA LEU E 760 -12.94 12.35 35.24
C LEU E 760 -12.39 11.02 35.76
N GLN E 761 -13.03 9.92 35.40
CA GLN E 761 -12.58 8.58 35.77
C GLN E 761 -12.50 7.72 34.50
N ALA E 762 -11.83 6.57 34.57
CA ALA E 762 -11.70 5.62 33.46
C ALA E 762 -12.33 4.32 33.91
N CYS E 763 -13.09 3.66 33.03
CA CYS E 763 -13.77 2.41 33.39
C CYS E 763 -13.51 1.29 32.42
N ASN E 764 -13.27 0.08 32.94
CA ASN E 764 -13.00 -1.13 32.18
C ASN E 764 -14.05 -2.21 32.44
N GLN E 765 -15.17 -1.80 33.05
CA GLN E 765 -16.35 -2.62 33.33
C GLN E 765 -17.49 -1.70 33.80
N ASP E 766 -18.72 -2.01 33.35
CA ASP E 766 -19.96 -1.29 33.69
C ASP E 766 -21.03 -2.32 34.01
N THR E 767 -21.13 -3.35 33.14
CA THR E 767 -22.14 -4.43 33.15
C THR E 767 -22.32 -5.02 34.58
N PRO E 768 -21.56 -6.03 35.07
CA PRO E 768 -21.83 -6.51 36.43
C PRO E 768 -21.11 -5.62 37.44
N GLU E 769 -21.66 -4.39 37.70
CA GLU E 769 -21.12 -3.36 38.63
C GLU E 769 -19.88 -2.67 37.97
N GLU E 770 -19.87 -1.32 37.92
CA GLU E 770 -18.75 -0.57 37.33
C GLU E 770 -17.45 -0.80 38.05
N ARG E 771 -16.31 -0.94 37.31
CA ARG E 771 -14.98 -1.10 37.91
C ARG E 771 -14.22 0.11 37.37
N CYS E 772 -14.00 1.16 38.21
CA CYS E 772 -13.40 2.40 37.69
C CYS E 772 -12.15 2.84 38.42
N SER E 773 -11.45 3.75 37.76
CA SER E 773 -10.21 4.44 38.09
C SER E 773 -10.35 5.49 39.23
N VAL E 774 -9.22 5.86 39.91
CA VAL E 774 -9.26 6.98 40.87
C VAL E 774 -9.55 8.19 40.02
N ALA E 775 -10.23 9.17 40.59
CA ALA E 775 -10.55 10.34 39.80
C ALA E 775 -9.33 11.14 39.41
N ALA E 776 -9.45 11.82 38.26
CA ALA E 776 -8.57 12.80 37.68
C ALA E 776 -9.42 14.05 37.79
N TYR E 777 -9.09 14.89 38.74
CA TYR E 777 -9.84 16.10 39.00
C TYR E 777 -9.34 17.34 38.23
N VAL E 778 -10.22 18.06 37.55
CA VAL E 778 -9.78 19.25 36.83
C VAL E 778 -10.88 20.37 36.87
N SER E 779 -10.50 21.67 36.87
CA SER E 779 -11.48 22.76 36.96
C SER E 779 -11.35 23.84 35.89
N ALA E 780 -12.52 24.34 35.40
CA ALA E 780 -12.62 25.35 34.35
C ALA E 780 -13.82 26.28 34.46
N ARG E 781 -13.62 27.55 34.06
CA ARG E 781 -14.61 28.62 34.02
C ARG E 781 -15.02 28.90 32.59
N THR E 782 -16.33 28.87 32.32
CA THR E 782 -16.89 29.16 31.01
C THR E 782 -16.58 30.61 30.61
N MET E 783 -16.73 30.91 29.32
CA MET E 783 -16.55 32.28 28.89
C MET E 783 -17.75 33.10 29.32
N PRO E 784 -17.61 34.42 29.32
CA PRO E 784 -18.76 35.27 29.67
C PRO E 784 -19.64 35.64 28.46
N GLU E 785 -20.86 36.22 28.71
CA GLU E 785 -21.70 36.74 27.60
C GLU E 785 -21.26 38.18 27.28
N ALA E 786 -21.56 38.61 26.05
CA ALA E 786 -21.24 39.93 25.53
C ALA E 786 -21.86 41.07 26.36
N LYS E 787 -23.20 41.12 26.40
CA LYS E 787 -23.83 42.21 27.12
C LYS E 787 -24.39 41.82 28.51
N ALA E 788 -23.92 40.70 29.08
CA ALA E 788 -24.39 40.17 30.37
C ALA E 788 -24.37 41.16 31.52
N ASP E 789 -23.38 42.06 31.49
CA ASP E 789 -23.12 43.05 32.53
C ASP E 789 -23.69 44.44 32.21
N ASP E 790 -24.19 44.62 30.96
CA ASP E 790 -24.82 45.87 30.52
C ASP E 790 -26.11 46.04 31.28
N ILE E 791 -26.22 47.20 31.95
CA ILE E 791 -27.39 47.56 32.75
C ILE E 791 -28.47 47.96 31.78
N VAL E 792 -29.71 47.45 31.97
CA VAL E 792 -30.86 47.82 31.10
C VAL E 792 -32.00 48.44 31.87
N GLY E 793 -32.96 48.94 31.10
CA GLY E 793 -34.11 49.62 31.66
C GLY E 793 -33.68 51.00 32.08
N PRO E 794 -34.65 51.92 32.28
CA PRO E 794 -34.32 53.29 32.66
C PRO E 794 -33.51 53.52 33.92
N VAL E 795 -32.65 54.53 33.79
CA VAL E 795 -31.90 55.13 34.90
C VAL E 795 -32.93 56.19 35.33
N THR E 796 -33.53 55.96 36.49
CA THR E 796 -34.59 56.79 37.03
C THR E 796 -34.02 57.71 38.10
N HIS E 797 -34.64 58.89 38.30
CA HIS E 797 -34.17 59.74 39.39
C HIS E 797 -35.33 60.40 40.13
N GLU E 798 -35.04 60.84 41.34
CA GLU E 798 -35.89 61.62 42.23
C GLU E 798 -34.99 62.78 42.69
N ILE E 799 -35.60 63.92 42.98
CA ILE E 799 -34.90 65.05 43.58
C ILE E 799 -35.77 65.46 44.73
N PHE E 800 -35.17 65.54 45.92
CA PHE E 800 -35.82 65.91 47.17
C PHE E 800 -35.92 67.39 47.35
N GLU E 801 -36.63 67.78 48.38
CA GLU E 801 -36.86 69.17 48.70
C GLU E 801 -35.54 69.94 48.79
N ASN E 802 -34.54 69.32 49.46
CA ASN E 802 -33.19 69.80 49.73
C ASN E 802 -32.15 69.55 48.57
N ASN E 803 -32.62 69.27 47.32
CA ASN E 803 -31.79 69.01 46.12
C ASN E 803 -30.79 67.81 46.24
N VAL E 804 -31.22 66.78 46.94
CA VAL E 804 -30.47 65.53 46.99
C VAL E 804 -31.03 64.74 45.79
N VAL E 805 -30.15 64.02 45.04
CA VAL E 805 -30.57 63.28 43.86
C VAL E 805 -30.55 61.79 44.12
N HIS E 806 -31.75 61.16 44.17
CA HIS E 806 -31.79 59.72 44.36
C HIS E 806 -31.82 59.07 42.99
N LEU E 807 -30.67 58.54 42.53
CA LEU E 807 -30.52 57.80 41.25
C LEU E 807 -30.99 56.37 41.45
N MET E 808 -31.60 55.78 40.42
CA MET E 808 -32.16 54.44 40.50
C MET E 808 -31.98 53.66 39.26
N TRP E 809 -31.47 52.46 39.40
CA TRP E 809 -31.30 51.63 38.24
C TRP E 809 -31.47 50.17 38.58
N GLN E 810 -32.03 49.43 37.63
CA GLN E 810 -32.29 48.02 37.76
C GLN E 810 -30.92 47.27 37.69
N GLU E 811 -30.51 46.53 38.75
CA GLU E 811 -29.23 45.84 38.61
C GLU E 811 -29.31 44.74 37.49
N PRO E 812 -28.18 44.37 36.82
CA PRO E 812 -28.24 43.33 35.77
C PRO E 812 -28.52 41.91 36.29
N LYS E 813 -29.82 41.55 36.29
CA LYS E 813 -30.49 40.33 36.74
C LYS E 813 -29.63 39.08 36.59
N GLU E 814 -28.91 38.90 35.45
CA GLU E 814 -28.04 37.74 35.28
C GLU E 814 -26.67 38.16 34.71
N PRO E 815 -25.61 38.38 35.56
CA PRO E 815 -24.34 38.86 35.02
C PRO E 815 -23.26 37.78 34.94
N ASN E 816 -22.04 38.21 34.58
CA ASN E 816 -20.85 37.39 34.50
C ASN E 816 -20.23 37.31 35.90
N GLY E 817 -20.72 36.34 36.65
CA GLY E 817 -20.32 36.08 38.03
C GLY E 817 -21.20 36.75 39.06
N LEU E 818 -21.08 38.08 39.18
CA LEU E 818 -21.84 38.92 40.10
C LEU E 818 -21.35 40.32 39.88
N ILE E 819 -22.13 41.31 40.32
CA ILE E 819 -21.68 42.69 40.17
C ILE E 819 -21.10 43.18 41.50
N VAL E 820 -19.83 43.62 41.44
CA VAL E 820 -19.00 44.03 42.57
C VAL E 820 -19.06 45.54 42.85
N LEU E 821 -19.49 46.35 41.85
CA LEU E 821 -19.62 47.81 41.96
C LEU E 821 -20.26 48.44 40.71
N TYR E 822 -20.53 49.75 40.79
CA TYR E 822 -21.04 50.56 39.67
C TYR E 822 -20.30 51.85 39.71
N GLU E 823 -20.20 52.50 38.55
CA GLU E 823 -19.68 53.84 38.44
C GLU E 823 -20.68 54.72 37.78
N VAL E 824 -20.90 55.85 38.43
CA VAL E 824 -21.83 56.89 38.06
C VAL E 824 -20.99 58.05 37.51
N SER E 825 -21.17 58.45 36.22
CA SER E 825 -20.41 59.56 35.65
C SER E 825 -21.31 60.70 35.25
N TYR E 826 -21.42 61.62 36.18
CA TYR E 826 -22.25 62.79 36.02
C TYR E 826 -21.38 64.01 35.63
N ARG E 827 -21.99 64.98 34.93
CA ARG E 827 -21.42 66.22 34.46
C ARG E 827 -22.51 67.23 34.17
N ARG E 828 -22.40 68.42 34.79
CA ARG E 828 -23.26 69.58 34.60
C ARG E 828 -22.69 70.24 33.34
N TYR E 829 -23.51 70.49 32.30
CA TYR E 829 -23.01 71.05 31.04
C TYR E 829 -21.97 72.14 31.20
N GLY E 830 -20.84 71.94 30.52
CA GLY E 830 -19.72 72.88 30.52
C GLY E 830 -18.58 72.51 31.46
N ASP E 831 -18.92 71.97 32.65
CA ASP E 831 -17.95 71.55 33.66
C ASP E 831 -17.13 70.34 33.24
N GLU E 832 -16.36 69.84 34.20
CA GLU E 832 -15.62 68.63 33.99
C GLU E 832 -16.48 67.50 34.61
N GLU E 833 -16.12 66.24 34.34
CA GLU E 833 -16.80 65.04 34.81
C GLU E 833 -16.61 64.83 36.32
N LEU E 834 -17.69 64.41 36.98
CA LEU E 834 -17.64 64.02 38.38
C LEU E 834 -17.96 62.52 38.36
N HIS E 835 -17.55 61.78 39.41
CA HIS E 835 -17.69 60.33 39.45
C HIS E 835 -18.22 59.90 40.80
N LEU E 836 -18.49 58.62 40.94
CA LEU E 836 -18.93 57.98 42.17
C LEU E 836 -18.92 56.45 42.04
N CYS E 837 -18.22 55.78 42.96
CA CYS E 837 -18.25 54.35 43.01
C CYS E 837 -19.34 53.90 44.03
N VAL E 838 -20.29 53.14 43.53
CA VAL E 838 -21.40 52.61 44.29
C VAL E 838 -21.13 51.10 44.41
N SER E 839 -20.78 50.62 45.63
CA SER E 839 -20.50 49.20 45.88
C SER E 839 -21.82 48.47 46.08
N ARG E 840 -21.82 47.13 46.03
CA ARG E 840 -23.01 46.29 46.23
C ARG E 840 -23.80 46.74 47.43
N LYS E 841 -23.18 46.65 48.65
CA LYS E 841 -23.78 47.03 49.94
C LYS E 841 -24.35 48.43 49.86
N HIS E 842 -23.60 49.34 49.23
CA HIS E 842 -23.98 50.73 49.04
C HIS E 842 -25.19 50.81 48.11
N PHE E 843 -25.20 50.04 47.03
CA PHE E 843 -26.29 49.99 46.06
C PHE E 843 -27.56 49.37 46.62
N ALA E 844 -27.45 48.25 47.32
CA ALA E 844 -28.62 47.56 47.86
C ALA E 844 -29.23 48.36 48.97
N LEU E 845 -28.38 49.08 49.74
CA LEU E 845 -28.85 49.89 50.86
C LEU E 845 -29.58 51.08 50.30
N GLU E 846 -28.86 52.02 49.62
CA GLU E 846 -29.41 53.25 49.01
C GLU E 846 -30.54 53.06 47.97
N ARG E 847 -30.73 51.83 47.39
CA ARG E 847 -31.69 51.46 46.32
C ARG E 847 -31.21 52.27 45.09
N GLY E 848 -29.99 51.99 44.70
CA GLY E 848 -29.31 52.73 43.66
C GLY E 848 -28.26 53.63 44.29
N CYS E 849 -28.23 54.88 43.85
CA CYS E 849 -27.28 55.88 44.29
C CYS E 849 -28.03 57.07 44.86
N ARG E 850 -27.32 58.01 45.49
CA ARG E 850 -27.89 59.23 46.06
C ARG E 850 -26.79 60.33 46.00
N LEU E 851 -27.00 61.38 45.22
CA LEU E 851 -26.02 62.48 45.07
C LEU E 851 -26.42 63.69 45.94
N ARG E 852 -25.61 63.92 46.98
CA ARG E 852 -25.83 64.95 47.99
C ARG E 852 -25.08 66.26 47.73
N GLY E 853 -25.88 67.33 47.71
CA GLY E 853 -25.48 68.73 47.61
C GLY E 853 -24.68 69.19 46.40
N LEU E 854 -25.34 69.19 45.24
CA LEU E 854 -24.73 69.61 43.99
C LEU E 854 -25.13 71.04 43.68
N SER E 855 -24.20 71.80 43.13
CA SER E 855 -24.54 73.16 42.75
C SER E 855 -25.64 73.08 41.67
N PRO E 856 -26.49 74.13 41.51
CA PRO E 856 -27.61 74.02 40.54
C PRO E 856 -27.21 73.76 39.09
N GLY E 857 -28.16 73.27 38.28
CA GLY E 857 -27.95 73.00 36.86
C GLY E 857 -28.47 71.68 36.31
N ASN E 858 -28.36 71.50 34.95
CA ASN E 858 -28.79 70.29 34.23
C ASN E 858 -27.53 69.37 34.07
N TYR E 859 -27.57 68.21 34.77
CA TYR E 859 -26.54 67.18 34.80
C TYR E 859 -26.83 65.99 33.90
N SER E 860 -25.78 65.30 33.43
CA SER E 860 -25.88 64.19 32.49
C SER E 860 -25.30 62.94 33.16
N VAL E 861 -26.08 61.86 33.27
CA VAL E 861 -25.58 60.67 33.96
C VAL E 861 -25.43 59.42 33.09
N ARG E 862 -24.31 58.73 33.28
CA ARG E 862 -24.11 57.42 32.68
C ARG E 862 -23.78 56.48 33.85
N ILE E 863 -24.25 55.22 33.79
CA ILE E 863 -23.94 54.24 34.84
C ILE E 863 -23.28 52.98 34.24
N ARG E 864 -22.24 52.40 34.91
CA ARG E 864 -21.50 51.24 34.38
C ARG E 864 -21.17 50.17 35.41
N ALA E 865 -21.90 49.06 35.28
CA ALA E 865 -21.74 47.87 36.10
C ALA E 865 -20.42 47.16 35.83
N THR E 866 -19.67 46.91 36.89
CA THR E 866 -18.43 46.17 36.80
C THR E 866 -18.67 44.85 37.47
N SER E 867 -18.48 43.77 36.72
CA SER E 867 -18.68 42.43 37.25
C SER E 867 -17.33 41.78 37.37
N LEU E 868 -17.36 40.51 37.78
CA LEU E 868 -16.22 39.62 37.87
C LEU E 868 -15.44 39.45 36.56
N ALA E 869 -16.14 39.59 35.41
CA ALA E 869 -15.57 39.47 34.08
C ALA E 869 -14.97 40.76 33.51
N GLY E 870 -15.58 41.93 33.79
CA GLY E 870 -15.10 43.21 33.27
C GLY E 870 -16.11 44.34 33.31
N ASN E 871 -15.71 45.53 32.77
CA ASN E 871 -16.49 46.78 32.70
C ASN E 871 -17.60 46.75 31.56
N GLY E 872 -18.87 46.50 31.90
CA GLY E 872 -19.95 46.44 30.93
C GLY E 872 -20.71 47.72 30.61
N SER E 873 -20.68 48.14 29.31
CA SER E 873 -21.30 49.33 28.63
C SER E 873 -22.13 50.27 29.46
N TRP E 874 -21.80 51.57 29.28
CA TRP E 874 -22.44 52.72 29.89
C TRP E 874 -23.88 52.95 29.42
N THR E 875 -24.76 53.18 30.41
CA THR E 875 -26.19 53.46 30.21
C THR E 875 -26.28 54.75 29.42
N GLU E 876 -27.18 54.86 28.42
CA GLU E 876 -27.32 56.13 27.67
C GLU E 876 -27.55 57.35 28.62
N PRO E 877 -27.09 58.58 28.26
CA PRO E 877 -27.22 59.72 29.19
C PRO E 877 -28.63 60.05 29.60
N THR E 878 -28.83 60.25 30.90
CA THR E 878 -30.09 60.65 31.51
C THR E 878 -29.73 62.07 31.93
N TYR E 879 -30.74 62.92 32.11
CA TYR E 879 -30.50 64.29 32.54
C TYR E 879 -31.26 64.53 33.80
N PHE E 880 -30.68 65.27 34.74
CA PHE E 880 -31.39 65.60 35.95
C PHE E 880 -31.13 67.09 36.28
N TYR E 881 -32.18 67.86 36.65
CA TYR E 881 -31.96 69.28 36.95
C TYR E 881 -32.09 69.64 38.44
N VAL E 882 -30.95 70.07 39.05
CA VAL E 882 -30.91 70.56 40.43
C VAL E 882 -31.25 72.03 40.44
N THR E 883 -32.39 72.34 41.08
CA THR E 883 -33.07 73.64 41.25
C THR E 883 -32.10 74.79 41.63
N ASP E 884 -32.40 76.04 41.22
CA ASP E 884 -31.46 77.13 41.55
C ASP E 884 -31.84 77.95 42.85
N TYR E 885 -33.07 77.77 43.41
CA TYR E 885 -33.62 78.49 44.59
C TYR E 885 -33.41 80.00 44.51
N LEU E 886 -33.09 80.55 43.31
CA LEU E 886 -32.86 81.99 43.11
C LEU E 886 -33.50 82.41 41.76
N ASP E 887 -32.82 82.03 40.65
CA ASP E 887 -33.19 82.28 39.26
C ASP E 887 -34.20 81.21 38.83
#